data_1DO0
#
_entry.id   1DO0
#
_cell.length_a   208.15
_cell.length_b   167.70
_cell.length_c   108.19
_cell.angle_alpha   90.00
_cell.angle_beta   90.00
_cell.angle_gamma   90.00
#
_symmetry.space_group_name_H-M   'P 21 21 2'
#
loop_
_entity.id
_entity.type
_entity.pdbx_description
1 polymer 'PROTEIN (HEAT SHOCK LOCUS U)'
2 non-polymer "ADENOSINE-5'-TRIPHOSPHATE"
3 non-polymer 'MAGNESIUM ION'
4 non-polymer 'SULFATE ION'
#
_entity_poly.entity_id   1
_entity_poly.type   'polypeptide(L)'
_entity_poly.pdbx_seq_one_letter_code
;SEMTPREIVSELDKHIIGQDNAKRSVAIALRNRWRRMQLNEELRHEVTPKNILMIGPTGVGKTEIARRLAKLANAPFIKV
EATKFTEVGYVGKEVDSIIRDLTDAAVKMVRVQAIEKNRYRAEELAEERILDVLIPPAKNNWGQTEQQQEPSAARQAFRK
KLREGQLDDKEIEIDLAAAPMGVEIMAPPGMEEMTSQLQSMFQNLGGQKQKARKLKIKDAMKLLIEEEAAKLVNPEELKQ
DAIDAVEQHGIVFIDEIDKICKRGESSGPDVSREGVQRDLLPLVEGCTVSTKHGMVKTDHILFIASGAFQIAKPSDLIPE
LQGRLPIRVELQALTTSDFERILTEPNASITVQYKALMATEGVNIEFTDSGIKRIAEAAWQVNESTENIGARRLHTVLER
LMEEISYDASDLSGQNITIDADYVSKHLDALVADEDLSRFIL
;
_entity_poly.pdbx_strand_id   A,B,C,D,E,F
#
# COMPACT_ATOMS: atom_id res chain seq x y z
N SER A 1 22.30 21.24 35.11
CA SER A 1 22.54 20.63 33.76
C SER A 1 22.68 21.71 32.68
N GLU A 2 22.25 22.93 33.01
CA GLU A 2 22.33 24.05 32.09
C GLU A 2 23.50 25.01 32.30
N MET A 3 24.33 25.12 31.26
CA MET A 3 25.49 25.99 31.29
C MET A 3 25.33 27.17 30.32
N THR A 4 26.19 28.17 30.47
CA THR A 4 26.16 29.36 29.64
C THR A 4 26.78 29.16 28.25
N PRO A 5 26.46 30.06 27.30
CA PRO A 5 27.00 29.96 25.95
C PRO A 5 28.49 29.81 25.99
N ARG A 6 29.13 30.78 26.62
CA ARG A 6 30.56 30.85 26.77
C ARG A 6 31.15 29.52 27.22
N GLU A 7 30.42 28.83 28.09
CA GLU A 7 30.86 27.52 28.61
C GLU A 7 30.73 26.40 27.57
N ILE A 8 29.65 26.42 26.80
CA ILE A 8 29.41 25.43 25.76
C ILE A 8 30.49 25.59 24.70
N VAL A 9 30.82 26.84 24.37
CA VAL A 9 31.86 27.08 23.38
C VAL A 9 33.17 26.49 23.90
N SER A 10 33.35 26.49 25.22
CA SER A 10 34.56 25.92 25.84
C SER A 10 34.59 24.42 25.62
N GLU A 11 33.46 23.76 25.82
CA GLU A 11 33.38 22.32 25.60
C GLU A 11 33.59 22.05 24.13
N LEU A 12 32.90 22.84 23.31
CA LEU A 12 32.99 22.72 21.87
C LEU A 12 34.44 22.81 21.40
N ASP A 13 35.21 23.69 22.04
CA ASP A 13 36.61 23.91 21.68
C ASP A 13 37.54 22.75 21.93
N LYS A 14 37.09 21.76 22.70
CA LYS A 14 37.89 20.57 23.02
C LYS A 14 37.89 19.56 21.91
N HIS A 15 37.02 19.74 20.93
CA HIS A 15 36.95 18.78 19.84
C HIS A 15 36.96 19.41 18.45
N ILE A 16 36.52 20.66 18.35
CA ILE A 16 36.46 21.31 17.06
C ILE A 16 37.39 22.50 17.00
N ILE A 17 38.30 22.46 16.03
CA ILE A 17 39.24 23.52 15.82
C ILE A 17 38.54 24.58 15.01
N GLY A 18 38.69 25.83 15.43
CA GLY A 18 38.10 26.93 14.70
C GLY A 18 36.58 27.03 14.76
N GLN A 19 35.99 27.59 13.70
CA GLN A 19 34.55 27.78 13.57
C GLN A 19 33.92 28.28 14.87
N ASP A 20 34.42 29.39 15.38
CA ASP A 20 33.96 29.96 16.62
C ASP A 20 32.55 30.52 16.54
N ASN A 21 32.26 31.20 15.44
CA ASN A 21 30.95 31.79 15.22
C ASN A 21 29.84 30.74 15.31
N ALA A 22 30.06 29.59 14.67
CA ALA A 22 29.12 28.48 14.68
C ALA A 22 29.00 27.92 16.10
N LYS A 23 30.13 27.79 16.79
CA LYS A 23 30.09 27.31 18.16
C LYS A 23 29.19 28.26 18.94
N ARG A 24 29.29 29.56 18.65
CA ARG A 24 28.47 30.55 19.34
C ARG A 24 26.98 30.37 19.02
N SER A 25 26.65 30.34 17.73
CA SER A 25 25.27 30.17 17.31
C SER A 25 24.67 29.00 18.06
N VAL A 26 25.31 27.85 17.92
CA VAL A 26 24.84 26.65 18.60
C VAL A 26 24.75 26.87 20.12
N ALA A 27 25.75 27.53 20.70
CA ALA A 27 25.74 27.80 22.14
C ALA A 27 24.46 28.55 22.53
N ILE A 28 24.10 29.53 21.73
CA ILE A 28 22.90 30.33 21.93
C ILE A 28 21.65 29.46 21.81
N ALA A 29 21.55 28.71 20.73
CA ALA A 29 20.38 27.85 20.57
C ALA A 29 20.13 27.07 21.87
N LEU A 30 21.16 26.39 22.38
CA LEU A 30 21.06 25.62 23.62
C LEU A 30 20.60 26.46 24.83
N ARG A 31 21.40 27.45 25.20
CA ARG A 31 21.06 28.28 26.34
C ARG A 31 19.65 28.80 26.18
N ASN A 32 19.25 28.98 24.93
CA ASN A 32 17.92 29.47 24.65
C ASN A 32 16.80 28.54 25.10
N ARG A 33 17.03 27.23 25.04
CA ARG A 33 16.00 26.30 25.48
C ARG A 33 15.81 26.48 26.97
N TRP A 34 16.92 26.59 27.70
CA TRP A 34 16.86 26.78 29.15
C TRP A 34 16.12 28.06 29.47
N ARG A 35 16.34 29.07 28.65
CA ARG A 35 15.68 30.35 28.84
C ARG A 35 14.17 30.20 28.67
N ARG A 36 13.75 29.55 27.58
CA ARG A 36 12.33 29.36 27.33
C ARG A 36 11.76 28.55 28.48
N MET A 37 12.60 27.71 29.06
CA MET A 37 12.23 26.87 30.17
C MET A 37 12.03 27.69 31.45
N GLN A 38 12.52 28.92 31.44
CA GLN A 38 12.41 29.80 32.58
C GLN A 38 11.21 30.74 32.52
N LEU A 39 10.56 30.78 31.36
CA LEU A 39 9.38 31.64 31.16
C LEU A 39 8.17 31.16 31.94
N ASN A 40 7.05 31.86 31.77
CA ASN A 40 5.79 31.51 32.44
C ASN A 40 5.00 30.60 31.50
N GLU A 41 3.77 30.24 31.90
CA GLU A 41 2.96 29.40 31.05
C GLU A 41 2.65 30.14 29.74
N GLU A 42 2.18 31.38 29.88
CA GLU A 42 1.82 32.20 28.73
C GLU A 42 2.75 32.04 27.53
N LEU A 43 4.02 32.34 27.76
CA LEU A 43 5.03 32.27 26.71
C LEU A 43 5.66 30.89 26.47
N ARG A 44 5.88 30.11 27.52
CA ARG A 44 6.49 28.79 27.36
C ARG A 44 6.10 28.13 26.04
N HIS A 45 4.84 28.29 25.64
CA HIS A 45 4.39 27.68 24.40
C HIS A 45 4.13 28.71 23.32
N GLU A 46 4.39 29.97 23.62
CA GLU A 46 4.21 31.02 22.63
C GLU A 46 5.54 31.63 22.21
N VAL A 47 6.58 30.81 22.34
CA VAL A 47 7.94 31.19 22.01
C VAL A 47 8.42 30.35 20.84
N THR A 48 8.50 30.97 19.68
CA THR A 48 8.95 30.28 18.47
C THR A 48 10.45 30.05 18.54
N PRO A 49 10.89 28.77 18.58
CA PRO A 49 12.31 28.37 18.65
C PRO A 49 13.24 29.05 17.63
N LYS A 50 14.55 28.86 17.78
CA LYS A 50 15.51 29.51 16.90
C LYS A 50 16.42 28.58 16.12
N ASN A 51 15.85 27.77 15.24
CA ASN A 51 16.66 26.82 14.46
C ASN A 51 17.82 27.47 13.70
N ILE A 52 18.90 26.70 13.61
CA ILE A 52 20.14 27.15 12.96
C ILE A 52 20.19 26.72 11.51
N LEU A 53 20.96 27.46 10.74
CA LEU A 53 21.21 27.14 9.34
C LEU A 53 22.70 27.43 9.25
N MET A 54 23.47 26.38 9.00
CA MET A 54 24.92 26.45 8.87
C MET A 54 25.32 26.48 7.39
N ILE A 55 26.15 27.45 7.01
CA ILE A 55 26.62 27.59 5.64
C ILE A 55 28.14 27.34 5.63
N GLY A 56 28.60 26.37 4.86
CA GLY A 56 30.02 26.09 4.83
C GLY A 56 30.44 24.99 3.87
N PRO A 57 31.73 24.92 3.50
CA PRO A 57 32.29 23.91 2.58
C PRO A 57 32.27 22.55 3.25
N THR A 58 32.71 21.51 2.56
CA THR A 58 32.74 20.18 3.12
C THR A 58 33.90 19.97 4.06
N GLY A 59 33.69 19.13 5.06
CA GLY A 59 34.73 18.81 6.01
C GLY A 59 35.28 19.92 6.88
N VAL A 60 34.45 20.91 7.18
CA VAL A 60 34.94 22.00 8.00
C VAL A 60 34.41 21.98 9.43
N GLY A 61 33.52 21.03 9.73
CA GLY A 61 33.04 20.93 11.09
C GLY A 61 31.57 21.19 11.40
N LYS A 62 30.74 21.37 10.37
CA LYS A 62 29.34 21.63 10.64
C LYS A 62 28.71 20.48 11.41
N THR A 63 28.78 19.27 10.87
CA THR A 63 28.17 18.13 11.55
C THR A 63 28.78 17.91 12.94
N GLU A 64 30.12 17.87 12.98
CA GLU A 64 30.84 17.64 14.21
C GLU A 64 30.30 18.48 15.35
N ILE A 65 30.24 19.80 15.15
CA ILE A 65 29.72 20.69 16.16
C ILE A 65 28.33 20.28 16.68
N ALA A 66 27.41 19.92 15.78
CA ALA A 66 26.06 19.50 16.16
C ALA A 66 26.12 18.21 16.98
N ARG A 67 26.90 17.25 16.50
CA ARG A 67 27.04 16.00 17.23
C ARG A 67 27.51 16.30 18.66
N ARG A 68 28.71 16.86 18.79
CA ARG A 68 29.32 17.22 20.06
C ARG A 68 28.45 18.13 20.94
N LEU A 69 27.57 18.88 20.28
CA LEU A 69 26.69 19.78 21.01
C LEU A 69 25.57 18.93 21.52
N ALA A 70 25.24 17.90 20.75
CA ALA A 70 24.20 16.95 21.14
C ALA A 70 24.73 16.11 22.30
N LYS A 71 26.05 15.89 22.32
CA LYS A 71 26.65 15.12 23.40
C LYS A 71 26.66 15.90 24.71
N LEU A 72 27.27 17.08 24.73
CA LEU A 72 27.30 17.85 25.97
C LEU A 72 25.87 18.13 26.43
N ALA A 73 24.96 18.24 25.47
CA ALA A 73 23.55 18.47 25.78
C ALA A 73 23.04 17.15 26.29
N ASN A 74 23.68 16.09 25.80
CA ASN A 74 23.29 14.75 26.14
C ASN A 74 21.86 14.59 25.63
N ALA A 75 21.71 14.85 24.33
CA ALA A 75 20.39 14.78 23.70
C ALA A 75 20.31 13.76 22.59
N PRO A 76 19.15 13.12 22.43
CA PRO A 76 19.12 12.15 21.32
C PRO A 76 19.32 13.00 20.05
N PHE A 77 20.23 12.53 19.20
CA PHE A 77 20.58 13.24 17.98
C PHE A 77 20.26 12.41 16.74
N ILE A 78 19.94 13.06 15.65
CA ILE A 78 19.65 12.32 14.42
C ILE A 78 20.16 13.18 13.26
N LYS A 79 20.57 12.56 12.16
CA LYS A 79 21.08 13.35 11.05
C LYS A 79 20.42 12.97 9.75
N VAL A 80 19.48 13.79 9.32
CA VAL A 80 18.73 13.54 8.08
C VAL A 80 19.47 14.12 6.86
N GLU A 81 19.25 13.55 5.68
CA GLU A 81 19.92 14.06 4.51
C GLU A 81 18.90 14.62 3.52
N ALA A 82 18.48 15.85 3.79
CA ALA A 82 17.48 16.58 2.99
C ALA A 82 16.93 15.89 1.74
N THR A 83 17.81 15.46 0.83
CA THR A 83 17.36 14.80 -0.39
C THR A 83 16.56 13.50 -0.25
N LYS A 84 16.88 12.66 0.74
CA LYS A 84 16.17 11.41 0.92
C LYS A 84 14.69 11.56 0.63
N PHE A 85 14.17 12.77 0.80
CA PHE A 85 12.76 12.98 0.60
C PHE A 85 12.33 13.43 -0.79
N THR A 86 13.28 13.63 -1.68
CA THR A 86 12.94 14.05 -3.04
C THR A 86 12.81 12.83 -3.94
N GLU A 87 12.01 12.98 -4.99
CA GLU A 87 11.80 11.90 -5.95
C GLU A 87 10.94 12.37 -7.11
N VAL A 88 11.60 12.73 -8.21
CA VAL A 88 10.90 13.20 -9.40
C VAL A 88 10.35 11.98 -10.13
N GLY A 89 10.62 10.80 -9.55
CA GLY A 89 10.16 9.55 -10.13
C GLY A 89 10.25 8.40 -9.15
N TYR A 90 10.26 8.71 -7.86
CA TYR A 90 10.34 7.68 -6.82
C TYR A 90 9.24 7.88 -5.79
N VAL A 91 9.41 7.25 -4.64
CA VAL A 91 8.43 7.38 -3.57
C VAL A 91 9.00 8.32 -2.52
N GLY A 92 10.31 8.23 -2.30
CA GLY A 92 10.95 9.07 -1.30
C GLY A 92 10.20 9.04 0.03
N LYS A 93 10.71 8.27 0.99
CA LYS A 93 10.05 8.17 2.29
C LYS A 93 9.43 9.50 2.74
N GLU A 94 8.45 9.42 3.63
CA GLU A 94 7.79 10.63 4.13
C GLU A 94 8.41 11.13 5.44
N VAL A 95 8.69 12.43 5.45
CA VAL A 95 9.32 13.07 6.60
C VAL A 95 8.94 12.62 8.02
N ASP A 96 7.75 12.05 8.21
CA ASP A 96 7.30 11.55 9.54
C ASP A 96 8.50 10.86 10.19
N SER A 97 9.16 10.05 9.39
CA SER A 97 10.35 9.30 9.76
C SER A 97 11.37 9.99 10.65
N ILE A 98 11.66 11.26 10.36
CA ILE A 98 12.67 11.98 11.13
C ILE A 98 12.35 11.92 12.61
N ILE A 99 11.08 12.14 12.99
CA ILE A 99 10.76 12.11 14.42
C ILE A 99 10.71 10.67 14.92
N ARG A 100 10.39 9.77 14.00
CA ARG A 100 10.32 8.34 14.31
C ARG A 100 11.71 7.91 14.76
N ASP A 101 12.66 8.00 13.83
CA ASP A 101 14.05 7.65 14.08
C ASP A 101 14.58 8.26 15.38
N LEU A 102 14.45 9.59 15.49
CA LEU A 102 14.93 10.32 16.66
C LEU A 102 14.42 9.67 17.93
N THR A 103 13.17 9.22 17.88
CA THR A 103 12.55 8.60 19.03
C THR A 103 13.19 7.25 19.29
N ASP A 104 13.36 6.46 18.23
CA ASP A 104 13.98 5.16 18.40
C ASP A 104 15.36 5.42 19.01
N ALA A 105 16.01 6.48 18.53
CA ALA A 105 17.33 6.87 19.01
C ALA A 105 17.26 7.30 20.49
N ALA A 106 16.19 7.98 20.86
CA ALA A 106 16.02 8.43 22.24
C ALA A 106 15.91 7.24 23.17
N VAL A 107 15.03 6.32 22.79
CA VAL A 107 14.78 5.11 23.53
C VAL A 107 16.09 4.39 23.89
N LYS A 108 16.97 4.21 22.90
CA LYS A 108 18.24 3.53 23.13
C LYS A 108 19.03 4.19 24.26
N MET A 109 19.31 5.49 24.10
CA MET A 109 20.04 6.23 25.12
C MET A 109 19.42 5.93 26.47
N VAL A 110 18.12 6.14 26.57
CA VAL A 110 17.37 5.89 27.80
C VAL A 110 17.63 4.49 28.34
N ARG A 111 17.36 3.48 27.53
CA ARG A 111 17.59 2.09 27.95
C ARG A 111 18.94 2.01 28.63
N VAL A 112 19.99 1.96 27.81
CA VAL A 112 21.37 1.87 28.28
C VAL A 112 21.69 2.97 29.28
N GLN A 113 20.87 4.01 29.29
CA GLN A 113 21.07 5.12 30.21
C GLN A 113 20.75 4.62 31.61
N ALA A 114 19.51 4.18 31.77
CA ALA A 114 19.04 3.69 33.06
C ALA A 114 19.95 2.58 33.58
N ILE A 115 20.14 1.54 32.77
CA ILE A 115 20.97 0.42 33.15
C ILE A 115 22.26 0.88 33.81
N GLU A 116 23.24 1.31 33.01
CA GLU A 116 24.53 1.77 33.54
C GLU A 116 24.39 2.87 34.59
N LYS A 117 23.19 3.40 34.76
CA LYS A 117 22.97 4.45 35.75
C LYS A 117 22.90 3.88 37.15
N ASN A 118 22.04 2.88 37.34
CA ASN A 118 21.88 2.24 38.64
C ASN A 118 22.25 0.76 38.58
N ARG A 119 23.36 0.45 37.93
CA ARG A 119 23.81 -0.93 37.83
C ARG A 119 24.29 -1.37 39.21
N TYR A 120 25.10 -0.53 39.83
CA TYR A 120 25.66 -0.78 41.15
C TYR A 120 24.53 -1.23 42.08
N ARG A 121 23.42 -0.50 42.03
CA ARG A 121 22.26 -0.80 42.87
C ARG A 121 21.80 -2.25 42.73
N ALA A 122 21.78 -2.74 41.49
CA ALA A 122 21.36 -4.12 41.22
C ALA A 122 22.38 -5.12 41.76
N GLU A 123 23.61 -5.03 41.28
CA GLU A 123 24.69 -5.92 41.73
C GLU A 123 24.75 -5.95 43.25
N GLU A 124 24.50 -4.80 43.87
CA GLU A 124 24.52 -4.68 45.32
C GLU A 124 23.40 -5.53 45.92
N LEU A 125 22.16 -5.21 45.54
CA LEU A 125 21.01 -5.94 46.04
C LEU A 125 21.11 -7.42 45.67
N ALA A 126 21.67 -7.69 44.49
CA ALA A 126 21.82 -9.06 44.01
C ALA A 126 22.65 -9.85 45.00
N GLU A 127 23.85 -9.39 45.29
CA GLU A 127 24.73 -10.07 46.23
C GLU A 127 24.15 -9.95 47.63
N GLU A 128 23.48 -8.84 47.90
CA GLU A 128 22.87 -8.60 49.20
C GLU A 128 21.85 -9.70 49.50
N ARG A 129 21.48 -10.45 48.45
CA ARG A 129 20.52 -11.53 48.60
C ARG A 129 21.22 -12.89 48.54
N ILE A 130 22.50 -12.89 48.20
CA ILE A 130 23.28 -14.11 48.13
C ILE A 130 23.90 -14.39 49.49
N LEU A 131 23.97 -13.36 50.32
CA LEU A 131 24.54 -13.49 51.66
C LEU A 131 23.47 -14.03 52.60
N ASP A 132 22.21 -13.88 52.22
CA ASP A 132 21.10 -14.37 53.03
C ASP A 132 21.08 -15.89 53.04
N VAL A 133 21.49 -16.50 51.93
CA VAL A 133 21.54 -17.95 51.82
C VAL A 133 22.81 -18.48 52.46
N LEU A 134 23.87 -17.68 52.42
CA LEU A 134 25.14 -18.06 53.01
C LEU A 134 25.04 -18.03 54.53
N ILE A 135 24.43 -16.97 55.05
CA ILE A 135 24.24 -16.82 56.49
C ILE A 135 22.78 -16.52 56.79
N PRO A 136 21.92 -17.56 56.81
CA PRO A 136 20.50 -17.40 57.09
C PRO A 136 20.23 -16.44 58.25
N PRO A 137 19.81 -15.21 57.94
CA PRO A 137 19.52 -14.19 58.96
C PRO A 137 18.43 -14.62 59.93
N ALA A 138 18.63 -14.32 61.21
CA ALA A 138 17.65 -14.66 62.23
C ALA A 138 16.59 -13.56 62.26
N LYS A 139 15.37 -13.93 61.87
CA LYS A 139 14.26 -12.99 61.83
C LYS A 139 14.28 -11.96 62.95
N ASN A 140 13.80 -10.75 62.65
CA ASN A 140 13.75 -9.66 63.62
C ASN A 140 15.15 -9.20 64.02
N ASN A 141 15.35 -7.88 64.02
CA ASN A 141 16.63 -7.29 64.39
C ASN A 141 16.50 -5.78 64.57
N TRP A 142 17.60 -5.06 64.35
CA TRP A 142 17.61 -3.61 64.49
C TRP A 142 17.17 -3.18 65.90
N GLY A 143 17.13 -1.87 66.13
CA GLY A 143 16.73 -1.37 67.43
C GLY A 143 17.66 -0.31 67.99
N GLN A 144 18.97 -0.57 67.88
CA GLN A 144 19.99 0.36 68.38
C GLN A 144 20.79 1.00 67.25
N THR A 145 21.91 1.61 67.59
CA THR A 145 22.76 2.27 66.62
C THR A 145 23.94 1.38 66.25
N GLU A 146 23.71 0.07 66.24
CA GLU A 146 24.75 -0.90 65.90
C GLU A 146 24.66 -1.22 64.41
N GLN A 147 24.66 -0.18 63.57
CA GLN A 147 24.56 -0.35 62.13
C GLN A 147 25.79 -0.97 61.46
N GLN A 148 26.98 -0.67 61.95
CA GLN A 148 28.18 -1.24 61.33
C GLN A 148 28.56 -2.60 61.91
N GLN A 149 28.11 -2.88 63.14
CA GLN A 149 28.41 -4.18 63.75
C GLN A 149 27.19 -5.07 63.61
N GLU A 150 26.17 -4.58 62.91
CA GLU A 150 24.94 -5.33 62.68
C GLU A 150 25.12 -6.40 61.61
N PRO A 151 25.73 -6.04 60.46
CA PRO A 151 25.94 -7.01 59.39
C PRO A 151 26.69 -8.24 59.88
N SER A 152 27.21 -8.16 61.10
CA SER A 152 27.96 -9.25 61.72
C SER A 152 29.18 -9.67 60.91
N ALA A 153 30.25 -10.04 61.60
CA ALA A 153 31.48 -10.45 60.95
C ALA A 153 31.21 -11.61 59.98
N ALA A 154 30.10 -12.30 60.19
CA ALA A 154 29.73 -13.42 59.34
C ALA A 154 29.41 -12.94 57.92
N ARG A 155 28.37 -12.13 57.79
CA ARG A 155 27.97 -11.60 56.50
C ARG A 155 29.11 -10.78 55.88
N GLN A 156 29.83 -10.04 56.72
CA GLN A 156 30.95 -9.23 56.26
C GLN A 156 32.06 -10.12 55.72
N ALA A 157 32.21 -11.30 56.33
CA ALA A 157 33.24 -12.25 55.91
C ALA A 157 32.94 -12.73 54.50
N PHE A 158 31.79 -13.38 54.33
CA PHE A 158 31.38 -13.89 53.02
C PHE A 158 31.31 -12.74 52.02
N ARG A 159 31.05 -11.54 52.53
CA ARG A 159 30.96 -10.34 51.69
C ARG A 159 32.26 -10.19 50.91
N LYS A 160 33.37 -10.11 51.64
CA LYS A 160 34.69 -9.96 51.05
C LYS A 160 35.02 -11.14 50.15
N LYS A 161 34.74 -12.35 50.65
CA LYS A 161 35.02 -13.57 49.89
C LYS A 161 34.24 -13.56 48.59
N LEU A 162 32.96 -13.24 48.67
CA LEU A 162 32.08 -13.20 47.51
C LEU A 162 32.63 -12.30 46.40
N ARG A 163 32.60 -11.00 46.64
CA ARG A 163 33.08 -10.02 45.67
C ARG A 163 34.57 -10.16 45.37
N GLU A 164 35.34 -10.62 46.35
CA GLU A 164 36.78 -10.78 46.17
C GLU A 164 37.27 -12.15 46.62
N GLY A 165 36.90 -13.20 45.89
CA GLY A 165 37.35 -14.52 46.28
C GLY A 165 36.61 -15.71 45.69
N GLN A 166 36.69 -16.84 46.40
CA GLN A 166 36.05 -18.08 45.98
C GLN A 166 34.53 -18.04 46.02
N LEU A 167 33.94 -19.06 46.64
CA LEU A 167 32.49 -19.18 46.75
C LEU A 167 31.91 -19.36 45.35
N ASP A 168 31.56 -20.60 45.01
CA ASP A 168 31.02 -20.88 43.69
C ASP A 168 30.05 -22.06 43.67
N ASP A 169 29.36 -22.30 44.78
CA ASP A 169 28.40 -23.39 44.89
C ASP A 169 27.33 -23.05 45.93
N LYS A 170 26.07 -23.06 45.51
CA LYS A 170 24.97 -22.72 46.41
C LYS A 170 23.63 -22.73 45.67
N GLU A 171 22.53 -22.84 46.42
CA GLU A 171 21.21 -22.84 45.82
C GLU A 171 20.40 -21.64 46.29
N ILE A 172 19.85 -20.88 45.34
CA ILE A 172 19.07 -19.71 45.65
C ILE A 172 17.60 -19.94 45.27
N GLU A 173 16.70 -19.20 45.90
CA GLU A 173 15.29 -19.34 45.61
C GLU A 173 14.78 -18.24 44.70
N ILE A 174 14.05 -18.64 43.65
CA ILE A 174 13.47 -17.70 42.70
C ILE A 174 12.00 -18.09 42.59
N ASP A 175 11.57 -18.56 41.43
CA ASP A 175 10.19 -18.97 41.30
C ASP A 175 9.79 -19.76 40.05
N ALA A 212 13.42 -21.70 44.43
CA ALA A 212 14.36 -22.63 45.12
C ALA A 212 14.95 -23.64 44.13
N ARG A 213 16.24 -23.50 43.87
CA ARG A 213 16.92 -24.39 42.95
C ARG A 213 18.44 -24.24 43.07
N LYS A 214 19.15 -25.36 43.04
CA LYS A 214 20.61 -25.34 43.16
C LYS A 214 21.21 -24.63 41.95
N LEU A 215 22.31 -23.92 42.19
CA LEU A 215 22.96 -23.19 41.10
C LEU A 215 24.46 -23.05 41.36
N LYS A 216 24.98 -21.83 41.23
CA LYS A 216 26.39 -21.54 41.43
C LYS A 216 26.61 -20.04 41.35
N ILE A 217 27.12 -19.46 42.43
CA ILE A 217 27.36 -18.03 42.52
C ILE A 217 27.78 -17.38 41.21
N LYS A 218 28.90 -17.84 40.64
CA LYS A 218 29.40 -17.29 39.37
C LYS A 218 28.29 -16.94 38.40
N ASP A 219 27.25 -17.77 38.38
CA ASP A 219 26.12 -17.56 37.49
C ASP A 219 24.90 -17.07 38.23
N ALA A 220 24.67 -17.62 39.42
CA ALA A 220 23.52 -17.22 40.25
C ALA A 220 23.60 -15.72 40.50
N MET A 221 24.81 -15.18 40.36
CA MET A 221 25.06 -13.76 40.54
C MET A 221 24.39 -13.06 39.35
N LYS A 222 24.87 -13.38 38.16
CA LYS A 222 24.34 -12.79 36.93
C LYS A 222 22.83 -12.99 36.85
N LEU A 223 22.39 -14.19 37.16
CA LEU A 223 20.97 -14.52 37.14
C LEU A 223 20.19 -13.47 37.94
N LEU A 224 20.67 -13.19 39.14
CA LEU A 224 20.03 -12.20 40.00
C LEU A 224 20.05 -10.80 39.42
N ILE A 225 21.24 -10.37 38.98
CA ILE A 225 21.42 -9.04 38.40
C ILE A 225 20.27 -8.65 37.50
N GLU A 226 20.00 -9.47 36.49
CA GLU A 226 18.91 -9.19 35.55
C GLU A 226 17.57 -9.14 36.26
N GLU A 227 17.35 -10.08 37.18
CA GLU A 227 16.10 -10.11 37.94
C GLU A 227 15.92 -8.79 38.69
N GLU A 228 16.89 -8.45 39.53
CA GLU A 228 16.82 -7.21 40.28
C GLU A 228 16.73 -6.04 39.31
N ALA A 229 17.65 -6.02 38.34
CA ALA A 229 17.70 -4.97 37.33
C ALA A 229 16.28 -4.59 36.91
N ALA A 230 15.42 -5.59 36.79
CA ALA A 230 14.03 -5.37 36.40
C ALA A 230 13.38 -4.39 37.36
N LYS A 231 13.33 -4.76 38.63
CA LYS A 231 12.72 -3.93 39.67
C LYS A 231 12.93 -2.44 39.46
N LEU A 232 14.19 -2.03 39.34
CA LEU A 232 14.54 -0.63 39.16
C LEU A 232 13.90 -0.02 37.91
N VAL A 233 13.94 -0.76 36.81
CA VAL A 233 13.40 -0.29 35.54
C VAL A 233 11.89 -0.05 35.54
N ASN A 234 11.49 1.15 35.16
CA ASN A 234 10.06 1.54 35.10
C ASN A 234 9.65 1.56 33.63
N PRO A 235 8.99 0.50 33.14
CA PRO A 235 8.58 0.51 31.73
C PRO A 235 7.54 1.57 31.39
N GLU A 236 6.70 1.93 32.36
CA GLU A 236 5.67 2.94 32.14
C GLU A 236 6.32 4.32 32.11
N GLU A 237 7.53 4.40 32.62
CA GLU A 237 8.26 5.65 32.69
C GLU A 237 9.20 5.89 31.53
N LEU A 238 10.26 5.08 31.46
CA LEU A 238 11.25 5.24 30.40
C LEU A 238 10.65 5.55 29.04
N LYS A 239 9.49 4.97 28.74
CA LYS A 239 8.82 5.23 27.47
C LYS A 239 8.55 6.72 27.46
N GLN A 240 8.07 7.21 28.59
CA GLN A 240 7.78 8.63 28.73
C GLN A 240 9.13 9.33 28.78
N ASP A 241 9.99 8.87 29.68
CA ASP A 241 11.32 9.45 29.81
C ASP A 241 11.97 9.68 28.44
N ALA A 242 11.63 8.82 27.48
CA ALA A 242 12.16 8.94 26.13
C ALA A 242 11.56 10.16 25.45
N ILE A 243 10.23 10.25 25.50
CA ILE A 243 9.52 11.36 24.89
C ILE A 243 10.00 12.68 25.51
N ASP A 244 10.26 12.63 26.81
CA ASP A 244 10.73 13.80 27.54
C ASP A 244 12.19 14.09 27.20
N ALA A 245 12.87 13.10 26.64
CA ALA A 245 14.26 13.27 26.23
C ALA A 245 14.19 13.96 24.87
N VAL A 246 13.30 13.44 24.01
CA VAL A 246 13.11 13.99 22.68
C VAL A 246 12.51 15.39 22.68
N GLU A 247 11.20 15.45 22.92
CA GLU A 247 10.46 16.70 22.91
C GLU A 247 11.11 17.90 23.56
N GLN A 248 12.02 17.66 24.51
CA GLN A 248 12.67 18.76 25.22
C GLN A 248 14.19 18.84 25.12
N HIS A 249 14.80 18.02 24.29
CA HIS A 249 16.26 18.03 24.11
C HIS A 249 16.69 17.64 22.69
N GLY A 250 15.77 17.01 21.99
CA GLY A 250 16.04 16.56 20.63
C GLY A 250 16.64 17.53 19.63
N ILE A 251 17.77 17.12 19.06
CA ILE A 251 18.46 17.90 18.06
C ILE A 251 18.42 17.13 16.75
N VAL A 252 18.09 17.83 15.67
CA VAL A 252 18.04 17.21 14.35
C VAL A 252 19.00 18.00 13.44
N PHE A 253 19.68 17.31 12.54
CA PHE A 253 20.62 17.93 11.61
C PHE A 253 20.24 17.55 10.17
N ILE A 254 19.67 18.51 9.45
CA ILE A 254 19.25 18.30 8.07
C ILE A 254 20.38 18.73 7.13
N ASP A 255 21.00 17.77 6.45
CA ASP A 255 22.10 18.06 5.54
C ASP A 255 21.61 18.27 4.13
N GLU A 256 22.40 18.98 3.32
CA GLU A 256 22.06 19.25 1.92
C GLU A 256 20.77 20.04 1.75
N ILE A 257 20.44 20.86 2.76
CA ILE A 257 19.23 21.68 2.72
C ILE A 257 19.32 22.59 1.51
N ASP A 258 20.44 22.52 0.80
CA ASP A 258 20.65 23.34 -0.37
C ASP A 258 20.41 22.58 -1.67
N LYS A 259 20.35 21.26 -1.56
CA LYS A 259 20.11 20.39 -2.72
C LYS A 259 18.58 20.33 -2.92
N ILE A 260 17.91 21.24 -2.24
CA ILE A 260 16.48 21.31 -2.23
C ILE A 260 15.95 22.62 -2.85
N CYS A 261 16.84 23.59 -3.00
CA CYS A 261 16.48 24.88 -3.54
C CYS A 261 16.10 24.83 -5.02
N LYS A 262 15.50 25.92 -5.48
CA LYS A 262 15.05 26.04 -6.87
C LYS A 262 15.84 25.19 -7.86
N ARG A 263 17.00 25.71 -8.26
CA ARG A 263 17.91 25.11 -9.23
C ARG A 263 17.75 25.76 -10.59
N GLY A 264 16.65 25.45 -11.27
CA GLY A 264 16.42 26.06 -12.57
C GLY A 264 16.27 25.10 -13.75
N GLU A 265 17.19 24.14 -13.86
CA GLU A 265 17.17 23.17 -14.96
C GLU A 265 15.76 22.96 -15.50
N SER A 266 14.86 22.50 -14.64
CA SER A 266 13.48 22.27 -15.04
C SER A 266 12.54 23.04 -14.10
N SER A 267 11.31 22.57 -13.95
CA SER A 267 10.34 23.23 -13.08
C SER A 267 9.55 22.22 -12.25
N GLY A 268 9.20 21.09 -12.85
CA GLY A 268 8.46 20.07 -12.15
C GLY A 268 9.25 19.58 -10.95
N PRO A 269 10.47 19.06 -11.17
CA PRO A 269 11.36 18.55 -10.12
C PRO A 269 11.62 19.57 -9.01
N ASP A 270 11.79 20.84 -9.40
CA ASP A 270 12.06 21.91 -8.46
C ASP A 270 10.95 21.98 -7.40
N VAL A 271 9.71 22.03 -7.86
CA VAL A 271 8.57 22.06 -6.94
C VAL A 271 8.52 20.71 -6.22
N SER A 272 9.26 19.74 -6.76
CA SER A 272 9.31 18.42 -6.14
C SER A 272 10.34 18.45 -5.01
N ARG A 273 11.32 19.35 -5.11
CA ARG A 273 12.34 19.52 -4.08
C ARG A 273 11.67 20.41 -3.06
N GLU A 274 11.15 21.53 -3.56
CA GLU A 274 10.47 22.51 -2.73
C GLU A 274 9.42 21.79 -1.90
N GLY A 275 8.96 20.65 -2.44
CA GLY A 275 7.97 19.86 -1.74
C GLY A 275 8.50 19.44 -0.38
N VAL A 276 9.80 19.17 -0.34
CA VAL A 276 10.45 18.74 0.88
C VAL A 276 10.52 19.88 1.88
N GLN A 277 10.73 21.08 1.39
CA GLN A 277 10.77 22.25 2.27
C GLN A 277 9.38 22.50 2.85
N ARG A 278 8.35 22.35 2.00
CA ARG A 278 6.98 22.54 2.44
C ARG A 278 6.68 21.51 3.49
N ASP A 279 6.90 20.25 3.14
CA ASP A 279 6.63 19.16 4.07
C ASP A 279 7.49 19.22 5.35
N LEU A 280 8.68 19.80 5.22
CA LEU A 280 9.61 19.97 6.33
C LEU A 280 9.11 20.96 7.38
N LEU A 281 8.43 22.02 6.91
CA LEU A 281 7.92 23.10 7.77
C LEU A 281 7.24 22.77 9.08
N PRO A 282 6.25 21.86 9.07
CA PRO A 282 5.56 21.51 10.32
C PRO A 282 6.52 21.09 11.45
N LEU A 283 7.54 20.31 11.12
CA LEU A 283 8.49 19.87 12.14
C LEU A 283 9.14 21.10 12.75
N VAL A 284 9.68 21.95 11.89
CA VAL A 284 10.35 23.17 12.37
C VAL A 284 9.36 24.22 12.84
N GLU A 285 8.10 24.10 12.42
CA GLU A 285 7.08 25.04 12.88
C GLU A 285 6.71 24.67 14.31
N GLY A 286 6.42 23.39 14.54
CA GLY A 286 6.06 22.93 15.87
C GLY A 286 4.76 22.15 15.82
N CYS A 287 4.86 20.82 15.72
CA CYS A 287 3.67 19.98 15.62
C CYS A 287 3.76 18.69 16.46
N THR A 288 2.90 17.73 16.11
CA THR A 288 2.85 16.45 16.80
C THR A 288 2.83 15.33 15.77
N VAL A 289 3.74 14.38 15.91
CA VAL A 289 3.81 13.24 15.00
C VAL A 289 3.58 12.00 15.85
N SER A 290 3.10 10.92 15.23
CA SER A 290 2.83 9.69 15.96
C SER A 290 3.85 8.59 15.70
N THR A 291 4.39 8.03 16.78
CA THR A 291 5.38 6.97 16.70
C THR A 291 4.95 5.70 17.40
N LYS A 292 5.78 4.66 17.30
CA LYS A 292 5.50 3.38 17.93
C LYS A 292 5.66 3.51 19.43
N HIS A 293 6.02 4.69 19.90
CA HIS A 293 6.23 4.90 21.33
C HIS A 293 5.31 5.99 21.90
N GLY A 294 4.34 6.40 21.10
CA GLY A 294 3.42 7.42 21.55
C GLY A 294 3.39 8.65 20.66
N MET A 295 2.83 9.73 21.20
CA MET A 295 2.77 10.97 20.46
C MET A 295 3.94 11.85 20.88
N VAL A 296 4.56 12.50 19.90
CA VAL A 296 5.69 13.38 20.16
C VAL A 296 5.47 14.75 19.55
N LYS A 297 5.74 15.77 20.37
CA LYS A 297 5.60 17.17 19.96
C LYS A 297 6.97 17.72 19.52
N THR A 298 7.06 18.10 18.24
CA THR A 298 8.30 18.62 17.67
C THR A 298 8.63 20.05 18.08
N ASP A 299 7.75 20.66 18.86
CA ASP A 299 7.89 22.04 19.33
C ASP A 299 9.20 22.52 19.94
N HIS A 300 9.92 21.67 20.65
CA HIS A 300 11.18 22.13 21.24
C HIS A 300 12.41 21.38 20.73
N ILE A 301 12.25 20.76 19.57
CA ILE A 301 13.33 20.04 18.95
C ILE A 301 14.15 21.13 18.30
N LEU A 302 15.45 21.18 18.60
CA LEU A 302 16.33 22.17 17.99
C LEU A 302 16.74 21.67 16.59
N PHE A 303 16.46 22.46 15.55
CA PHE A 303 16.80 22.05 14.20
C PHE A 303 18.02 22.78 13.67
N ILE A 304 18.93 22.03 13.10
CA ILE A 304 20.15 22.58 12.56
C ILE A 304 20.21 22.23 11.11
N ALA A 305 19.71 23.13 10.28
CA ALA A 305 19.75 22.93 8.83
C ALA A 305 21.19 23.25 8.41
N SER A 306 21.67 22.64 7.33
CA SER A 306 23.04 22.86 6.87
C SER A 306 23.28 22.63 5.38
N GLY A 307 24.13 23.47 4.79
CA GLY A 307 24.45 23.34 3.38
C GLY A 307 25.70 24.08 2.91
N ALA A 308 26.26 23.63 1.80
CA ALA A 308 27.45 24.23 1.23
C ALA A 308 27.06 25.49 0.50
N PHE A 309 25.87 25.45 -0.10
CA PHE A 309 25.35 26.57 -0.85
C PHE A 309 26.36 27.11 -1.86
N GLN A 310 26.82 26.23 -2.75
CA GLN A 310 27.76 26.63 -3.77
C GLN A 310 26.99 27.12 -5.00
N ILE A 311 25.88 26.45 -5.30
CA ILE A 311 25.03 26.81 -6.42
C ILE A 311 23.84 27.64 -5.93
N ALA A 312 23.17 27.15 -4.90
CA ALA A 312 22.01 27.81 -4.31
C ALA A 312 22.40 28.74 -3.17
N LYS A 313 21.45 29.56 -2.73
CA LYS A 313 21.66 30.50 -1.63
C LYS A 313 20.51 30.47 -0.62
N PRO A 314 20.79 30.75 0.66
CA PRO A 314 19.69 30.72 1.62
C PRO A 314 18.47 31.46 1.06
N SER A 315 18.72 32.63 0.48
CA SER A 315 17.66 33.47 -0.09
C SER A 315 16.75 32.69 -1.06
N ASP A 316 17.20 31.53 -1.51
CA ASP A 316 16.46 30.72 -2.45
C ASP A 316 15.61 29.65 -1.79
N LEU A 317 15.64 29.62 -0.47
CA LEU A 317 14.82 28.65 0.24
C LEU A 317 13.43 29.24 0.18
N ILE A 318 12.43 28.42 0.42
CA ILE A 318 11.09 28.95 0.40
C ILE A 318 10.96 29.95 1.57
N PRO A 319 10.38 31.11 1.31
CA PRO A 319 10.19 32.16 2.30
C PRO A 319 9.82 31.63 3.69
N GLU A 320 8.77 30.81 3.74
CA GLU A 320 8.32 30.26 5.02
C GLU A 320 9.46 29.71 5.88
N LEU A 321 10.27 28.87 5.26
CA LEU A 321 11.42 28.23 5.88
C LEU A 321 12.54 29.21 6.24
N GLN A 322 12.86 30.14 5.33
CA GLN A 322 13.91 31.12 5.64
C GLN A 322 13.59 31.76 7.01
N GLY A 323 12.42 32.39 7.09
CA GLY A 323 11.99 33.02 8.32
C GLY A 323 12.02 32.07 9.50
N ARG A 324 12.00 30.78 9.21
CA ARG A 324 12.01 29.81 10.26
C ARG A 324 13.40 29.28 10.56
N LEU A 325 14.40 29.93 9.96
CA LEU A 325 15.81 29.61 10.21
C LEU A 325 16.39 30.99 10.52
N PRO A 326 15.99 31.58 11.65
CA PRO A 326 16.50 32.91 12.01
C PRO A 326 18.00 32.99 12.25
N ILE A 327 18.57 31.96 12.87
CA ILE A 327 19.98 31.96 13.17
C ILE A 327 20.80 31.48 11.98
N ARG A 328 21.64 32.36 11.43
CA ARG A 328 22.46 32.02 10.28
C ARG A 328 23.91 32.11 10.68
N VAL A 329 24.74 31.16 10.24
CA VAL A 329 26.18 31.17 10.56
C VAL A 329 26.98 30.46 9.48
N GLU A 330 28.14 31.03 9.15
CA GLU A 330 29.01 30.45 8.14
C GLU A 330 30.22 29.83 8.77
N LEU A 331 30.78 28.83 8.10
CA LEU A 331 31.97 28.15 8.58
C LEU A 331 32.99 28.36 7.50
N GLN A 332 34.23 28.69 7.88
CA GLN A 332 35.29 28.94 6.91
C GLN A 332 35.97 27.66 6.48
N ALA A 333 36.53 27.66 5.27
CA ALA A 333 37.26 26.50 4.76
C ALA A 333 38.43 26.38 5.70
N LEU A 334 39.00 25.19 5.81
CA LEU A 334 40.12 25.03 6.72
C LEU A 334 41.40 25.28 5.97
N THR A 335 42.47 25.53 6.71
CA THR A 335 43.78 25.76 6.12
C THR A 335 44.75 24.73 6.66
N THR A 336 45.93 24.61 6.06
CA THR A 336 46.90 23.61 6.53
C THR A 336 47.18 23.64 8.03
N SER A 337 47.40 24.84 8.57
CA SER A 337 47.66 25.01 10.00
C SER A 337 46.53 24.35 10.79
N ASP A 338 45.28 24.60 10.33
CA ASP A 338 44.08 24.07 10.95
C ASP A 338 44.21 22.55 10.97
N PHE A 339 44.53 21.97 9.82
CA PHE A 339 44.70 20.53 9.73
C PHE A 339 45.67 20.06 10.81
N GLU A 340 46.83 20.71 10.88
CA GLU A 340 47.82 20.38 11.89
C GLU A 340 47.22 20.43 13.30
N ARG A 341 46.31 21.36 13.55
CA ARG A 341 45.71 21.42 14.86
C ARG A 341 44.72 20.29 15.00
N ILE A 342 43.86 20.09 13.98
CA ILE A 342 42.87 19.02 14.00
C ILE A 342 43.59 17.72 14.31
N LEU A 343 44.78 17.58 13.72
CA LEU A 343 45.62 16.41 13.90
C LEU A 343 46.11 16.15 15.32
N THR A 344 46.33 17.21 16.11
CA THR A 344 46.88 17.09 17.48
C THR A 344 46.18 17.74 18.69
N GLU A 345 45.65 18.96 18.54
CA GLU A 345 44.99 19.65 19.64
C GLU A 345 43.73 19.00 20.24
N PRO A 346 42.74 18.63 19.41
CA PRO A 346 41.53 18.01 19.95
C PRO A 346 41.79 16.95 21.00
N ASN A 347 40.85 16.78 21.92
CA ASN A 347 40.96 15.81 23.00
C ASN A 347 41.43 14.43 22.61
N ALA A 348 40.62 13.64 21.92
CA ALA A 348 41.12 12.32 21.55
C ALA A 348 41.46 12.33 20.04
N SER A 349 42.40 13.20 19.67
CA SER A 349 42.80 13.36 18.28
C SER A 349 43.31 12.07 17.67
N ILE A 350 43.01 11.88 16.37
CA ILE A 350 43.41 10.68 15.63
C ILE A 350 44.86 10.33 15.87
N THR A 351 45.65 11.35 16.18
CA THR A 351 47.06 11.19 16.46
C THR A 351 47.17 10.47 17.82
N VAL A 352 46.55 11.05 18.84
CA VAL A 352 46.57 10.43 20.16
C VAL A 352 45.89 9.07 20.03
N GLN A 353 45.00 8.95 19.04
CA GLN A 353 44.31 7.71 18.82
C GLN A 353 45.27 6.63 18.35
N TYR A 354 46.03 6.93 17.29
CA TYR A 354 46.98 5.95 16.76
C TYR A 354 48.05 5.60 17.78
N LYS A 355 48.67 6.62 18.37
CA LYS A 355 49.71 6.41 19.35
C LYS A 355 49.18 5.45 20.43
N ALA A 356 47.93 5.66 20.82
CA ALA A 356 47.31 4.83 21.84
C ALA A 356 47.17 3.41 21.37
N LEU A 357 46.51 3.23 20.23
CA LEU A 357 46.31 1.90 19.69
C LEU A 357 47.60 1.14 19.49
N MET A 358 48.66 1.85 19.18
CA MET A 358 49.93 1.17 18.95
C MET A 358 50.59 0.76 20.25
N ALA A 359 50.50 1.62 21.26
CA ALA A 359 51.07 1.29 22.56
C ALA A 359 50.36 0.03 23.06
N THR A 360 49.19 -0.24 22.49
CA THR A 360 48.42 -1.40 22.87
C THR A 360 49.19 -2.63 22.46
N GLU A 361 50.06 -2.49 21.46
CA GLU A 361 50.86 -3.60 20.97
C GLU A 361 52.27 -3.44 21.53
N GLY A 362 52.45 -2.42 22.37
CA GLY A 362 53.74 -2.18 22.96
C GLY A 362 54.68 -1.41 22.06
N VAL A 363 54.12 -0.57 21.19
CA VAL A 363 54.93 0.20 20.29
C VAL A 363 54.80 1.65 20.66
N ASN A 364 55.92 2.34 20.73
CA ASN A 364 55.94 3.75 21.09
C ASN A 364 56.02 4.63 19.86
N ILE A 365 54.89 5.24 19.51
CA ILE A 365 54.83 6.11 18.36
C ILE A 365 55.03 7.54 18.84
N GLU A 366 55.89 8.29 18.18
CA GLU A 366 56.06 9.67 18.59
C GLU A 366 55.92 10.51 17.31
N PHE A 367 54.88 11.35 17.23
CA PHE A 367 54.73 12.20 16.05
C PHE A 367 55.54 13.48 16.24
N THR A 368 56.51 13.71 15.37
CA THR A 368 57.34 14.90 15.43
C THR A 368 56.53 16.04 14.84
N ASP A 369 56.87 17.28 15.20
CA ASP A 369 56.13 18.42 14.65
C ASP A 369 56.31 18.44 13.16
N SER A 370 57.49 18.07 12.71
CA SER A 370 57.82 18.01 11.28
C SER A 370 56.94 16.96 10.59
N GLY A 371 56.63 15.90 11.34
CA GLY A 371 55.80 14.83 10.82
C GLY A 371 54.35 15.23 10.67
N ILE A 372 53.85 15.98 11.63
CA ILE A 372 52.50 16.46 11.57
C ILE A 372 52.37 17.36 10.36
N LYS A 373 53.17 18.42 10.32
CA LYS A 373 53.14 19.37 9.22
C LYS A 373 53.15 18.70 7.85
N ARG A 374 53.79 17.54 7.72
CA ARG A 374 53.81 16.87 6.43
C ARG A 374 52.53 16.09 6.17
N ILE A 375 51.94 15.56 7.24
CA ILE A 375 50.69 14.83 7.13
C ILE A 375 49.70 15.89 6.64
N ALA A 376 49.58 16.98 7.41
CA ALA A 376 48.68 18.06 7.03
C ALA A 376 48.93 18.53 5.60
N GLU A 377 50.19 18.72 5.22
CA GLU A 377 50.50 19.17 3.86
C GLU A 377 50.13 18.12 2.84
N ALA A 378 50.33 16.85 3.17
CA ALA A 378 49.99 15.77 2.24
C ALA A 378 48.49 15.76 1.98
N ALA A 379 47.72 15.90 3.06
CA ALA A 379 46.27 15.89 2.94
C ALA A 379 45.86 17.07 2.09
N TRP A 380 46.33 18.25 2.48
CA TRP A 380 46.03 19.45 1.74
C TRP A 380 46.34 19.30 0.25
N GLN A 381 47.53 18.79 -0.06
CA GLN A 381 47.95 18.60 -1.45
C GLN A 381 47.03 17.69 -2.25
N VAL A 382 46.51 16.64 -1.61
CA VAL A 382 45.63 15.70 -2.30
C VAL A 382 44.29 16.36 -2.50
N ASN A 383 43.89 17.15 -1.51
CA ASN A 383 42.63 17.87 -1.58
C ASN A 383 42.70 18.90 -2.68
N GLU A 384 43.92 19.37 -2.95
CA GLU A 384 44.16 20.36 -3.99
C GLU A 384 44.20 19.72 -5.38
N SER A 385 44.96 18.64 -5.52
CA SER A 385 45.09 17.96 -6.80
C SER A 385 43.92 17.07 -7.25
N THR A 386 43.02 16.71 -6.34
CA THR A 386 41.84 15.90 -6.69
C THR A 386 40.55 16.58 -6.18
N GLU A 387 39.68 15.80 -5.55
CA GLU A 387 38.45 16.35 -5.01
C GLU A 387 38.76 16.91 -3.62
N ASN A 388 38.28 18.11 -3.30
CA ASN A 388 38.56 18.65 -1.97
C ASN A 388 37.48 18.17 -1.04
N ILE A 389 37.87 17.40 -0.01
CA ILE A 389 36.88 16.90 0.91
C ILE A 389 37.07 17.36 2.34
N GLY A 390 37.80 18.44 2.51
CA GLY A 390 38.03 18.99 3.83
C GLY A 390 38.92 18.18 4.75
N ALA A 391 38.59 18.19 6.03
CA ALA A 391 39.35 17.47 7.04
C ALA A 391 39.28 15.94 6.89
N ARG A 392 38.28 15.45 6.17
CA ARG A 392 38.17 14.02 5.99
C ARG A 392 39.43 13.44 5.40
N ARG A 393 40.07 14.20 4.52
CA ARG A 393 41.28 13.72 3.86
C ARG A 393 42.34 13.24 4.87
N LEU A 394 42.39 13.86 6.03
CA LEU A 394 43.37 13.46 7.04
C LEU A 394 43.24 12.01 7.44
N HIS A 395 42.02 11.50 7.51
CA HIS A 395 41.79 10.12 7.89
C HIS A 395 42.47 9.16 6.94
N THR A 396 42.04 9.19 5.68
CA THR A 396 42.64 8.33 4.67
C THR A 396 44.16 8.50 4.70
N VAL A 397 44.63 9.74 4.71
CA VAL A 397 46.07 10.00 4.74
C VAL A 397 46.72 9.36 5.96
N LEU A 398 46.19 9.64 7.14
CA LEU A 398 46.77 9.09 8.34
C LEU A 398 46.80 7.57 8.35
N GLU A 399 45.71 6.95 7.92
CA GLU A 399 45.62 5.50 7.89
C GLU A 399 46.69 4.89 7.02
N ARG A 400 46.76 5.35 5.77
CA ARG A 400 47.73 4.87 4.80
C ARG A 400 49.11 4.98 5.38
N LEU A 401 49.45 6.20 5.79
CA LEU A 401 50.74 6.47 6.39
C LEU A 401 51.09 5.47 7.49
N MET A 402 50.09 5.07 8.26
CA MET A 402 50.31 4.16 9.38
C MET A 402 50.06 2.68 9.18
N GLU A 403 49.63 2.26 8.01
CA GLU A 403 49.35 0.83 7.79
C GLU A 403 50.48 -0.13 8.14
N GLU A 404 51.62 0.02 7.48
CA GLU A 404 52.74 -0.88 7.74
C GLU A 404 53.01 -1.04 9.22
N ILE A 405 53.21 0.06 9.93
CA ILE A 405 53.45 0.00 11.38
C ILE A 405 52.30 -0.76 11.97
N SER A 406 51.08 -0.31 11.63
CA SER A 406 49.87 -0.93 12.12
C SER A 406 49.77 -2.44 11.95
N TYR A 407 50.42 -2.99 10.92
CA TYR A 407 50.38 -4.44 10.68
C TYR A 407 51.48 -5.08 11.49
N ASP A 408 52.71 -4.61 11.30
CA ASP A 408 53.88 -5.13 11.99
C ASP A 408 53.85 -4.98 13.51
N ALA A 409 53.26 -3.87 13.97
CA ALA A 409 53.17 -3.55 15.39
C ALA A 409 53.55 -4.69 16.36
N SER A 410 52.74 -5.75 16.41
CA SER A 410 52.99 -6.86 17.33
C SER A 410 54.45 -7.31 17.50
N ASP A 411 55.17 -7.31 16.39
CA ASP A 411 56.55 -7.74 16.39
C ASP A 411 57.53 -6.61 16.69
N LEU A 412 57.04 -5.38 16.57
CA LEU A 412 57.87 -4.21 16.83
C LEU A 412 57.70 -3.84 18.30
N SER A 413 57.08 -4.75 19.04
CA SER A 413 56.84 -4.53 20.46
C SER A 413 58.08 -4.10 21.21
N GLY A 414 57.88 -3.08 22.06
CA GLY A 414 58.96 -2.54 22.85
C GLY A 414 59.74 -1.43 22.17
N GLN A 415 59.72 -1.39 20.84
CA GLN A 415 60.46 -0.39 20.07
C GLN A 415 59.81 0.98 20.01
N ASN A 416 60.54 1.94 19.46
CA ASN A 416 60.01 3.28 19.33
C ASN A 416 60.04 3.59 17.86
N ILE A 417 58.97 4.18 17.36
CA ILE A 417 58.89 4.55 15.95
C ILE A 417 58.49 6.01 15.96
N THR A 418 59.29 6.85 15.31
CA THR A 418 58.94 8.26 15.30
C THR A 418 58.44 8.63 13.91
N ILE A 419 57.22 9.15 13.86
CA ILE A 419 56.65 9.57 12.60
C ILE A 419 57.07 11.01 12.49
N ASP A 420 58.07 11.24 11.67
CA ASP A 420 58.59 12.55 11.47
C ASP A 420 58.54 12.82 9.99
N ALA A 421 58.82 14.07 9.63
CA ALA A 421 58.82 14.52 8.25
C ALA A 421 59.46 13.53 7.29
N ASP A 422 60.57 12.95 7.69
CA ASP A 422 61.22 11.98 6.82
C ASP A 422 60.35 10.77 6.67
N TYR A 423 59.86 10.26 7.80
CA TYR A 423 59.01 9.08 7.78
C TYR A 423 57.77 9.32 6.90
N VAL A 424 57.12 10.46 7.07
CA VAL A 424 55.94 10.79 6.29
C VAL A 424 56.22 10.77 4.80
N SER A 425 57.36 11.31 4.40
CA SER A 425 57.73 11.38 2.98
C SER A 425 57.86 10.05 2.29
N LYS A 426 58.64 9.16 2.89
CA LYS A 426 58.85 7.86 2.30
C LYS A 426 57.53 7.15 1.98
N HIS A 427 56.59 7.22 2.92
CA HIS A 427 55.30 6.57 2.79
C HIS A 427 54.19 7.24 1.98
N LEU A 428 54.20 8.57 1.90
CA LEU A 428 53.15 9.28 1.18
C LEU A 428 53.49 9.99 -0.12
N ASP A 429 54.61 10.73 -0.09
CA ASP A 429 55.07 11.53 -1.24
C ASP A 429 54.84 10.91 -2.62
N ALA A 430 55.12 9.63 -2.78
CA ALA A 430 54.92 9.00 -4.08
C ALA A 430 53.45 8.95 -4.47
N LEU A 431 52.61 8.61 -3.49
CA LEU A 431 51.17 8.49 -3.69
C LEU A 431 50.47 9.82 -3.92
N VAL A 432 50.83 10.81 -3.12
CA VAL A 432 50.26 12.13 -3.23
C VAL A 432 50.45 12.71 -4.63
N ALA A 433 51.64 12.48 -5.17
CA ALA A 433 52.04 12.94 -6.50
C ALA A 433 51.24 12.27 -7.59
N ASP A 434 51.26 10.93 -7.58
CA ASP A 434 50.53 10.12 -8.56
C ASP A 434 49.02 10.36 -8.41
N GLU A 435 48.53 11.43 -9.02
CA GLU A 435 47.12 11.78 -8.94
C GLU A 435 46.11 10.70 -9.24
N ASP A 436 46.51 9.67 -9.98
CA ASP A 436 45.56 8.61 -10.27
C ASP A 436 45.43 7.70 -9.07
N LEU A 437 46.53 7.50 -8.35
CA LEU A 437 46.50 6.65 -7.18
C LEU A 437 45.76 7.35 -6.07
N SER A 438 45.95 8.65 -5.95
CA SER A 438 45.28 9.37 -4.88
C SER A 438 43.76 9.31 -5.04
N ARG A 439 43.27 9.14 -6.26
CA ARG A 439 41.83 9.06 -6.46
C ARG A 439 41.33 7.67 -6.13
N PHE A 440 42.27 6.81 -5.72
CA PHE A 440 41.93 5.44 -5.36
C PHE A 440 42.36 5.13 -3.94
N ILE A 441 43.58 5.54 -3.58
CA ILE A 441 44.12 5.23 -2.26
C ILE A 441 44.04 6.27 -1.16
N LEU A 442 44.20 7.54 -1.49
CA LEU A 442 44.13 8.55 -0.44
C LEU A 442 42.71 9.14 -0.27
N SER B 1 39.96 -15.42 21.71
CA SER B 1 39.58 -15.48 20.27
C SER B 1 40.30 -14.40 19.46
N GLU B 2 41.00 -13.50 20.17
CA GLU B 2 41.71 -12.39 19.54
C GLU B 2 43.16 -12.68 19.15
N MET B 3 43.35 -12.93 17.85
CA MET B 3 44.67 -13.24 17.32
C MET B 3 45.31 -12.05 16.61
N THR B 4 46.63 -12.12 16.45
CA THR B 4 47.40 -11.06 15.82
C THR B 4 47.26 -11.03 14.31
N PRO B 5 47.46 -9.85 13.72
CA PRO B 5 47.37 -9.63 12.27
C PRO B 5 48.04 -10.70 11.46
N ARG B 6 49.32 -10.91 11.71
CA ARG B 6 50.10 -11.90 11.00
C ARG B 6 49.36 -13.26 11.09
N GLU B 7 48.87 -13.60 12.28
CA GLU B 7 48.14 -14.86 12.44
C GLU B 7 46.85 -14.89 11.60
N ILE B 8 46.03 -13.83 11.73
CA ILE B 8 44.78 -13.74 10.97
C ILE B 8 45.03 -13.96 9.49
N VAL B 9 46.16 -13.48 9.01
CA VAL B 9 46.49 -13.65 7.59
C VAL B 9 46.84 -15.11 7.32
N SER B 10 47.32 -15.82 8.33
CA SER B 10 47.65 -17.24 8.18
C SER B 10 46.43 -18.11 8.01
N GLU B 11 45.32 -17.73 8.65
CA GLU B 11 44.07 -18.50 8.51
C GLU B 11 43.54 -18.20 7.12
N LEU B 12 43.42 -16.91 6.85
CA LEU B 12 42.97 -16.44 5.56
C LEU B 12 43.72 -17.18 4.46
N ASP B 13 45.01 -17.39 4.67
CA ASP B 13 45.86 -18.09 3.72
C ASP B 13 45.37 -19.50 3.43
N LYS B 14 44.65 -20.07 4.38
CA LYS B 14 44.14 -21.43 4.24
C LYS B 14 42.95 -21.56 3.30
N HIS B 15 42.29 -20.45 3.00
CA HIS B 15 41.14 -20.52 2.10
C HIS B 15 41.22 -19.56 0.93
N ILE B 16 42.29 -18.79 0.81
CA ILE B 16 42.36 -17.83 -0.26
C ILE B 16 43.76 -17.68 -0.81
N ILE B 17 43.93 -17.96 -2.10
CA ILE B 17 45.21 -17.85 -2.75
C ILE B 17 45.54 -16.41 -3.16
N GLY B 18 46.72 -15.94 -2.78
CA GLY B 18 47.12 -14.58 -3.13
C GLY B 18 46.41 -13.47 -2.37
N GLN B 19 46.29 -12.32 -3.02
CA GLN B 19 45.62 -11.19 -2.43
C GLN B 19 46.09 -10.91 -1.00
N ASP B 20 47.40 -10.87 -0.83
CA ASP B 20 48.02 -10.60 0.46
C ASP B 20 47.67 -9.21 1.03
N ASN B 21 47.80 -8.18 0.19
CA ASN B 21 47.48 -6.80 0.54
C ASN B 21 46.07 -6.71 1.15
N ALA B 22 45.13 -7.38 0.49
CA ALA B 22 43.76 -7.40 0.95
C ALA B 22 43.72 -8.10 2.31
N LYS B 23 44.41 -9.22 2.44
CA LYS B 23 44.43 -9.96 3.71
C LYS B 23 44.97 -9.12 4.84
N ARG B 24 46.05 -8.39 4.60
CA ARG B 24 46.61 -7.59 5.65
C ARG B 24 45.62 -6.51 6.02
N SER B 25 44.97 -5.95 5.00
CA SER B 25 44.01 -4.89 5.26
C SER B 25 42.96 -5.34 6.24
N VAL B 26 42.26 -6.41 5.87
CA VAL B 26 41.20 -6.94 6.69
C VAL B 26 41.66 -7.37 8.08
N ALA B 27 42.87 -7.95 8.16
CA ALA B 27 43.45 -8.38 9.44
C ALA B 27 43.71 -7.16 10.34
N ILE B 28 44.32 -6.11 9.79
CA ILE B 28 44.54 -4.91 10.59
C ILE B 28 43.20 -4.53 11.23
N ALA B 29 42.16 -4.37 10.42
CA ALA B 29 40.84 -4.00 10.90
C ALA B 29 40.39 -4.89 12.07
N LEU B 30 40.25 -6.18 11.79
CA LEU B 30 39.83 -7.15 12.78
C LEU B 30 40.63 -6.88 14.05
N ARG B 31 41.94 -6.76 13.89
CA ARG B 31 42.87 -6.52 15.00
C ARG B 31 42.59 -5.29 15.86
N ASN B 32 42.17 -4.19 15.24
CA ASN B 32 41.90 -3.00 16.03
C ASN B 32 40.77 -3.14 17.01
N ARG B 33 39.86 -4.09 16.78
CA ARG B 33 38.75 -4.24 17.69
C ARG B 33 39.32 -4.66 19.03
N TRP B 34 40.40 -5.42 19.01
CA TRP B 34 41.02 -5.84 20.25
C TRP B 34 41.83 -4.71 20.88
N ARG B 35 42.43 -3.85 20.05
CA ARG B 35 43.24 -2.73 20.55
C ARG B 35 42.36 -1.69 21.21
N ARG B 36 41.21 -1.45 20.60
CA ARG B 36 40.26 -0.46 21.11
C ARG B 36 39.80 -0.80 22.51
N MET B 37 39.58 -2.09 22.76
CA MET B 37 39.13 -2.54 24.09
C MET B 37 40.16 -2.25 25.18
N GLN B 38 41.44 -2.27 24.80
CA GLN B 38 42.50 -2.02 25.76
C GLN B 38 42.51 -0.55 26.11
N LEU B 39 41.78 0.25 25.34
CA LEU B 39 41.77 1.68 25.60
C LEU B 39 40.77 2.10 26.68
N ASN B 40 40.99 3.31 27.22
CA ASN B 40 40.14 3.86 28.26
C ASN B 40 38.79 4.23 27.69
N GLU B 41 37.86 4.64 28.54
CA GLU B 41 36.54 4.99 28.07
C GLU B 41 36.54 6.00 26.92
N GLU B 42 37.10 7.18 27.17
CA GLU B 42 37.15 8.23 26.16
C GLU B 42 37.50 7.70 24.78
N LEU B 43 38.74 7.26 24.63
CA LEU B 43 39.22 6.74 23.36
C LEU B 43 38.40 5.58 22.85
N ARG B 44 37.99 4.68 23.73
CA ARG B 44 37.23 3.52 23.31
C ARG B 44 36.01 3.94 22.50
N HIS B 45 35.42 5.06 22.86
CA HIS B 45 34.24 5.56 22.15
C HIS B 45 34.56 6.70 21.21
N GLU B 46 35.83 6.82 20.86
CA GLU B 46 36.30 7.84 19.92
C GLU B 46 36.85 7.10 18.71
N VAL B 47 37.45 5.95 18.97
CA VAL B 47 38.03 5.07 17.97
C VAL B 47 36.93 4.34 17.19
N THR B 48 36.69 4.72 15.94
CA THR B 48 35.66 4.06 15.14
C THR B 48 36.27 2.98 14.26
N PRO B 49 35.44 2.17 13.59
CA PRO B 49 35.91 1.09 12.72
C PRO B 49 36.55 1.60 11.45
N LYS B 50 37.66 0.98 11.07
CA LYS B 50 38.41 1.32 9.87
C LYS B 50 37.82 0.57 8.68
N ASN B 51 36.66 1.01 8.21
CA ASN B 51 35.99 0.37 7.09
C ASN B 51 36.89 0.25 5.88
N ILE B 52 36.81 -0.89 5.20
CA ILE B 52 37.66 -1.15 4.04
C ILE B 52 36.88 -0.95 2.77
N LEU B 53 37.61 -0.60 1.71
CA LEU B 53 37.06 -0.44 0.37
C LEU B 53 38.01 -1.26 -0.47
N MET B 54 37.52 -2.38 -0.99
CA MET B 54 38.33 -3.24 -1.82
C MET B 54 38.10 -2.90 -3.28
N ILE B 55 39.19 -2.85 -4.02
CA ILE B 55 39.15 -2.54 -5.44
C ILE B 55 39.80 -3.67 -6.20
N GLY B 56 39.07 -4.26 -7.13
CA GLY B 56 39.60 -5.37 -7.90
C GLY B 56 38.62 -5.93 -8.91
N PRO B 57 39.07 -6.82 -9.80
CA PRO B 57 38.25 -7.47 -10.84
C PRO B 57 37.42 -8.57 -10.24
N THR B 58 36.58 -9.20 -11.05
CA THR B 58 35.72 -10.29 -10.56
C THR B 58 36.47 -11.56 -10.26
N GLY B 59 35.86 -12.37 -9.41
CA GLY B 59 36.44 -13.64 -9.02
C GLY B 59 37.90 -13.60 -8.67
N VAL B 60 38.29 -12.76 -7.74
CA VAL B 60 39.69 -12.68 -7.33
C VAL B 60 39.80 -12.89 -5.84
N GLY B 61 38.69 -12.77 -5.12
CA GLY B 61 38.72 -13.01 -3.69
C GLY B 61 38.14 -11.99 -2.73
N LYS B 62 37.76 -10.81 -3.22
CA LYS B 62 37.22 -9.76 -2.34
C LYS B 62 36.23 -10.30 -1.33
N THR B 63 35.16 -10.96 -1.79
CA THR B 63 34.15 -11.48 -0.87
C THR B 63 34.62 -12.67 -0.01
N GLU B 64 35.33 -13.60 -0.65
CA GLU B 64 35.79 -14.78 0.06
C GLU B 64 36.60 -14.31 1.26
N ILE B 65 37.42 -13.30 1.05
CA ILE B 65 38.22 -12.76 2.12
C ILE B 65 37.36 -12.20 3.26
N ALA B 66 36.20 -11.62 2.95
CA ALA B 66 35.31 -11.05 3.97
C ALA B 66 34.56 -12.09 4.75
N ARG B 67 34.19 -13.18 4.09
CA ARG B 67 33.47 -14.26 4.77
C ARG B 67 34.43 -14.93 5.76
N ARG B 68 35.49 -15.48 5.21
CA ARG B 68 36.51 -16.14 6.00
C ARG B 68 36.96 -15.23 7.12
N LEU B 69 36.95 -13.92 6.87
CA LEU B 69 37.40 -12.97 7.89
C LEU B 69 36.37 -12.86 8.99
N ALA B 70 35.10 -13.00 8.63
CA ALA B 70 34.04 -12.92 9.61
C ALA B 70 34.00 -14.22 10.40
N LYS B 71 34.23 -15.33 9.70
CA LYS B 71 34.21 -16.65 10.32
C LYS B 71 35.26 -16.85 11.38
N LEU B 72 36.52 -16.63 11.06
CA LEU B 72 37.54 -16.82 12.07
C LEU B 72 37.33 -15.83 13.21
N ALA B 73 36.48 -14.83 12.95
CA ALA B 73 36.19 -13.81 13.94
C ALA B 73 34.91 -14.20 14.65
N ASN B 74 34.23 -15.18 14.05
CA ASN B 74 32.96 -15.65 14.56
C ASN B 74 32.02 -14.46 14.76
N ALA B 75 31.76 -13.75 13.66
CA ALA B 75 30.89 -12.60 13.72
C ALA B 75 29.77 -12.64 12.70
N PRO B 76 28.63 -12.06 13.05
CA PRO B 76 27.51 -12.04 12.11
C PRO B 76 27.92 -11.25 10.86
N PHE B 77 27.86 -11.92 9.72
CA PHE B 77 28.24 -11.33 8.46
C PHE B 77 27.05 -11.10 7.52
N ILE B 78 27.26 -10.37 6.44
CA ILE B 78 26.20 -10.16 5.48
C ILE B 78 26.64 -9.47 4.21
N LYS B 79 26.28 -10.06 3.08
CA LYS B 79 26.61 -9.51 1.77
C LYS B 79 25.41 -8.69 1.34
N VAL B 80 25.65 -7.64 0.57
CA VAL B 80 24.57 -6.78 0.10
C VAL B 80 25.01 -6.18 -1.22
N GLU B 81 24.12 -6.23 -2.20
CA GLU B 81 24.43 -5.64 -3.48
C GLU B 81 24.12 -4.15 -3.29
N ALA B 82 25.05 -3.29 -3.65
CA ALA B 82 24.83 -1.87 -3.46
C ALA B 82 23.59 -1.48 -4.25
N THR B 83 23.48 -2.06 -5.43
CA THR B 83 22.39 -1.77 -6.35
C THR B 83 21.03 -2.21 -5.87
N LYS B 84 20.98 -3.07 -4.86
CA LYS B 84 19.68 -3.52 -4.36
C LYS B 84 18.74 -2.36 -4.03
N PHE B 85 19.27 -1.14 -3.95
CA PHE B 85 18.44 -0.01 -3.60
C PHE B 85 18.33 1.02 -4.71
N THR B 86 19.16 0.87 -5.74
CA THR B 86 19.17 1.78 -6.88
C THR B 86 17.82 1.89 -7.57
N GLU B 87 17.63 2.98 -8.30
CA GLU B 87 16.38 3.22 -9.03
C GLU B 87 16.33 4.61 -9.65
N VAL B 88 15.94 4.66 -10.92
CA VAL B 88 15.82 5.91 -11.66
C VAL B 88 14.33 6.27 -11.70
N GLY B 89 13.54 5.47 -11.00
CA GLY B 89 12.10 5.67 -10.94
C GLY B 89 11.40 4.36 -10.62
N TYR B 90 12.07 3.52 -9.85
CA TYR B 90 11.54 2.21 -9.48
C TYR B 90 10.96 2.22 -8.05
N VAL B 91 11.33 1.21 -7.27
CA VAL B 91 10.86 1.10 -5.89
C VAL B 91 12.00 0.74 -4.95
N GLY B 92 12.31 -0.55 -4.86
CA GLY B 92 13.38 -1.01 -3.98
C GLY B 92 12.99 -1.15 -2.52
N LYS B 93 13.95 -1.58 -1.72
CA LYS B 93 13.78 -1.76 -0.27
C LYS B 93 14.38 -0.55 0.45
N GLU B 94 14.54 -0.67 1.78
CA GLU B 94 15.13 0.38 2.60
C GLU B 94 16.46 -0.12 3.17
N VAL B 95 17.50 0.72 3.09
CA VAL B 95 18.85 0.36 3.57
C VAL B 95 18.98 -0.27 4.98
N ASP B 96 18.15 0.14 5.93
CA ASP B 96 18.17 -0.39 7.31
C ASP B 96 18.07 -1.91 7.29
N SER B 97 17.38 -2.44 6.29
CA SER B 97 17.20 -3.88 6.13
C SER B 97 18.53 -4.56 6.32
N ILE B 98 19.58 -3.89 5.89
CA ILE B 98 20.92 -4.42 6.02
C ILE B 98 21.19 -4.77 7.48
N ILE B 99 20.71 -3.96 8.41
CA ILE B 99 20.93 -4.23 9.82
C ILE B 99 19.94 -5.25 10.38
N ARG B 100 18.74 -5.29 9.82
CA ARG B 100 17.75 -6.27 10.26
C ARG B 100 18.38 -7.62 9.95
N ASP B 101 18.73 -7.81 8.69
CA ASP B 101 19.34 -9.05 8.23
C ASP B 101 20.54 -9.49 9.05
N LEU B 102 21.46 -8.55 9.27
CA LEU B 102 22.69 -8.79 10.02
C LEU B 102 22.30 -9.27 11.40
N THR B 103 21.27 -8.64 11.98
CA THR B 103 20.82 -9.01 13.32
C THR B 103 20.24 -10.41 13.37
N ASP B 104 19.39 -10.75 12.40
CA ASP B 104 18.81 -12.09 12.34
C ASP B 104 20.01 -13.04 12.44
N ALA B 105 20.98 -12.79 11.57
CA ALA B 105 22.22 -13.56 11.49
C ALA B 105 22.93 -13.69 12.84
N ALA B 106 22.73 -12.71 13.71
CA ALA B 106 23.36 -12.76 15.01
C ALA B 106 22.56 -13.70 15.93
N VAL B 107 21.25 -13.65 15.79
CA VAL B 107 20.40 -14.49 16.61
C VAL B 107 20.68 -15.95 16.22
N LYS B 108 20.68 -16.22 14.93
CA LYS B 108 20.92 -17.56 14.39
C LYS B 108 22.14 -18.19 15.04
N MET B 109 23.23 -17.43 15.05
CA MET B 109 24.49 -17.88 15.62
C MET B 109 24.36 -18.21 17.09
N VAL B 110 23.78 -17.28 17.84
CA VAL B 110 23.61 -17.44 19.28
C VAL B 110 22.76 -18.66 19.63
N ARG B 111 21.65 -18.84 18.91
CA ARG B 111 20.77 -19.98 19.13
C ARG B 111 21.67 -21.20 19.12
N VAL B 112 22.35 -21.38 17.98
CA VAL B 112 23.26 -22.49 17.80
C VAL B 112 24.23 -22.63 18.97
N GLN B 113 24.92 -21.55 19.32
CA GLN B 113 25.87 -21.59 20.42
C GLN B 113 25.30 -22.26 21.67
N ALA B 114 24.09 -21.88 22.06
CA ALA B 114 23.43 -22.41 23.25
C ALA B 114 22.94 -23.85 23.11
N ILE B 115 22.30 -24.16 21.98
CA ILE B 115 21.78 -25.49 21.73
C ILE B 115 22.88 -26.57 21.85
N GLU B 116 23.79 -26.61 20.87
CA GLU B 116 24.88 -27.58 20.87
C GLU B 116 25.69 -27.59 22.18
N LYS B 117 25.64 -26.49 22.91
CA LYS B 117 26.35 -26.36 24.19
C LYS B 117 25.75 -27.33 25.20
N ASN B 118 24.42 -27.30 25.31
CA ASN B 118 23.72 -28.17 26.24
C ASN B 118 22.67 -29.02 25.52
N ARG B 119 23.05 -29.62 24.39
CA ARG B 119 22.14 -30.47 23.64
C ARG B 119 21.93 -31.76 24.44
N TYR B 120 23.00 -32.21 25.09
CA TYR B 120 22.96 -33.42 25.90
C TYR B 120 21.84 -33.26 26.93
N ARG B 121 22.02 -32.30 27.84
CA ARG B 121 21.05 -31.99 28.87
C ARG B 121 19.61 -32.13 28.36
N ALA B 122 19.39 -31.75 27.12
CA ALA B 122 18.06 -31.83 26.55
C ALA B 122 17.72 -33.27 26.22
N GLU B 123 18.41 -33.83 25.25
CA GLU B 123 18.18 -35.22 24.82
C GLU B 123 18.00 -36.10 26.06
N GLU B 124 18.84 -35.86 27.06
CA GLU B 124 18.80 -36.62 28.30
C GLU B 124 17.40 -36.55 28.93
N LEU B 125 17.01 -35.38 29.41
CA LEU B 125 15.68 -35.20 30.02
C LEU B 125 14.58 -35.61 29.05
N ALA B 126 14.85 -35.46 27.76
CA ALA B 126 13.89 -35.82 26.73
C ALA B 126 13.56 -37.29 26.89
N GLU B 127 14.55 -38.16 26.72
CA GLU B 127 14.32 -39.59 26.87
C GLU B 127 13.97 -39.90 28.33
N GLU B 128 14.45 -39.06 29.23
CA GLU B 128 14.15 -39.26 30.64
C GLU B 128 12.63 -39.21 30.82
N ARG B 129 11.93 -38.67 29.82
CA ARG B 129 10.47 -38.55 29.84
C ARG B 129 9.78 -39.58 28.99
N ILE B 130 10.55 -40.29 28.18
CA ILE B 130 10.00 -41.33 27.33
C ILE B 130 9.99 -42.61 28.15
N LEU B 131 10.84 -42.65 29.18
CA LEU B 131 10.90 -43.80 30.03
C LEU B 131 9.70 -43.77 30.98
N ASP B 132 9.31 -42.57 31.42
CA ASP B 132 8.18 -42.46 32.33
C ASP B 132 6.88 -43.05 31.78
N VAL B 133 6.73 -43.05 30.46
CA VAL B 133 5.53 -43.61 29.85
C VAL B 133 5.70 -45.12 29.70
N LEU B 134 6.92 -45.54 29.37
CA LEU B 134 7.25 -46.95 29.21
C LEU B 134 7.08 -47.68 30.54
N ILE B 135 7.47 -47.03 31.62
CA ILE B 135 7.40 -47.64 32.94
C ILE B 135 6.82 -46.71 33.99
N PRO B 136 5.50 -46.53 34.02
CA PRO B 136 4.87 -45.63 35.01
C PRO B 136 5.53 -45.84 36.37
N PRO B 137 6.30 -44.84 36.84
CA PRO B 137 6.98 -44.95 38.14
C PRO B 137 6.00 -44.77 39.29
N ALA B 138 6.05 -45.67 40.27
CA ALA B 138 5.15 -45.55 41.41
C ALA B 138 5.53 -44.32 42.25
N LYS B 139 4.57 -43.39 42.38
CA LYS B 139 4.81 -42.17 43.14
C LYS B 139 5.58 -42.38 44.43
N ASN B 140 6.40 -41.39 44.80
CA ASN B 140 7.21 -41.46 46.01
C ASN B 140 8.33 -42.48 45.89
N ASN B 141 9.53 -42.10 46.33
CA ASN B 141 10.68 -42.99 46.30
C ASN B 141 11.86 -42.38 47.07
N TRP B 142 13.08 -42.69 46.64
CA TRP B 142 14.29 -42.19 47.29
C TRP B 142 14.31 -42.50 48.78
N GLY B 143 15.37 -42.08 49.46
CA GLY B 143 15.47 -42.33 50.89
C GLY B 143 16.83 -42.88 51.31
N GLN B 144 17.29 -43.94 50.64
CA GLN B 144 18.57 -44.54 50.95
C GLN B 144 19.66 -44.16 49.95
N THR B 145 20.74 -44.95 49.92
CA THR B 145 21.85 -44.69 49.02
C THR B 145 21.89 -45.68 47.85
N GLU B 146 20.71 -46.09 47.37
CA GLU B 146 20.64 -47.02 46.26
C GLU B 146 20.30 -46.32 44.95
N GLN B 147 21.19 -45.43 44.52
CA GLN B 147 21.02 -44.66 43.28
C GLN B 147 21.18 -45.51 42.01
N GLN B 148 22.05 -46.53 42.08
CA GLN B 148 22.28 -47.41 40.93
C GLN B 148 21.08 -48.33 40.71
N GLN B 149 20.71 -49.05 41.76
CA GLN B 149 19.60 -50.00 41.70
C GLN B 149 18.24 -49.28 41.77
N GLU B 150 18.27 -47.95 41.75
CA GLU B 150 17.06 -47.14 41.80
C GLU B 150 16.38 -47.07 40.45
N PRO B 151 17.14 -46.68 39.40
CA PRO B 151 16.55 -46.60 38.07
C PRO B 151 15.93 -47.94 37.67
N SER B 152 16.01 -48.91 38.59
CA SER B 152 15.48 -50.27 38.43
C SER B 152 15.73 -50.87 37.05
N ALA B 153 16.20 -52.12 37.05
CA ALA B 153 16.49 -52.81 35.81
C ALA B 153 15.40 -52.56 34.77
N ALA B 154 14.20 -52.22 35.24
CA ALA B 154 13.08 -51.96 34.33
C ALA B 154 13.41 -50.76 33.45
N ARG B 155 13.59 -49.61 34.06
CA ARG B 155 13.90 -48.38 33.32
C ARG B 155 15.21 -48.57 32.57
N GLN B 156 16.25 -49.01 33.29
CA GLN B 156 17.55 -49.22 32.69
C GLN B 156 17.42 -50.06 31.43
N ALA B 157 16.47 -51.00 31.46
CA ALA B 157 16.22 -51.89 30.34
C ALA B 157 15.79 -51.10 29.12
N PHE B 158 14.61 -50.49 29.23
CA PHE B 158 14.05 -49.69 28.15
C PHE B 158 15.09 -48.70 27.65
N ARG B 159 15.81 -48.14 28.60
CA ARG B 159 16.79 -47.10 28.32
C ARG B 159 17.77 -47.55 27.22
N LYS B 160 18.40 -48.70 27.40
CA LYS B 160 19.32 -49.25 26.40
C LYS B 160 18.59 -49.50 25.08
N LYS B 161 17.43 -50.12 25.23
CA LYS B 161 16.58 -50.45 24.10
C LYS B 161 16.26 -49.18 23.32
N LEU B 162 15.84 -48.19 24.08
CA LEU B 162 15.42 -46.91 23.51
C LEU B 162 16.54 -46.22 22.75
N ARG B 163 17.62 -45.93 23.46
CA ARG B 163 18.73 -45.22 22.88
C ARG B 163 19.38 -46.02 21.77
N GLU B 164 19.71 -47.26 22.07
CA GLU B 164 20.38 -48.05 21.07
C GLU B 164 19.57 -48.47 19.85
N GLY B 165 18.69 -49.40 20.21
CA GLY B 165 17.99 -50.22 19.22
C GLY B 165 16.77 -49.83 18.45
N GLN B 166 15.71 -49.75 19.17
CA GLN B 166 14.42 -49.76 18.53
C GLN B 166 13.64 -48.66 19.13
N LEU B 167 13.13 -47.99 18.19
CA LEU B 167 12.40 -46.76 18.30
C LEU B 167 11.10 -47.10 17.62
N ASP B 168 9.89 -46.81 18.13
CA ASP B 168 8.78 -47.19 17.25
C ASP B 168 7.26 -47.13 17.73
N ASP B 169 6.84 -46.72 18.99
CA ASP B 169 5.31 -46.58 19.29
C ASP B 169 4.90 -46.33 20.79
N LYS B 170 3.84 -45.45 20.95
CA LYS B 170 3.25 -45.06 22.30
C LYS B 170 2.63 -43.68 22.24
N GLU B 171 2.14 -43.20 23.39
CA GLU B 171 1.54 -41.87 23.47
C GLU B 171 2.04 -41.08 24.68
N ILE B 172 2.70 -39.96 24.41
CA ILE B 172 3.23 -39.09 25.45
C ILE B 172 2.43 -37.79 25.57
N GLU B 173 2.22 -37.34 26.79
CA GLU B 173 1.45 -36.12 27.03
C GLU B 173 2.26 -34.82 26.83
N ILE B 174 1.54 -33.78 26.42
CA ILE B 174 2.09 -32.45 26.19
C ILE B 174 0.88 -31.54 26.45
N ASP B 175 0.49 -30.72 25.47
CA ASP B 175 -0.67 -29.82 25.62
C ASP B 175 -0.95 -29.02 24.33
N ALA B 212 -1.28 -35.52 26.06
CA ALA B 212 -1.89 -36.85 25.81
C ALA B 212 -2.26 -37.00 24.34
N ARG B 213 -1.34 -37.55 23.55
CA ARG B 213 -1.57 -37.74 22.12
C ARG B 213 -0.67 -38.84 21.59
N LYS B 214 -1.28 -39.93 21.12
CA LYS B 214 -0.51 -41.06 20.59
C LYS B 214 0.55 -40.58 19.59
N LEU B 215 1.73 -41.21 19.62
CA LEU B 215 2.80 -40.80 18.71
C LEU B 215 3.68 -41.96 18.22
N LYS B 216 5.00 -41.80 18.37
CA LYS B 216 5.97 -42.79 17.92
C LYS B 216 7.36 -42.30 18.33
N ILE B 217 7.98 -43.05 19.23
CA ILE B 217 9.31 -42.74 19.76
C ILE B 217 10.29 -42.06 18.79
N LYS B 218 10.68 -42.78 17.75
CA LYS B 218 11.63 -42.25 16.77
C LYS B 218 11.33 -40.80 16.43
N ASP B 219 10.06 -40.43 16.59
CA ASP B 219 9.62 -39.07 16.29
C ASP B 219 9.30 -38.28 17.55
N ALA B 220 8.58 -38.92 18.48
CA ALA B 220 8.22 -38.27 19.73
C ALA B 220 9.50 -37.80 20.41
N MET B 221 10.63 -38.36 19.99
CA MET B 221 11.91 -38.02 20.56
C MET B 221 12.28 -36.60 20.13
N LYS B 222 12.35 -36.41 18.82
CA LYS B 222 12.68 -35.11 18.26
C LYS B 222 11.68 -34.07 18.75
N LEU B 223 10.44 -34.49 18.93
CA LEU B 223 9.40 -33.61 19.42
C LEU B 223 9.78 -33.11 20.83
N LEU B 224 10.12 -34.06 21.71
CA LEU B 224 10.48 -33.74 23.09
C LEU B 224 11.78 -32.95 23.24
N ILE B 225 12.76 -33.26 22.39
CA ILE B 225 14.06 -32.58 22.43
C ILE B 225 13.87 -31.06 22.32
N GLU B 226 13.20 -30.62 21.26
CA GLU B 226 12.95 -29.22 21.07
C GLU B 226 12.26 -28.70 22.33
N GLU B 227 11.14 -29.34 22.67
CA GLU B 227 10.39 -28.95 23.85
C GLU B 227 11.31 -28.79 25.06
N GLU B 228 12.24 -29.72 25.19
CA GLU B 228 13.17 -29.70 26.31
C GLU B 228 14.28 -28.65 26.17
N ALA B 229 14.91 -28.61 25.00
CA ALA B 229 15.98 -27.64 24.73
C ALA B 229 15.54 -26.25 25.16
N ALA B 230 14.27 -25.96 24.89
CA ALA B 230 13.66 -24.68 25.24
C ALA B 230 13.96 -24.29 26.70
N LYS B 231 13.35 -25.00 27.64
CA LYS B 231 13.53 -24.76 29.07
C LYS B 231 14.94 -24.30 29.46
N LEU B 232 15.94 -24.74 28.70
CA LEU B 232 17.33 -24.41 28.98
C LEU B 232 17.77 -23.01 28.54
N VAL B 233 17.40 -22.66 27.29
CA VAL B 233 17.75 -21.38 26.71
C VAL B 233 17.04 -20.19 27.38
N ASN B 234 17.84 -19.20 27.79
CA ASN B 234 17.35 -17.99 28.43
C ASN B 234 17.12 -16.92 27.36
N PRO B 235 15.86 -16.59 27.07
CA PRO B 235 15.51 -15.58 26.05
C PRO B 235 16.27 -14.25 26.10
N GLU B 236 16.14 -13.54 27.21
CA GLU B 236 16.81 -12.24 27.37
C GLU B 236 18.32 -12.37 27.19
N GLU B 237 18.87 -13.48 27.67
CA GLU B 237 20.30 -13.72 27.57
C GLU B 237 20.72 -13.85 26.11
N LEU B 238 19.96 -14.60 25.33
CA LEU B 238 20.32 -14.77 23.93
C LEU B 238 19.93 -13.55 23.09
N LYS B 239 18.93 -12.81 23.55
CA LYS B 239 18.49 -11.61 22.82
C LYS B 239 19.56 -10.54 23.01
N GLN B 240 20.01 -10.39 24.26
CA GLN B 240 21.06 -9.43 24.56
C GLN B 240 22.33 -9.92 23.88
N ASP B 241 22.65 -11.19 24.09
CA ASP B 241 23.82 -11.77 23.48
C ASP B 241 23.80 -11.51 21.99
N ALA B 242 22.70 -11.87 21.34
CA ALA B 242 22.57 -11.68 19.89
C ALA B 242 22.85 -10.25 19.48
N ILE B 243 22.46 -9.31 20.33
CA ILE B 243 22.68 -7.91 20.05
C ILE B 243 24.17 -7.56 20.15
N ASP B 244 24.77 -7.72 21.32
CA ASP B 244 26.19 -7.43 21.48
C ASP B 244 26.90 -8.00 20.26
N ALA B 245 26.52 -9.22 19.88
CA ALA B 245 27.11 -9.85 18.72
C ALA B 245 27.22 -8.80 17.62
N VAL B 246 26.06 -8.40 17.08
CA VAL B 246 25.99 -7.40 16.01
C VAL B 246 26.72 -6.09 16.31
N GLU B 247 26.30 -5.44 17.38
CA GLU B 247 26.87 -4.15 17.76
C GLU B 247 28.37 -4.12 17.97
N GLN B 248 28.95 -5.22 18.44
CA GLN B 248 30.37 -5.25 18.71
C GLN B 248 31.23 -6.01 17.71
N HIS B 249 30.60 -6.81 16.84
CA HIS B 249 31.34 -7.61 15.88
C HIS B 249 30.73 -7.72 14.50
N GLY B 250 29.61 -7.04 14.27
CA GLY B 250 29.02 -7.11 12.96
C GLY B 250 29.99 -6.76 11.82
N ILE B 251 29.85 -7.44 10.70
CA ILE B 251 30.67 -7.17 9.54
C ILE B 251 29.73 -7.18 8.33
N VAL B 252 29.52 -6.02 7.75
CA VAL B 252 28.67 -5.92 6.57
C VAL B 252 29.57 -5.78 5.34
N PHE B 253 29.18 -6.38 4.23
CA PHE B 253 29.97 -6.34 3.00
C PHE B 253 29.16 -5.81 1.82
N ILE B 254 29.38 -4.55 1.48
CA ILE B 254 28.68 -3.91 0.37
C ILE B 254 29.35 -4.11 -0.97
N ASP B 255 28.79 -5.02 -1.76
CA ASP B 255 29.36 -5.28 -3.07
C ASP B 255 28.83 -4.31 -4.12
N GLU B 256 29.61 -4.15 -5.18
CA GLU B 256 29.25 -3.27 -6.30
C GLU B 256 29.01 -1.84 -5.87
N ILE B 257 29.82 -1.35 -4.95
CA ILE B 257 29.69 0.01 -4.46
C ILE B 257 29.98 0.98 -5.60
N ASP B 258 30.83 0.57 -6.52
CA ASP B 258 31.16 1.43 -7.64
C ASP B 258 29.98 1.61 -8.61
N LYS B 259 28.94 0.80 -8.43
CA LYS B 259 27.76 0.91 -9.30
C LYS B 259 26.84 1.99 -8.78
N ILE B 260 27.36 2.83 -7.87
CA ILE B 260 26.60 3.91 -7.29
C ILE B 260 27.24 5.26 -7.57
N CYS B 261 28.43 5.26 -8.14
CA CYS B 261 29.12 6.51 -8.40
C CYS B 261 28.67 7.30 -9.61
N LYS B 262 28.90 8.60 -9.55
CA LYS B 262 28.55 9.56 -10.60
C LYS B 262 27.78 9.03 -11.80
N ARG B 263 28.53 8.60 -12.82
CA ARG B 263 28.01 8.07 -14.08
C ARG B 263 28.14 9.14 -15.17
N GLY B 264 27.11 9.97 -15.32
CA GLY B 264 27.17 11.03 -16.32
C GLY B 264 26.12 10.99 -17.41
N GLU B 265 25.40 9.87 -17.53
CA GLU B 265 24.36 9.72 -18.55
C GLU B 265 23.07 10.41 -18.11
N SER B 266 23.10 11.05 -16.95
CA SER B 266 21.93 11.74 -16.42
C SER B 266 22.31 12.69 -15.28
N SER B 267 21.30 13.10 -14.53
CA SER B 267 21.48 13.99 -13.38
C SER B 267 20.67 13.45 -12.21
N GLY B 268 19.39 13.23 -12.44
CA GLY B 268 18.53 12.71 -11.38
C GLY B 268 18.92 11.28 -10.99
N PRO B 269 18.64 10.29 -11.86
CA PRO B 269 18.97 8.89 -11.61
C PRO B 269 20.40 8.66 -11.11
N ASP B 270 21.32 9.54 -11.48
CA ASP B 270 22.70 9.42 -11.03
C ASP B 270 22.76 9.94 -9.59
N VAL B 271 22.30 11.18 -9.40
CA VAL B 271 22.28 11.76 -8.06
C VAL B 271 21.23 10.95 -7.28
N SER B 272 20.71 9.93 -7.94
CA SER B 272 19.74 9.02 -7.36
C SER B 272 20.54 7.77 -6.94
N ARG B 273 21.61 7.48 -7.68
CA ARG B 273 22.48 6.36 -7.32
C ARG B 273 23.13 6.90 -6.04
N GLU B 274 23.59 8.14 -6.13
CA GLU B 274 24.20 8.83 -5.00
C GLU B 274 23.25 8.72 -3.83
N GLY B 275 21.96 8.78 -4.13
CA GLY B 275 20.96 8.65 -3.10
C GLY B 275 21.29 7.42 -2.29
N VAL B 276 21.59 6.32 -2.96
CA VAL B 276 21.93 5.11 -2.23
C VAL B 276 23.11 5.35 -1.31
N GLN B 277 24.08 6.14 -1.77
CA GLN B 277 25.23 6.47 -0.94
C GLN B 277 24.79 7.29 0.29
N ARG B 278 23.86 8.22 0.08
CA ARG B 278 23.39 9.01 1.19
C ARG B 278 22.68 8.10 2.19
N ASP B 279 21.75 7.31 1.69
CA ASP B 279 20.99 6.41 2.55
C ASP B 279 21.87 5.51 3.41
N LEU B 280 23.02 5.10 2.88
CA LEU B 280 23.95 4.24 3.62
C LEU B 280 24.71 4.99 4.69
N LEU B 281 24.84 6.30 4.49
CA LEU B 281 25.59 7.10 5.44
C LEU B 281 25.29 6.84 6.88
N PRO B 282 24.00 6.85 7.29
CA PRO B 282 23.68 6.63 8.70
C PRO B 282 24.34 5.40 9.33
N LEU B 283 24.39 4.31 8.56
CA LEU B 283 24.99 3.06 9.00
C LEU B 283 26.49 3.17 9.23
N VAL B 284 27.18 3.80 8.29
CA VAL B 284 28.62 3.93 8.40
C VAL B 284 29.11 5.04 9.31
N GLU B 285 28.25 5.99 9.63
CA GLU B 285 28.62 7.10 10.51
C GLU B 285 28.15 6.82 11.93
N GLY B 286 27.30 5.81 12.08
CA GLY B 286 26.79 5.49 13.39
C GLY B 286 25.36 5.97 13.54
N CYS B 287 24.46 5.03 13.80
CA CYS B 287 23.07 5.38 13.98
C CYS B 287 22.40 4.21 14.66
N THR B 288 21.11 4.36 14.92
CA THR B 288 20.34 3.32 15.58
C THR B 288 19.21 2.84 14.66
N VAL B 289 19.00 1.53 14.59
CA VAL B 289 17.92 1.02 13.78
C VAL B 289 17.12 0.02 14.63
N SER B 290 15.80 0.04 14.47
CA SER B 290 14.93 -0.84 15.25
C SER B 290 14.70 -2.16 14.54
N THR B 291 14.87 -3.25 15.28
CA THR B 291 14.69 -4.61 14.75
C THR B 291 13.84 -5.47 15.69
N LYS B 292 13.23 -6.50 15.13
CA LYS B 292 12.40 -7.45 15.88
C LYS B 292 13.05 -7.79 17.21
N HIS B 293 14.35 -8.05 17.15
CA HIS B 293 15.11 -8.44 18.30
C HIS B 293 15.55 -7.25 19.17
N GLY B 294 15.06 -6.07 18.85
CA GLY B 294 15.43 -4.91 19.65
C GLY B 294 16.11 -3.79 18.89
N MET B 295 16.67 -2.82 19.62
CA MET B 295 17.38 -1.68 19.03
C MET B 295 18.85 -2.01 18.81
N VAL B 296 19.32 -1.76 17.59
CA VAL B 296 20.71 -2.04 17.24
C VAL B 296 21.49 -0.79 16.86
N LYS B 297 22.69 -0.63 17.46
CA LYS B 297 23.56 0.51 17.20
C LYS B 297 24.65 0.11 16.19
N THR B 298 24.80 0.88 15.12
CA THR B 298 25.77 0.54 14.08
C THR B 298 27.17 1.07 14.24
N ASP B 299 27.38 1.98 15.19
CA ASP B 299 28.68 2.60 15.44
C ASP B 299 29.91 1.71 15.36
N HIS B 300 29.78 0.44 15.71
CA HIS B 300 30.97 -0.40 15.65
C HIS B 300 30.94 -1.55 14.64
N ILE B 301 30.02 -1.47 13.68
CA ILE B 301 29.97 -2.49 12.67
C ILE B 301 31.08 -2.15 11.68
N LEU B 302 31.78 -3.16 11.20
CA LEU B 302 32.85 -2.96 10.24
C LEU B 302 32.28 -3.10 8.84
N PHE B 303 32.63 -2.14 7.98
CA PHE B 303 32.15 -2.16 6.63
C PHE B 303 33.21 -2.44 5.60
N ILE B 304 32.91 -3.41 4.75
CA ILE B 304 33.79 -3.78 3.67
C ILE B 304 33.02 -3.58 2.36
N ALA B 305 33.19 -2.40 1.78
CA ALA B 305 32.58 -2.04 0.50
C ALA B 305 33.52 -2.59 -0.56
N SER B 306 32.97 -3.16 -1.62
CA SER B 306 33.81 -3.72 -2.68
C SER B 306 33.51 -3.05 -3.98
N GLY B 307 34.36 -3.26 -4.98
CA GLY B 307 34.15 -2.62 -6.27
C GLY B 307 35.27 -2.83 -7.27
N ALA B 308 34.92 -2.87 -8.55
CA ALA B 308 35.86 -3.06 -9.66
C ALA B 308 36.42 -1.71 -10.10
N PHE B 309 35.63 -0.69 -9.85
CA PHE B 309 35.99 0.68 -10.19
C PHE B 309 36.68 0.88 -11.52
N GLN B 310 36.13 0.22 -12.55
CA GLN B 310 36.65 0.35 -13.90
C GLN B 310 36.13 1.65 -14.52
N ILE B 311 34.86 1.97 -14.26
CA ILE B 311 34.25 3.20 -14.78
C ILE B 311 34.48 4.37 -13.82
N ALA B 312 34.01 4.26 -12.59
CA ALA B 312 34.18 5.33 -11.61
C ALA B 312 35.40 5.14 -10.72
N LYS B 313 35.68 6.14 -9.90
CA LYS B 313 36.83 6.07 -9.02
C LYS B 313 36.39 6.23 -7.57
N PRO B 314 37.15 5.64 -6.64
CA PRO B 314 36.77 5.78 -5.24
C PRO B 314 36.59 7.25 -4.91
N SER B 315 37.21 8.12 -5.69
CA SER B 315 37.09 9.57 -5.51
C SER B 315 35.72 10.09 -5.97
N ASP B 316 34.97 9.22 -6.65
CA ASP B 316 33.66 9.60 -7.13
C ASP B 316 32.58 9.38 -6.09
N LEU B 317 32.93 8.74 -4.98
CA LEU B 317 31.97 8.50 -3.92
C LEU B 317 31.61 9.86 -3.32
N ILE B 318 30.60 9.93 -2.48
CA ILE B 318 30.27 11.21 -1.85
C ILE B 318 31.34 11.39 -0.76
N PRO B 319 31.77 12.62 -0.52
CA PRO B 319 32.80 12.83 0.50
C PRO B 319 32.61 12.09 1.83
N GLU B 320 31.43 12.23 2.42
CA GLU B 320 31.17 11.59 3.70
C GLU B 320 31.51 10.10 3.70
N LEU B 321 31.23 9.43 2.59
CA LEU B 321 31.50 8.01 2.46
C LEU B 321 33.01 7.78 2.34
N GLN B 322 33.68 8.58 1.50
CA GLN B 322 35.13 8.47 1.34
C GLN B 322 35.73 8.65 2.72
N GLY B 323 35.15 9.53 3.51
CA GLY B 323 35.66 9.76 4.85
C GLY B 323 35.51 8.51 5.69
N ARG B 324 34.39 7.80 5.54
CA ARG B 324 34.16 6.59 6.32
C ARG B 324 34.76 5.30 5.77
N LEU B 325 35.59 5.39 4.75
CA LEU B 325 36.22 4.20 4.22
C LEU B 325 37.74 4.40 4.23
N PRO B 326 38.30 4.69 5.40
CA PRO B 326 39.74 4.93 5.60
C PRO B 326 40.69 4.03 4.85
N ILE B 327 40.57 2.73 5.07
CA ILE B 327 41.46 1.74 4.44
C ILE B 327 41.08 1.40 2.98
N ARG B 328 42.05 1.50 2.08
CA ARG B 328 41.83 1.19 0.67
C ARG B 328 42.84 0.13 0.27
N VAL B 329 42.40 -0.85 -0.49
CA VAL B 329 43.29 -1.91 -0.94
C VAL B 329 42.84 -2.39 -2.29
N GLU B 330 43.80 -2.71 -3.14
CA GLU B 330 43.50 -3.20 -4.47
C GLU B 330 43.87 -4.67 -4.56
N LEU B 331 42.92 -5.50 -4.97
CA LEU B 331 43.19 -6.91 -5.13
C LEU B 331 43.61 -7.08 -6.58
N GLN B 332 44.43 -8.07 -6.88
CA GLN B 332 44.89 -8.24 -8.25
C GLN B 332 44.30 -9.42 -9.01
N ALA B 333 44.26 -9.31 -10.33
CA ALA B 333 43.76 -10.39 -11.17
C ALA B 333 44.51 -11.68 -10.84
N LEU B 334 43.87 -12.82 -11.03
CA LEU B 334 44.51 -14.08 -10.75
C LEU B 334 45.23 -14.54 -12.01
N THR B 335 46.19 -15.43 -11.80
CA THR B 335 46.99 -15.95 -12.88
C THR B 335 46.79 -17.45 -12.96
N THR B 336 47.16 -18.03 -14.10
CA THR B 336 46.98 -19.47 -14.28
C THR B 336 47.61 -20.28 -13.13
N SER B 337 48.76 -19.84 -12.64
CA SER B 337 49.39 -20.58 -11.54
C SER B 337 48.42 -20.56 -10.37
N ASP B 338 47.82 -19.38 -10.17
CA ASP B 338 46.85 -19.12 -9.11
C ASP B 338 45.67 -20.06 -9.21
N PHE B 339 45.22 -20.28 -10.43
CA PHE B 339 44.11 -21.18 -10.65
C PHE B 339 44.52 -22.61 -10.24
N GLU B 340 45.71 -23.04 -10.63
CA GLU B 340 46.13 -24.39 -10.26
C GLU B 340 46.11 -24.46 -8.74
N ARG B 341 46.73 -23.47 -8.08
CA ARG B 341 46.75 -23.46 -6.63
C ARG B 341 45.33 -23.47 -6.11
N ILE B 342 44.55 -22.47 -6.49
CA ILE B 342 43.16 -22.40 -6.06
C ILE B 342 42.49 -23.77 -6.19
N LEU B 343 42.85 -24.50 -7.23
CA LEU B 343 42.27 -25.81 -7.50
C LEU B 343 42.44 -26.88 -6.41
N THR B 344 43.59 -26.90 -5.76
CA THR B 344 43.86 -27.94 -4.78
C THR B 344 44.33 -27.52 -3.39
N GLU B 345 45.09 -26.43 -3.34
CA GLU B 345 45.61 -25.96 -2.07
C GLU B 345 44.61 -25.47 -1.01
N PRO B 346 43.67 -24.57 -1.36
CA PRO B 346 42.74 -24.15 -0.30
C PRO B 346 42.25 -25.37 0.46
N ASN B 347 41.69 -25.17 1.64
CA ASN B 347 41.21 -26.30 2.41
C ASN B 347 40.19 -27.16 1.65
N ALA B 348 38.91 -26.92 1.84
CA ALA B 348 37.94 -27.75 1.13
C ALA B 348 37.95 -27.42 -0.36
N SER B 349 39.11 -27.57 -1.01
CA SER B 349 39.21 -27.22 -2.43
C SER B 349 38.20 -27.98 -3.25
N ILE B 350 37.78 -27.38 -4.35
CA ILE B 350 36.79 -28.02 -5.22
C ILE B 350 37.28 -29.41 -5.58
N THR B 351 38.60 -29.56 -5.75
CA THR B 351 39.18 -30.86 -6.05
C THR B 351 38.87 -31.83 -4.92
N VAL B 352 39.29 -31.46 -3.72
CA VAL B 352 39.08 -32.29 -2.58
C VAL B 352 37.61 -32.55 -2.38
N GLN B 353 36.78 -31.59 -2.78
CA GLN B 353 35.34 -31.71 -2.66
C GLN B 353 34.80 -32.68 -3.69
N TYR B 354 35.42 -32.69 -4.85
CA TYR B 354 34.97 -33.58 -5.88
C TYR B 354 35.30 -34.96 -5.36
N LYS B 355 36.57 -35.15 -5.03
CA LYS B 355 37.03 -36.42 -4.52
C LYS B 355 36.11 -36.93 -3.41
N ALA B 356 35.72 -36.06 -2.49
CA ALA B 356 34.85 -36.46 -1.39
C ALA B 356 33.56 -37.05 -1.92
N LEU B 357 32.83 -36.27 -2.70
CA LEU B 357 31.58 -36.75 -3.25
C LEU B 357 31.73 -38.09 -3.95
N MET B 358 32.65 -38.17 -4.91
CA MET B 358 32.90 -39.42 -5.64
C MET B 358 33.14 -40.64 -4.72
N ALA B 359 33.86 -40.39 -3.62
CA ALA B 359 34.17 -41.43 -2.67
C ALA B 359 32.86 -41.99 -2.15
N THR B 360 31.85 -41.14 -2.03
CA THR B 360 30.57 -41.58 -1.54
C THR B 360 30.07 -42.71 -2.45
N GLU B 361 30.44 -42.66 -3.72
CA GLU B 361 30.02 -43.67 -4.69
C GLU B 361 31.04 -44.79 -4.76
N GLY B 362 31.97 -44.81 -3.81
CA GLY B 362 32.97 -45.85 -3.80
C GLY B 362 34.04 -45.70 -4.87
N VAL B 363 34.09 -44.54 -5.51
CA VAL B 363 35.08 -44.28 -6.54
C VAL B 363 36.25 -43.46 -6.00
N ASN B 364 37.45 -43.78 -6.47
CA ASN B 364 38.63 -43.05 -6.04
C ASN B 364 39.22 -42.20 -7.16
N ILE B 365 38.94 -40.90 -7.14
CA ILE B 365 39.46 -40.00 -8.16
C ILE B 365 40.84 -39.45 -7.73
N GLU B 366 41.71 -39.24 -8.70
CA GLU B 366 43.02 -38.68 -8.42
C GLU B 366 43.38 -37.74 -9.56
N PHE B 367 43.93 -36.57 -9.22
CA PHE B 367 44.29 -35.61 -10.26
C PHE B 367 45.77 -35.52 -10.54
N THR B 368 46.14 -35.76 -11.78
CA THR B 368 47.54 -35.64 -12.18
C THR B 368 47.91 -34.18 -12.00
N ASP B 369 49.16 -33.91 -11.65
CA ASP B 369 49.60 -32.54 -11.47
C ASP B 369 49.37 -31.80 -12.78
N SER B 370 49.69 -32.45 -13.89
CA SER B 370 49.48 -31.83 -15.19
C SER B 370 47.98 -31.74 -15.40
N GLY B 371 47.24 -32.69 -14.84
CA GLY B 371 45.79 -32.66 -14.98
C GLY B 371 45.35 -31.32 -14.41
N ILE B 372 45.78 -31.05 -13.19
CA ILE B 372 45.44 -29.83 -12.50
C ILE B 372 45.86 -28.64 -13.34
N LYS B 373 46.96 -28.80 -14.06
CA LYS B 373 47.48 -27.71 -14.85
C LYS B 373 46.59 -27.41 -16.06
N ARG B 374 46.26 -28.45 -16.82
CA ARG B 374 45.42 -28.31 -18.00
C ARG B 374 44.08 -27.66 -17.66
N ILE B 375 43.56 -27.97 -16.48
CA ILE B 375 42.30 -27.40 -16.06
C ILE B 375 42.42 -25.90 -15.88
N ALA B 376 43.33 -25.48 -15.01
CA ALA B 376 43.52 -24.05 -14.77
C ALA B 376 43.66 -23.37 -16.11
N GLU B 377 44.45 -24.01 -16.98
CA GLU B 377 44.73 -23.51 -18.34
C GLU B 377 43.49 -23.38 -19.20
N ALA B 378 42.61 -24.38 -19.13
CA ALA B 378 41.36 -24.34 -19.90
C ALA B 378 40.58 -23.11 -19.42
N ALA B 379 40.29 -23.05 -18.12
CA ALA B 379 39.55 -21.93 -17.55
C ALA B 379 40.11 -20.60 -18.05
N TRP B 380 41.39 -20.33 -17.75
CA TRP B 380 42.02 -19.09 -18.18
C TRP B 380 41.69 -18.79 -19.63
N GLN B 381 41.93 -19.78 -20.48
CA GLN B 381 41.67 -19.62 -21.89
C GLN B 381 40.28 -19.05 -22.11
N VAL B 382 39.26 -19.73 -21.61
CA VAL B 382 37.89 -19.28 -21.78
C VAL B 382 37.67 -17.87 -21.21
N ASN B 383 38.13 -17.63 -19.99
CA ASN B 383 37.99 -16.31 -19.37
C ASN B 383 38.61 -15.29 -20.29
N GLU B 384 39.65 -15.71 -21.02
CA GLU B 384 40.39 -14.86 -21.92
C GLU B 384 39.73 -14.63 -23.28
N SER B 385 39.10 -15.68 -23.81
CA SER B 385 38.48 -15.64 -25.13
C SER B 385 36.99 -15.33 -25.13
N THR B 386 36.42 -15.08 -23.97
CA THR B 386 34.99 -14.76 -23.89
C THR B 386 34.74 -13.67 -22.85
N GLU B 387 34.30 -14.08 -21.68
CA GLU B 387 34.04 -13.13 -20.61
C GLU B 387 34.93 -13.56 -19.44
N ASN B 388 35.79 -12.65 -18.97
CA ASN B 388 36.65 -13.02 -17.85
C ASN B 388 35.84 -12.97 -16.59
N ILE B 389 35.71 -14.10 -15.92
CA ILE B 389 34.93 -14.13 -14.69
C ILE B 389 35.72 -14.66 -13.51
N GLY B 390 37.03 -14.62 -13.64
CA GLY B 390 37.92 -15.05 -12.58
C GLY B 390 37.96 -16.52 -12.18
N ALA B 391 38.21 -16.76 -10.90
CA ALA B 391 38.30 -18.10 -10.34
C ALA B 391 36.95 -18.83 -10.49
N ARG B 392 35.90 -18.04 -10.73
CA ARG B 392 34.58 -18.58 -10.91
C ARG B 392 34.61 -19.64 -12.01
N ARG B 393 35.27 -19.31 -13.12
CA ARG B 393 35.38 -20.20 -14.26
C ARG B 393 35.75 -21.66 -13.92
N LEU B 394 36.63 -21.83 -12.94
CA LEU B 394 37.09 -23.15 -12.50
C LEU B 394 35.95 -24.10 -12.16
N HIS B 395 34.89 -23.59 -11.57
CA HIS B 395 33.75 -24.43 -11.21
C HIS B 395 33.13 -25.10 -12.44
N THR B 396 32.70 -24.28 -13.39
CA THR B 396 32.07 -24.74 -14.62
C THR B 396 32.96 -25.74 -15.37
N VAL B 397 34.24 -25.43 -15.50
CA VAL B 397 35.14 -26.33 -16.20
C VAL B 397 35.25 -27.65 -15.44
N LEU B 398 35.43 -27.57 -14.13
CA LEU B 398 35.56 -28.76 -13.31
C LEU B 398 34.30 -29.65 -13.40
N GLU B 399 33.11 -29.04 -13.46
CA GLU B 399 31.86 -29.79 -13.55
C GLU B 399 31.70 -30.57 -14.85
N ARG B 400 31.87 -29.86 -15.97
CA ARG B 400 31.79 -30.42 -17.31
C ARG B 400 32.78 -31.60 -17.35
N LEU B 401 34.04 -31.30 -17.08
CA LEU B 401 35.09 -32.30 -17.07
C LEU B 401 34.67 -33.59 -16.43
N MET B 402 34.18 -33.49 -15.21
CA MET B 402 33.81 -34.69 -14.46
C MET B 402 32.36 -35.13 -14.57
N GLU B 403 31.65 -34.73 -15.63
CA GLU B 403 30.25 -35.13 -15.76
C GLU B 403 30.03 -36.61 -16.12
N GLU B 404 30.72 -37.10 -17.14
CA GLU B 404 30.58 -38.50 -17.52
C GLU B 404 30.90 -39.36 -16.32
N ILE B 405 31.93 -38.97 -15.58
CA ILE B 405 32.31 -39.72 -14.38
C ILE B 405 31.20 -39.59 -13.35
N SER B 406 30.81 -38.35 -13.08
CA SER B 406 29.78 -38.10 -12.10
C SER B 406 28.53 -38.90 -12.34
N TYR B 407 28.16 -39.09 -13.61
CA TYR B 407 26.94 -39.84 -13.91
C TYR B 407 27.16 -41.32 -13.69
N ASP B 408 28.32 -41.83 -14.10
CA ASP B 408 28.65 -43.24 -13.88
C ASP B 408 28.76 -43.48 -12.38
N ALA B 409 29.86 -43.00 -11.81
CA ALA B 409 30.15 -43.12 -10.39
C ALA B 409 29.71 -44.45 -9.82
N SER B 410 28.47 -44.49 -9.32
CA SER B 410 27.94 -45.71 -8.75
C SER B 410 28.38 -46.96 -9.48
N ASP B 411 28.31 -46.94 -10.80
CA ASP B 411 28.72 -48.10 -11.58
C ASP B 411 30.24 -48.27 -11.66
N LEU B 412 30.96 -47.56 -10.80
CA LEU B 412 32.43 -47.63 -10.79
C LEU B 412 33.00 -47.85 -9.39
N SER B 413 32.12 -48.16 -8.43
CA SER B 413 32.55 -48.40 -7.06
C SER B 413 33.76 -49.33 -7.04
N GLY B 414 34.75 -49.02 -6.20
CA GLY B 414 35.93 -49.85 -6.11
C GLY B 414 36.96 -49.61 -7.21
N GLN B 415 36.71 -48.63 -8.08
CA GLN B 415 37.65 -48.34 -9.15
C GLN B 415 38.50 -47.11 -8.84
N ASN B 416 39.72 -47.09 -9.37
CA ASN B 416 40.62 -45.96 -9.16
C ASN B 416 40.79 -45.24 -10.48
N ILE B 417 39.94 -44.24 -10.71
CA ILE B 417 39.98 -43.44 -11.93
C ILE B 417 40.95 -42.25 -11.75
N THR B 418 41.89 -42.11 -12.69
CA THR B 418 42.84 -41.01 -12.60
C THR B 418 42.62 -39.96 -13.68
N ILE B 419 42.51 -38.70 -13.27
CA ILE B 419 42.31 -37.60 -14.22
C ILE B 419 43.65 -37.03 -14.65
N ASP B 420 44.24 -37.65 -15.67
CA ASP B 420 45.53 -37.19 -16.17
C ASP B 420 45.30 -36.14 -17.24
N ALA B 421 46.37 -35.51 -17.72
CA ALA B 421 46.22 -34.48 -18.74
C ALA B 421 45.55 -34.99 -20.01
N ASP B 422 45.61 -36.30 -20.25
CA ASP B 422 44.96 -36.81 -21.45
C ASP B 422 43.46 -36.77 -21.25
N TYR B 423 43.02 -37.04 -20.03
CA TYR B 423 41.59 -37.04 -19.76
C TYR B 423 41.04 -35.63 -19.84
N VAL B 424 41.85 -34.66 -19.42
CA VAL B 424 41.44 -33.27 -19.42
C VAL B 424 41.36 -32.64 -20.80
N SER B 425 42.13 -33.17 -21.73
CA SER B 425 42.11 -32.64 -23.09
C SER B 425 41.03 -33.30 -23.89
N LYS B 426 40.86 -34.59 -23.69
CA LYS B 426 39.84 -35.32 -24.42
C LYS B 426 38.45 -34.79 -24.07
N HIS B 427 38.31 -34.25 -22.87
CA HIS B 427 37.02 -33.73 -22.46
C HIS B 427 36.80 -32.21 -22.56
N LEU B 428 37.87 -31.43 -22.79
CA LEU B 428 37.72 -29.97 -22.85
C LEU B 428 38.33 -29.18 -24.01
N ASP B 429 39.37 -29.70 -24.65
CA ASP B 429 40.03 -29.01 -25.76
C ASP B 429 39.09 -28.53 -26.87
N ALA B 430 38.25 -29.43 -27.36
CA ALA B 430 37.31 -29.08 -28.41
C ALA B 430 36.38 -27.99 -27.89
N LEU B 431 35.80 -28.23 -26.72
CA LEU B 431 34.88 -27.27 -26.10
C LEU B 431 35.54 -25.91 -26.01
N VAL B 432 36.69 -25.86 -25.36
CA VAL B 432 37.40 -24.62 -25.20
C VAL B 432 37.62 -23.95 -26.56
N ALA B 433 37.84 -24.79 -27.57
CA ALA B 433 38.08 -24.33 -28.93
C ALA B 433 36.86 -23.64 -29.55
N ASP B 434 35.70 -24.21 -29.31
CA ASP B 434 34.46 -23.67 -29.83
C ASP B 434 34.07 -22.47 -29.00
N GLU B 435 34.45 -21.27 -29.43
CA GLU B 435 34.13 -20.09 -28.66
C GLU B 435 32.64 -19.88 -28.43
N ASP B 436 31.81 -20.33 -29.36
CA ASP B 436 30.38 -20.16 -29.14
C ASP B 436 30.02 -21.07 -27.97
N LEU B 437 30.27 -22.37 -28.14
CA LEU B 437 30.00 -23.34 -27.11
C LEU B 437 30.43 -22.91 -25.72
N SER B 438 31.67 -22.43 -25.61
CA SER B 438 32.20 -22.00 -24.33
C SER B 438 31.30 -20.91 -23.75
N ARG B 439 30.72 -20.09 -24.61
CA ARG B 439 29.82 -19.04 -24.13
C ARG B 439 28.52 -19.62 -23.63
N PHE B 440 28.26 -20.87 -23.99
CA PHE B 440 27.03 -21.53 -23.58
C PHE B 440 27.24 -22.51 -22.45
N ILE B 441 28.29 -23.32 -22.56
CA ILE B 441 28.55 -24.36 -21.58
C ILE B 441 29.65 -24.20 -20.54
N LEU B 442 30.80 -23.65 -20.92
CA LEU B 442 31.84 -23.51 -19.93
C LEU B 442 31.63 -22.20 -19.21
N SER C 1 19.77 -44.41 1.27
CA SER C 1 18.41 -44.76 0.75
C SER C 1 18.01 -43.85 -0.41
N GLU C 2 18.68 -43.98 -1.57
CA GLU C 2 18.39 -43.16 -2.74
C GLU C 2 18.71 -43.82 -4.09
N MET C 3 17.94 -43.46 -5.11
CA MET C 3 18.15 -43.98 -6.45
C MET C 3 19.54 -43.56 -6.93
N THR C 4 19.81 -43.69 -8.21
CA THR C 4 21.10 -43.31 -8.75
C THR C 4 20.95 -42.62 -10.09
N PRO C 5 22.06 -42.04 -10.59
CA PRO C 5 22.08 -41.33 -11.88
C PRO C 5 21.18 -42.02 -12.90
N ARG C 6 21.55 -43.24 -13.26
CA ARG C 6 20.79 -44.01 -14.24
C ARG C 6 19.37 -44.29 -13.78
N GLU C 7 19.23 -44.89 -12.60
CA GLU C 7 17.90 -45.21 -12.07
C GLU C 7 16.95 -44.02 -12.14
N ILE C 8 17.51 -42.82 -12.02
CA ILE C 8 16.70 -41.62 -12.08
C ILE C 8 16.22 -41.36 -13.49
N VAL C 9 17.15 -41.42 -14.44
CA VAL C 9 16.83 -41.18 -15.84
C VAL C 9 15.72 -42.14 -16.29
N SER C 10 15.70 -43.34 -15.71
CA SER C 10 14.66 -44.31 -16.04
C SER C 10 13.29 -43.75 -15.68
N GLU C 11 13.17 -43.28 -14.43
CA GLU C 11 11.92 -42.72 -13.94
C GLU C 11 11.46 -41.58 -14.81
N LEU C 12 12.42 -40.73 -15.16
CA LEU C 12 12.12 -39.58 -16.00
C LEU C 12 11.79 -40.07 -17.41
N ASP C 13 12.32 -41.23 -17.76
CA ASP C 13 12.08 -41.81 -19.06
C ASP C 13 10.64 -42.29 -19.16
N LYS C 14 9.99 -42.42 -18.01
CA LYS C 14 8.61 -42.87 -17.96
C LYS C 14 7.61 -41.74 -18.13
N HIS C 15 8.08 -40.52 -18.38
CA HIS C 15 7.19 -39.37 -18.53
C HIS C 15 7.61 -38.35 -19.57
N ILE C 16 8.92 -38.22 -19.77
CA ILE C 16 9.48 -37.27 -20.72
C ILE C 16 9.94 -38.05 -21.94
N ILE C 17 9.90 -37.42 -23.11
CA ILE C 17 10.32 -38.05 -24.36
C ILE C 17 11.57 -37.36 -24.83
N GLY C 18 12.62 -38.13 -25.06
CA GLY C 18 13.87 -37.56 -25.53
C GLY C 18 14.53 -36.75 -24.44
N GLN C 19 15.40 -35.83 -24.83
CA GLN C 19 16.09 -34.96 -23.89
C GLN C 19 16.86 -35.75 -22.84
N ASP C 20 17.50 -36.82 -23.29
CA ASP C 20 18.28 -37.67 -22.40
C ASP C 20 19.33 -36.86 -21.64
N ASN C 21 20.10 -36.06 -22.38
CA ASN C 21 21.12 -35.23 -21.76
C ASN C 21 20.51 -34.53 -20.56
N ALA C 22 19.58 -33.62 -20.82
CA ALA C 22 18.94 -32.92 -19.72
C ALA C 22 18.62 -33.86 -18.56
N LYS C 23 18.14 -35.05 -18.88
CA LYS C 23 17.77 -36.01 -17.85
C LYS C 23 18.98 -36.36 -17.03
N ARG C 24 20.06 -36.74 -17.72
CA ARG C 24 21.30 -37.12 -17.06
C ARG C 24 21.72 -36.00 -16.10
N SER C 25 21.48 -34.75 -16.49
CA SER C 25 21.85 -33.63 -15.65
C SER C 25 21.00 -33.48 -14.39
N VAL C 26 19.68 -33.48 -14.54
CA VAL C 26 18.84 -33.37 -13.36
C VAL C 26 19.08 -34.62 -12.55
N ALA C 27 19.47 -35.70 -13.21
CA ALA C 27 19.77 -36.95 -12.52
C ALA C 27 20.91 -36.68 -11.57
N ILE C 28 22.06 -36.32 -12.11
CA ILE C 28 23.20 -36.03 -11.27
C ILE C 28 22.85 -35.10 -10.09
N ALA C 29 22.35 -33.90 -10.41
CA ALA C 29 22.00 -32.93 -9.38
C ALA C 29 21.29 -33.60 -8.22
N LEU C 30 20.22 -34.31 -8.54
CA LEU C 30 19.42 -35.01 -7.56
C LEU C 30 20.27 -36.01 -6.78
N ARG C 31 21.23 -36.62 -7.44
CA ARG C 31 22.08 -37.60 -6.78
C ARG C 31 23.05 -36.93 -5.83
N ASN C 32 23.61 -35.79 -6.23
CA ASN C 32 24.56 -35.08 -5.39
C ASN C 32 23.92 -34.68 -4.08
N ARG C 33 22.60 -34.77 -4.01
CA ARG C 33 21.90 -34.47 -2.77
C ARG C 33 22.40 -35.60 -1.84
N TRP C 34 22.07 -36.83 -2.24
CA TRP C 34 22.44 -38.01 -1.50
C TRP C 34 23.96 -38.18 -1.35
N ARG C 35 24.73 -37.38 -2.08
CA ARG C 35 26.17 -37.53 -1.98
C ARG C 35 26.72 -36.64 -0.86
N ARG C 36 26.25 -35.40 -0.83
CA ARG C 36 26.68 -34.45 0.19
C ARG C 36 26.26 -35.02 1.54
N MET C 37 24.96 -35.20 1.74
CA MET C 37 24.46 -35.75 3.00
C MET C 37 25.04 -37.16 3.01
N GLN C 38 26.33 -37.24 3.28
CA GLN C 38 27.03 -38.52 3.28
C GLN C 38 28.51 -38.19 3.47
N LEU C 39 28.79 -36.93 3.79
CA LEU C 39 30.16 -36.49 3.98
C LEU C 39 30.41 -35.97 5.38
N ASN C 40 31.68 -35.67 5.70
CA ASN C 40 32.02 -35.14 7.00
C ASN C 40 31.26 -33.84 7.21
N GLU C 41 31.24 -33.36 8.43
CA GLU C 41 30.55 -32.12 8.76
C GLU C 41 31.19 -30.88 8.14
N GLU C 42 32.52 -30.89 8.00
CA GLU C 42 33.26 -29.75 7.45
C GLU C 42 33.00 -29.51 5.96
N LEU C 43 32.58 -30.56 5.26
CA LEU C 43 32.32 -30.45 3.84
C LEU C 43 30.87 -30.08 3.57
N ARG C 44 29.95 -30.79 4.24
CA ARG C 44 28.53 -30.54 4.06
C ARG C 44 28.29 -29.04 3.84
N HIS C 45 29.06 -28.22 4.55
CA HIS C 45 28.95 -26.77 4.45
C HIS C 45 29.66 -26.24 3.23
N GLU C 46 30.87 -26.73 2.99
CA GLU C 46 31.64 -26.28 1.85
C GLU C 46 31.01 -26.59 0.50
N VAL C 47 30.44 -27.77 0.32
CA VAL C 47 29.84 -28.09 -0.97
C VAL C 47 28.45 -27.52 -1.13
N THR C 48 28.29 -26.73 -2.18
CA THR C 48 27.01 -26.09 -2.49
C THR C 48 26.33 -26.79 -3.66
N PRO C 49 25.01 -26.65 -3.77
CA PRO C 49 24.27 -27.30 -4.86
C PRO C 49 24.85 -27.02 -6.23
N LYS C 50 24.78 -28.03 -7.09
CA LYS C 50 25.28 -27.86 -8.44
C LYS C 50 24.08 -27.42 -9.25
N ASN C 51 23.86 -26.12 -9.29
CA ASN C 51 22.73 -25.61 -10.05
C ASN C 51 22.91 -25.89 -11.53
N ILE C 52 21.77 -26.18 -12.18
CA ILE C 52 21.74 -26.49 -13.59
C ILE C 52 21.08 -25.33 -14.32
N LEU C 53 21.57 -25.05 -15.53
CA LEU C 53 21.01 -24.02 -16.39
C LEU C 53 20.63 -24.72 -17.70
N MET C 54 19.34 -24.84 -17.99
CA MET C 54 18.86 -25.51 -19.20
C MET C 54 18.76 -24.53 -20.38
N ILE C 55 19.22 -24.95 -21.55
CA ILE C 55 19.18 -24.10 -22.74
C ILE C 55 18.39 -24.78 -23.85
N GLY C 56 17.22 -24.24 -24.19
CA GLY C 56 16.43 -24.82 -25.25
C GLY C 56 15.24 -23.99 -25.71
N PRO C 57 14.51 -24.42 -26.76
CA PRO C 57 13.36 -23.68 -27.27
C PRO C 57 12.13 -24.14 -26.50
N THR C 58 10.99 -23.45 -26.64
CA THR C 58 9.79 -23.88 -25.90
C THR C 58 9.22 -25.20 -26.38
N GLY C 59 8.23 -25.70 -25.64
CA GLY C 59 7.58 -26.92 -25.99
C GLY C 59 8.43 -28.16 -26.08
N VAL C 60 9.66 -28.14 -25.59
CA VAL C 60 10.47 -29.33 -25.70
C VAL C 60 10.68 -30.16 -24.43
N GLY C 61 10.10 -29.75 -23.31
CA GLY C 61 10.22 -30.53 -22.09
C GLY C 61 10.92 -29.99 -20.84
N LYS C 62 11.67 -28.90 -20.99
CA LYS C 62 12.38 -28.26 -19.89
C LYS C 62 11.63 -28.36 -18.57
N THR C 63 10.68 -27.45 -18.37
CA THR C 63 9.87 -27.40 -17.15
C THR C 63 9.31 -28.76 -16.70
N GLU C 64 8.81 -29.58 -17.63
CA GLU C 64 8.26 -30.88 -17.22
C GLU C 64 9.33 -31.70 -16.50
N ILE C 65 10.51 -31.73 -17.10
CA ILE C 65 11.61 -32.48 -16.53
C ILE C 65 11.88 -32.05 -15.09
N ALA C 66 11.70 -30.76 -14.78
CA ALA C 66 11.92 -30.27 -13.42
C ALA C 66 10.75 -30.73 -12.55
N ARG C 67 9.51 -30.54 -13.00
CA ARG C 67 8.34 -30.99 -12.24
C ARG C 67 8.57 -32.46 -11.86
N ARG C 68 8.75 -33.28 -12.90
CA ARG C 68 8.98 -34.70 -12.76
C ARG C 68 10.10 -34.98 -11.79
N LEU C 69 11.17 -34.19 -11.86
CA LEU C 69 12.32 -34.37 -10.97
C LEU C 69 11.88 -34.09 -9.52
N ALA C 70 11.38 -32.89 -9.26
CA ALA C 70 10.95 -32.58 -7.90
C ALA C 70 9.93 -33.64 -7.48
N LYS C 71 9.05 -34.01 -8.39
CA LYS C 71 8.04 -35.01 -8.08
C LYS C 71 8.76 -36.29 -7.68
N LEU C 72 9.65 -36.73 -8.55
CA LEU C 72 10.43 -37.94 -8.32
C LEU C 72 11.07 -38.02 -6.94
N ALA C 73 11.15 -36.89 -6.25
CA ALA C 73 11.74 -36.87 -4.91
C ALA C 73 10.83 -36.10 -3.97
N ASN C 74 9.55 -36.08 -4.29
CA ASN C 74 8.55 -35.35 -3.51
C ASN C 74 9.28 -34.22 -2.80
N ALA C 75 9.85 -33.33 -3.61
CA ALA C 75 10.59 -32.18 -3.13
C ALA C 75 9.77 -30.92 -3.38
N PRO C 76 9.83 -29.96 -2.43
CA PRO C 76 9.05 -28.75 -2.68
C PRO C 76 9.54 -28.17 -4.02
N PHE C 77 8.59 -27.77 -4.86
CA PHE C 77 8.92 -27.21 -6.18
C PHE C 77 8.21 -25.87 -6.42
N ILE C 78 8.74 -25.07 -7.34
CA ILE C 78 8.17 -23.78 -7.67
C ILE C 78 8.74 -23.32 -9.01
N LYS C 79 7.90 -22.71 -9.84
CA LYS C 79 8.35 -22.21 -11.13
C LYS C 79 8.05 -20.72 -11.20
N VAL C 80 9.05 -19.93 -11.54
CA VAL C 80 8.86 -18.50 -11.61
C VAL C 80 9.40 -17.99 -12.94
N GLU C 81 8.99 -16.80 -13.34
CA GLU C 81 9.48 -16.24 -14.58
C GLU C 81 10.42 -15.11 -14.20
N ALA C 82 11.65 -15.17 -14.68
CA ALA C 82 12.63 -14.15 -14.36
C ALA C 82 12.04 -12.76 -14.54
N THR C 83 11.35 -12.56 -15.65
CA THR C 83 10.73 -11.27 -15.99
C THR C 83 9.63 -10.82 -15.04
N LYS C 84 9.06 -11.73 -14.27
CA LYS C 84 8.02 -11.33 -13.34
C LYS C 84 8.55 -10.25 -12.43
N PHE C 85 9.83 -10.33 -12.09
CA PHE C 85 10.44 -9.34 -11.22
C PHE C 85 11.10 -8.21 -12.00
N THR C 86 10.77 -8.10 -13.28
CA THR C 86 11.34 -7.04 -14.11
C THR C 86 10.39 -5.84 -14.12
N GLU C 87 9.15 -6.07 -13.68
CA GLU C 87 8.14 -5.02 -13.63
C GLU C 87 8.54 -3.92 -12.64
N VAL C 88 9.83 -3.84 -12.36
CA VAL C 88 10.39 -2.85 -11.44
C VAL C 88 10.41 -1.45 -12.05
N GLY C 89 10.08 -1.36 -13.33
CA GLY C 89 10.07 -0.08 -13.99
C GLY C 89 9.21 0.92 -13.24
N TYR C 90 8.08 0.45 -12.72
CA TYR C 90 7.17 1.29 -11.96
C TYR C 90 6.42 0.48 -10.89
N VAL C 91 6.11 -0.77 -11.21
CA VAL C 91 5.40 -1.67 -10.30
C VAL C 91 6.33 -2.19 -9.19
N GLY C 92 6.10 -3.42 -8.76
CA GLY C 92 6.94 -3.98 -7.72
C GLY C 92 6.60 -5.40 -7.26
N LYS C 93 7.55 -6.31 -7.49
CA LYS C 93 7.43 -7.71 -7.09
C LYS C 93 8.85 -8.11 -6.66
N GLU C 94 9.00 -8.60 -5.43
CA GLU C 94 10.32 -8.95 -4.95
C GLU C 94 10.67 -10.42 -4.76
N VAL C 95 11.89 -10.74 -5.18
CA VAL C 95 12.43 -12.10 -5.14
C VAL C 95 12.13 -12.93 -3.92
N ASP C 96 12.08 -12.30 -2.73
CA ASP C 96 11.80 -13.02 -1.48
C ASP C 96 10.58 -13.92 -1.68
N SER C 97 9.65 -13.43 -2.50
CA SER C 97 8.42 -14.15 -2.81
C SER C 97 8.71 -15.57 -3.27
N ILE C 98 9.77 -15.73 -4.04
CA ILE C 98 10.12 -17.05 -4.54
C ILE C 98 10.19 -18.03 -3.40
N ILE C 99 11.16 -17.86 -2.50
CA ILE C 99 11.30 -18.78 -1.39
C ILE C 99 10.01 -18.77 -0.59
N ARG C 100 9.47 -17.57 -0.36
CA ARG C 100 8.23 -17.41 0.39
C ARG C 100 7.20 -18.42 -0.15
N ASP C 101 7.02 -18.40 -1.47
CA ASP C 101 6.09 -19.31 -2.14
C ASP C 101 6.53 -20.76 -1.95
N LEU C 102 7.83 -21.01 -2.13
CA LEU C 102 8.36 -22.36 -2.02
C LEU C 102 7.90 -23.01 -0.73
N THR C 103 8.11 -22.33 0.39
CA THR C 103 7.72 -22.88 1.68
C THR C 103 6.25 -23.26 1.64
N ASP C 104 5.39 -22.29 1.33
CA ASP C 104 3.96 -22.57 1.25
C ASP C 104 3.81 -23.93 0.57
N ALA C 105 4.35 -24.00 -0.64
CA ALA C 105 4.32 -25.22 -1.43
C ALA C 105 4.67 -26.42 -0.58
N ALA C 106 5.70 -26.27 0.26
CA ALA C 106 6.16 -27.33 1.14
C ALA C 106 5.14 -27.68 2.23
N VAL C 107 4.56 -26.64 2.83
CA VAL C 107 3.57 -26.85 3.89
C VAL C 107 2.36 -27.60 3.33
N LYS C 108 2.12 -27.42 2.03
CA LYS C 108 1.02 -28.11 1.37
C LYS C 108 1.51 -29.51 1.08
N MET C 109 2.80 -29.63 0.80
CA MET C 109 3.42 -30.92 0.53
C MET C 109 3.18 -31.76 1.76
N VAL C 110 3.84 -31.36 2.84
CA VAL C 110 3.77 -32.04 4.13
C VAL C 110 2.32 -32.22 4.61
N ARG C 111 1.50 -31.18 4.44
CA ARG C 111 0.09 -31.25 4.85
C ARG C 111 -0.52 -32.45 4.14
N VAL C 112 -0.81 -32.28 2.85
CA VAL C 112 -1.38 -33.37 2.06
C VAL C 112 -0.67 -34.69 2.34
N GLN C 113 0.60 -34.61 2.74
CA GLN C 113 1.41 -35.79 3.03
C GLN C 113 0.82 -36.60 4.19
N ALA C 114 0.26 -35.91 5.18
CA ALA C 114 -0.33 -36.59 6.34
C ALA C 114 -1.73 -37.10 6.00
N ILE C 115 -2.53 -36.25 5.38
CA ILE C 115 -3.89 -36.60 4.99
C ILE C 115 -3.92 -37.93 4.24
N GLU C 116 -3.55 -37.90 2.96
CA GLU C 116 -3.54 -39.11 2.12
C GLU C 116 -2.87 -40.30 2.80
N LYS C 117 -2.14 -40.03 3.88
CA LYS C 117 -1.45 -41.07 4.62
C LYS C 117 -2.46 -41.94 5.37
N ASN C 118 -3.34 -41.28 6.13
CA ASN C 118 -4.37 -41.99 6.90
C ASN C 118 -5.78 -41.50 6.56
N ARG C 119 -6.00 -41.13 5.30
CA ARG C 119 -7.32 -40.66 4.86
C ARG C 119 -8.34 -41.75 5.11
N TYR C 120 -7.89 -43.00 4.98
CA TYR C 120 -8.76 -44.14 5.19
C TYR C 120 -9.31 -44.07 6.61
N ARG C 121 -8.41 -44.11 7.59
CA ARG C 121 -8.79 -44.04 9.01
C ARG C 121 -9.91 -43.02 9.22
N ALA C 122 -9.77 -41.85 8.61
CA ALA C 122 -10.76 -40.77 8.73
C ALA C 122 -12.10 -41.23 8.19
N GLU C 123 -12.14 -41.53 6.89
CA GLU C 123 -13.35 -41.98 6.22
C GLU C 123 -14.00 -43.09 7.04
N GLU C 124 -13.15 -43.98 7.55
CA GLU C 124 -13.59 -45.11 8.36
C GLU C 124 -14.36 -44.57 9.56
N LEU C 125 -13.66 -43.81 10.39
CA LEU C 125 -14.27 -43.23 11.59
C LEU C 125 -15.48 -42.37 11.22
N ALA C 126 -15.40 -41.73 10.06
CA ALA C 126 -16.48 -40.88 9.57
C ALA C 126 -17.74 -41.71 9.34
N GLU C 127 -17.58 -42.85 8.66
CA GLU C 127 -18.71 -43.72 8.39
C GLU C 127 -19.00 -44.62 9.58
N GLU C 128 -18.12 -44.56 10.57
CA GLU C 128 -18.27 -45.35 11.79
C GLU C 128 -19.15 -44.56 12.76
N ARG C 129 -19.37 -43.30 12.43
CA ARG C 129 -20.19 -42.42 13.27
C ARG C 129 -21.54 -42.15 12.60
N ILE C 130 -21.66 -42.55 11.34
CA ILE C 130 -22.91 -42.37 10.60
C ILE C 130 -23.81 -43.57 10.82
N LEU C 131 -23.21 -44.68 11.23
CA LEU C 131 -23.96 -45.90 11.48
C LEU C 131 -24.59 -45.83 12.87
N ASP C 132 -24.03 -44.97 13.71
CA ASP C 132 -24.52 -44.79 15.07
C ASP C 132 -25.90 -44.13 15.05
N VAL C 133 -26.11 -43.24 14.08
CA VAL C 133 -27.38 -42.55 13.95
C VAL C 133 -28.38 -43.44 13.22
N LEU C 134 -27.87 -44.30 12.34
CA LEU C 134 -28.72 -45.21 11.59
C LEU C 134 -29.24 -46.31 12.51
N ILE C 135 -28.35 -46.85 13.34
CA ILE C 135 -28.72 -47.90 14.28
C ILE C 135 -28.25 -47.51 15.67
N PRO C 136 -29.00 -46.65 16.37
CA PRO C 136 -28.64 -46.20 17.72
C PRO C 136 -28.17 -47.37 18.61
N PRO C 137 -26.85 -47.46 18.82
CA PRO C 137 -26.25 -48.52 19.64
C PRO C 137 -26.76 -48.52 21.07
N ALA C 138 -27.01 -49.71 21.60
CA ALA C 138 -27.49 -49.84 22.97
C ALA C 138 -26.28 -49.80 23.90
N LYS C 139 -26.17 -48.72 24.67
CA LYS C 139 -25.07 -48.54 25.61
C LYS C 139 -24.59 -49.84 26.25
N ASN C 140 -23.28 -49.90 26.52
CA ASN C 140 -22.67 -51.07 27.14
C ASN C 140 -22.70 -52.29 26.22
N ASN C 141 -21.56 -52.96 26.08
CA ASN C 141 -21.46 -54.14 25.24
C ASN C 141 -20.14 -54.86 25.48
N TRP C 142 -19.64 -55.56 24.46
CA TRP C 142 -18.39 -56.30 24.56
C TRP C 142 -18.42 -57.29 25.72
N GLY C 143 -17.29 -57.95 25.96
CA GLY C 143 -17.21 -58.91 27.05
C GLY C 143 -16.81 -60.30 26.62
N GLN C 144 -17.20 -60.68 25.40
CA GLN C 144 -16.89 -62.02 24.89
C GLN C 144 -16.04 -61.93 23.63
N THR C 145 -15.87 -63.06 22.95
CA THR C 145 -15.05 -63.09 21.72
C THR C 145 -15.91 -63.06 20.45
N GLU C 146 -17.08 -62.44 20.53
CA GLU C 146 -17.95 -62.35 19.36
C GLU C 146 -17.81 -60.98 18.69
N GLN C 147 -16.57 -60.64 18.36
CA GLN C 147 -16.24 -59.38 17.70
C GLN C 147 -16.71 -59.40 16.25
N GLN C 148 -16.88 -60.61 15.72
CA GLN C 148 -17.31 -60.80 14.34
C GLN C 148 -18.82 -60.63 14.20
N GLN C 149 -19.57 -61.11 15.18
CA GLN C 149 -21.02 -61.00 15.16
C GLN C 149 -21.48 -59.87 16.07
N GLU C 150 -20.53 -59.06 16.51
CA GLU C 150 -20.84 -57.93 17.39
C GLU C 150 -21.44 -56.75 16.62
N PRO C 151 -20.82 -56.36 15.51
CA PRO C 151 -21.33 -55.23 14.72
C PRO C 151 -22.80 -55.43 14.33
N SER C 152 -23.31 -56.63 14.56
CA SER C 152 -24.69 -56.98 14.25
C SER C 152 -25.04 -56.80 12.77
N ALA C 153 -25.85 -57.70 12.25
CA ALA C 153 -26.26 -57.65 10.85
C ALA C 153 -26.88 -56.29 10.52
N ALA C 154 -27.34 -55.59 11.54
CA ALA C 154 -27.95 -54.28 11.36
C ALA C 154 -26.91 -53.28 10.85
N ARG C 155 -25.90 -53.01 11.68
CA ARG C 155 -24.84 -52.07 11.32
C ARG C 155 -24.14 -52.54 10.05
N GLN C 156 -23.94 -53.84 9.92
CA GLN C 156 -23.28 -54.42 8.76
C GLN C 156 -24.13 -54.19 7.51
N ALA C 157 -25.45 -54.21 7.68
CA ALA C 157 -26.37 -54.00 6.57
C ALA C 157 -26.20 -52.59 6.03
N PHE C 158 -26.47 -51.61 6.88
CA PHE C 158 -26.33 -50.20 6.49
C PHE C 158 -24.90 -49.92 6.03
N ARG C 159 -23.97 -50.74 6.52
CA ARG C 159 -22.56 -50.60 6.14
C ARG C 159 -22.45 -50.75 4.63
N LYS C 160 -22.89 -51.90 4.13
CA LYS C 160 -22.87 -52.20 2.70
C LYS C 160 -23.62 -51.13 1.92
N LYS C 161 -24.84 -50.82 2.38
CA LYS C 161 -25.67 -49.83 1.74
C LYS C 161 -24.98 -48.47 1.68
N LEU C 162 -24.47 -48.02 2.82
CA LEU C 162 -23.79 -46.73 2.92
C LEU C 162 -22.69 -46.58 1.88
N ARG C 163 -21.60 -47.31 2.06
CA ARG C 163 -20.46 -47.25 1.16
C ARG C 163 -20.80 -47.70 -0.26
N GLU C 164 -21.74 -48.63 -0.38
CA GLU C 164 -22.14 -49.14 -1.69
C GLU C 164 -23.65 -49.13 -1.89
N GLY C 165 -24.24 -47.94 -2.01
CA GLY C 165 -25.67 -47.88 -2.22
C GLY C 165 -26.35 -46.55 -1.95
N GLN C 166 -27.66 -46.63 -1.67
CA GLN C 166 -28.48 -45.46 -1.39
C GLN C 166 -28.13 -44.75 -0.09
N LEU C 167 -29.14 -44.48 0.72
CA LEU C 167 -28.97 -43.79 1.99
C LEU C 167 -28.48 -42.38 1.73
N ASP C 168 -29.36 -41.39 1.87
CA ASP C 168 -29.00 -40.02 1.60
C ASP C 168 -29.84 -39.00 2.38
N ASP C 169 -30.33 -39.39 3.55
CA ASP C 169 -31.15 -38.50 4.37
C ASP C 169 -31.08 -38.85 5.85
N LYS C 170 -30.80 -37.86 6.69
CA LYS C 170 -30.72 -38.05 8.14
C LYS C 170 -30.15 -36.79 8.80
N GLU C 171 -30.03 -36.84 10.13
CA GLU C 171 -29.48 -35.72 10.89
C GLU C 171 -28.40 -36.21 11.84
N ILE C 172 -27.23 -35.57 11.77
CA ILE C 172 -26.10 -35.94 12.61
C ILE C 172 -25.83 -34.82 13.61
N GLU C 173 -25.25 -35.17 14.76
CA GLU C 173 -24.94 -34.19 15.77
C GLU C 173 -23.48 -33.72 15.72
N ILE C 174 -23.28 -32.42 15.92
CA ILE C 174 -21.95 -31.83 15.91
C ILE C 174 -21.91 -30.84 17.07
N ASP C 175 -21.71 -29.57 16.75
CA ASP C 175 -21.67 -28.51 17.77
C ASP C 175 -21.26 -27.21 17.13
N ALA C 212 -26.17 -31.33 16.59
CA ALA C 212 -27.48 -31.91 16.17
C ALA C 212 -28.14 -31.04 15.10
N ARG C 213 -28.18 -31.55 13.88
CA ARG C 213 -28.79 -30.82 12.77
C ARG C 213 -29.02 -31.75 11.58
N LYS C 214 -30.18 -31.60 10.93
CA LYS C 214 -30.52 -32.42 9.78
C LYS C 214 -29.55 -32.14 8.63
N LEU C 215 -29.24 -33.18 7.86
CA LEU C 215 -28.31 -33.04 6.75
C LEU C 215 -28.62 -34.04 5.64
N LYS C 216 -27.58 -34.74 5.18
CA LYS C 216 -27.71 -35.73 4.11
C LYS C 216 -26.40 -36.47 3.93
N ILE C 217 -26.43 -37.79 4.05
CA ILE C 217 -25.25 -38.64 3.93
C ILE C 217 -24.20 -38.17 2.92
N LYS C 218 -24.54 -38.19 1.63
CA LYS C 218 -23.58 -37.78 0.60
C LYS C 218 -22.80 -36.51 0.96
N ASP C 219 -23.40 -35.66 1.80
CA ASP C 219 -22.73 -34.43 2.21
C ASP C 219 -22.23 -34.54 3.65
N ALA C 220 -23.07 -35.08 4.52
CA ALA C 220 -22.71 -35.26 5.93
C ALA C 220 -21.46 -36.15 5.99
N MET C 221 -21.29 -36.94 4.93
CA MET C 221 -20.15 -37.84 4.81
C MET C 221 -18.91 -36.97 4.63
N LYS C 222 -19.02 -35.98 3.74
CA LYS C 222 -17.93 -35.06 3.47
C LYS C 222 -17.84 -33.97 4.55
N LEU C 223 -18.72 -34.07 5.54
CA LEU C 223 -18.74 -33.13 6.66
C LEU C 223 -17.91 -33.69 7.81
N LEU C 224 -18.09 -34.98 8.07
CA LEU C 224 -17.35 -35.65 9.13
C LEU C 224 -15.88 -35.79 8.75
N ILE C 225 -15.63 -36.29 7.54
CA ILE C 225 -14.26 -36.49 7.03
C ILE C 225 -13.30 -35.40 7.52
N GLU C 226 -13.58 -34.16 7.11
CA GLU C 226 -12.74 -33.04 7.50
C GLU C 226 -12.60 -32.97 9.02
N GLU C 227 -13.72 -33.08 9.72
CA GLU C 227 -13.70 -33.03 11.18
C GLU C 227 -12.77 -34.11 11.72
N GLU C 228 -13.09 -35.37 11.43
CA GLU C 228 -12.27 -36.50 11.88
C GLU C 228 -10.79 -36.27 11.55
N ALA C 229 -10.51 -35.99 10.28
CA ALA C 229 -9.14 -35.75 9.81
C ALA C 229 -8.37 -34.82 10.76
N ALA C 230 -9.07 -33.83 11.31
CA ALA C 230 -8.45 -32.88 12.22
C ALA C 230 -7.71 -33.62 13.32
N LYS C 231 -8.46 -34.33 14.15
CA LYS C 231 -7.91 -35.10 15.26
C LYS C 231 -6.53 -35.67 14.98
N LEU C 232 -6.39 -36.32 13.84
CA LEU C 232 -5.13 -36.95 13.44
C LEU C 232 -3.97 -35.98 13.18
N VAL C 233 -4.25 -34.83 12.59
CA VAL C 233 -3.23 -33.83 12.26
C VAL C 233 -2.53 -33.14 13.44
N ASN C 234 -1.31 -32.66 13.19
CA ASN C 234 -0.46 -31.99 14.20
C ASN C 234 -0.16 -30.51 13.82
N PRO C 235 0.31 -29.67 14.78
CA PRO C 235 0.64 -28.23 14.64
C PRO C 235 2.07 -27.72 14.35
N GLU C 236 2.69 -27.11 15.38
CA GLU C 236 4.04 -26.54 15.27
C GLU C 236 5.08 -27.59 14.89
N GLU C 237 4.64 -28.83 14.78
CA GLU C 237 5.50 -29.94 14.41
C GLU C 237 5.49 -30.05 12.89
N LEU C 238 5.25 -28.91 12.26
CA LEU C 238 5.20 -28.80 10.80
C LEU C 238 6.42 -28.01 10.32
N LYS C 239 6.96 -27.20 11.23
CA LYS C 239 8.14 -26.38 10.98
C LYS C 239 9.31 -27.23 10.52
N GLN C 240 9.84 -28.08 11.42
CA GLN C 240 10.97 -28.94 11.08
C GLN C 240 10.60 -30.03 10.08
N ASP C 241 9.72 -29.67 9.15
CA ASP C 241 9.28 -30.56 8.09
C ASP C 241 9.22 -29.71 6.83
N ALA C 242 8.46 -28.64 6.91
CA ALA C 242 8.35 -27.74 5.80
C ALA C 242 9.67 -26.99 5.65
N ILE C 243 10.06 -26.23 6.68
CA ILE C 243 11.32 -25.48 6.59
C ILE C 243 12.48 -26.41 6.29
N ASP C 244 12.36 -27.65 6.75
CA ASP C 244 13.41 -28.61 6.50
C ASP C 244 13.30 -29.07 5.06
N ALA C 245 12.12 -29.51 4.65
CA ALA C 245 11.91 -29.94 3.26
C ALA C 245 12.49 -28.87 2.36
N VAL C 246 11.95 -27.66 2.46
CA VAL C 246 12.44 -26.55 1.65
C VAL C 246 13.97 -26.48 1.65
N GLU C 247 14.54 -26.09 2.78
CA GLU C 247 15.98 -25.93 2.95
C GLU C 247 16.87 -27.11 2.55
N GLN C 248 16.31 -28.31 2.52
CA GLN C 248 17.10 -29.47 2.18
C GLN C 248 16.74 -30.18 0.89
N HIS C 249 15.54 -29.94 0.37
CA HIS C 249 15.11 -30.61 -0.86
C HIS C 249 14.44 -29.73 -1.91
N GLY C 250 14.05 -28.52 -1.53
CA GLY C 250 13.39 -27.62 -2.46
C GLY C 250 14.06 -27.47 -3.82
N ILE C 251 13.25 -27.21 -4.84
CA ILE C 251 13.76 -27.01 -6.18
C ILE C 251 13.03 -25.82 -6.76
N VAL C 252 13.77 -24.95 -7.43
CA VAL C 252 13.21 -23.76 -8.03
C VAL C 252 13.50 -23.78 -9.53
N PHE C 253 12.48 -23.51 -10.33
CA PHE C 253 12.69 -23.46 -11.75
C PHE C 253 12.58 -22.00 -12.15
N ILE C 254 13.70 -21.37 -12.49
CA ILE C 254 13.66 -19.97 -12.90
C ILE C 254 13.60 -19.93 -14.42
N ASP C 255 12.40 -19.65 -14.92
CA ASP C 255 12.14 -19.61 -16.34
C ASP C 255 12.65 -18.37 -17.01
N GLU C 256 12.92 -18.50 -18.31
CA GLU C 256 13.42 -17.41 -19.14
C GLU C 256 14.33 -16.44 -18.42
N ILE C 257 15.42 -16.97 -17.86
CA ILE C 257 16.37 -16.13 -17.17
C ILE C 257 17.18 -15.40 -18.24
N ASP C 258 16.89 -15.68 -19.50
CA ASP C 258 17.57 -15.03 -20.61
C ASP C 258 16.88 -13.72 -20.96
N LYS C 259 15.65 -13.55 -20.48
CA LYS C 259 14.91 -12.32 -20.73
C LYS C 259 15.45 -11.24 -19.80
N ILE C 260 16.36 -11.61 -18.90
CA ILE C 260 16.94 -10.63 -17.98
C ILE C 260 18.46 -10.49 -18.12
N CYS C 261 18.96 -10.60 -19.35
CA CYS C 261 20.39 -10.47 -19.61
C CYS C 261 20.81 -9.19 -20.34
N LYS C 262 22.07 -8.83 -20.15
CA LYS C 262 22.69 -7.63 -20.74
C LYS C 262 21.80 -6.71 -21.56
N ARG C 263 21.58 -7.09 -22.81
CA ARG C 263 20.78 -6.30 -23.75
C ARG C 263 21.54 -5.08 -24.28
N GLY C 264 21.17 -4.62 -25.46
CA GLY C 264 21.84 -3.48 -26.07
C GLY C 264 21.47 -2.15 -25.43
N GLU C 265 22.38 -1.63 -24.60
CA GLU C 265 22.18 -0.37 -23.91
C GLU C 265 23.46 0.06 -23.21
N SER C 266 23.59 -0.35 -21.95
CA SER C 266 24.76 -0.04 -21.12
C SER C 266 24.64 -0.76 -19.77
N SER C 267 25.77 -1.17 -19.21
CA SER C 267 25.78 -1.84 -17.92
C SER C 267 25.62 -0.79 -16.81
N GLY C 268 24.46 -0.15 -16.79
CA GLY C 268 24.17 0.89 -15.82
C GLY C 268 22.69 1.27 -15.88
N PRO C 269 22.19 1.65 -17.07
CA PRO C 269 20.78 2.04 -17.26
C PRO C 269 19.81 0.86 -17.46
N ASP C 270 20.15 -0.04 -18.39
CA ASP C 270 19.33 -1.23 -18.66
C ASP C 270 19.49 -2.28 -17.55
N VAL C 271 19.87 -1.83 -16.37
CA VAL C 271 20.03 -2.74 -15.24
C VAL C 271 18.66 -3.10 -14.71
N SER C 272 17.62 -2.48 -15.28
CA SER C 272 16.27 -2.78 -14.84
C SER C 272 16.10 -4.29 -14.86
N ARG C 273 16.99 -4.96 -15.62
CA ARG C 273 16.99 -6.41 -15.71
C ARG C 273 18.26 -7.01 -15.10
N GLU C 274 19.44 -6.50 -15.48
CA GLU C 274 20.68 -7.03 -14.91
C GLU C 274 20.55 -7.01 -13.40
N GLY C 275 19.90 -5.98 -12.90
CA GLY C 275 19.67 -5.85 -11.47
C GLY C 275 18.76 -6.95 -10.96
N VAL C 276 18.00 -7.59 -11.84
CA VAL C 276 17.11 -8.69 -11.42
C VAL C 276 18.00 -9.90 -11.18
N GLN C 277 19.16 -9.91 -11.83
CA GLN C 277 20.12 -10.98 -11.64
C GLN C 277 20.74 -10.68 -10.27
N ARG C 278 21.17 -9.43 -10.08
CA ARG C 278 21.75 -8.98 -8.82
C ARG C 278 20.81 -9.18 -7.63
N ASP C 279 19.59 -9.64 -7.89
CA ASP C 279 18.64 -9.85 -6.82
C ASP C 279 18.40 -11.31 -6.54
N LEU C 280 18.91 -12.16 -7.43
CA LEU C 280 18.73 -13.59 -7.26
C LEU C 280 19.91 -14.27 -6.56
N LEU C 281 21.11 -13.71 -6.75
CA LEU C 281 22.34 -14.25 -6.13
C LEU C 281 22.03 -14.64 -4.70
N PRO C 282 21.56 -13.66 -3.89
CA PRO C 282 21.23 -13.96 -2.49
C PRO C 282 20.54 -15.32 -2.39
N LEU C 283 19.52 -15.52 -3.19
CA LEU C 283 18.84 -16.81 -3.20
C LEU C 283 19.80 -17.91 -3.67
N VAL C 284 20.47 -17.67 -4.80
CA VAL C 284 21.40 -18.60 -5.42
C VAL C 284 22.66 -18.88 -4.63
N GLU C 285 23.25 -17.87 -4.03
CA GLU C 285 24.46 -18.06 -3.25
C GLU C 285 24.21 -18.05 -1.75
N GLY C 286 23.07 -18.60 -1.34
CA GLY C 286 22.75 -18.68 0.08
C GLY C 286 22.59 -17.38 0.86
N CYS C 287 21.36 -17.14 1.28
CA CYS C 287 21.01 -15.98 2.07
C CYS C 287 19.91 -16.51 2.97
N THR C 288 18.98 -15.66 3.35
CA THR C 288 17.88 -16.08 4.21
C THR C 288 16.61 -15.47 3.68
N VAL C 289 15.61 -15.39 4.53
CA VAL C 289 14.32 -14.83 4.18
C VAL C 289 13.26 -15.36 5.15
N SER C 290 12.51 -14.44 5.74
CA SER C 290 11.49 -14.82 6.69
C SER C 290 10.19 -15.12 5.95
N THR C 291 9.45 -16.11 6.43
CA THR C 291 8.18 -16.49 5.84
C THR C 291 7.20 -16.70 6.98
N LYS C 292 5.91 -16.72 6.65
CA LYS C 292 4.87 -16.93 7.65
C LYS C 292 4.86 -18.41 8.06
N HIS C 293 6.05 -18.98 8.15
CA HIS C 293 6.23 -20.37 8.52
C HIS C 293 7.56 -20.44 9.24
N GLY C 294 8.17 -19.27 9.44
CA GLY C 294 9.45 -19.20 10.11
C GLY C 294 10.54 -18.67 9.21
N MET C 295 11.79 -19.02 9.52
CA MET C 295 12.96 -18.58 8.75
C MET C 295 13.43 -19.71 7.83
N VAL C 296 13.83 -19.36 6.61
CA VAL C 296 14.31 -20.35 5.66
C VAL C 296 15.71 -19.96 5.17
N LYS C 297 16.63 -20.92 5.15
CA LYS C 297 18.01 -20.67 4.75
C LYS C 297 18.22 -20.37 3.27
N THR C 298 18.01 -21.37 2.41
CA THR C 298 18.20 -21.20 0.96
C THR C 298 19.64 -21.47 0.56
N ASP C 299 20.51 -21.63 1.56
CA ASP C 299 21.93 -21.90 1.33
C ASP C 299 22.20 -23.02 0.33
N HIS C 300 21.39 -24.07 0.37
CA HIS C 300 21.55 -25.14 -0.60
C HIS C 300 20.22 -25.72 -1.08
N ILE C 301 19.63 -25.00 -2.03
CA ILE C 301 18.39 -25.34 -2.70
C ILE C 301 18.78 -25.58 -4.15
N LEU C 302 18.13 -26.52 -4.82
CA LEU C 302 18.47 -26.79 -6.22
C LEU C 302 17.74 -25.85 -7.18
N PHE C 303 18.50 -25.00 -7.85
CA PHE C 303 17.94 -24.05 -8.80
C PHE C 303 18.15 -24.56 -10.21
N ILE C 304 17.12 -24.52 -11.03
CA ILE C 304 17.23 -24.92 -12.43
C ILE C 304 16.65 -23.77 -13.28
N ALA C 305 17.55 -22.96 -13.81
CA ALA C 305 17.13 -21.84 -14.62
C ALA C 305 17.10 -22.31 -16.06
N SER C 306 16.37 -21.62 -16.92
CA SER C 306 16.32 -22.05 -18.30
C SER C 306 16.02 -20.89 -19.20
N GLY C 307 16.46 -21.02 -20.45
CA GLY C 307 16.22 -20.00 -21.42
C GLY C 307 16.47 -20.58 -22.80
N ALA C 308 16.14 -19.81 -23.83
CA ALA C 308 16.35 -20.27 -25.18
C ALA C 308 17.69 -19.69 -25.53
N PHE C 309 17.95 -18.51 -24.97
CA PHE C 309 19.21 -17.86 -25.25
C PHE C 309 19.47 -17.74 -26.75
N GLN C 310 18.45 -17.39 -27.50
CA GLN C 310 18.60 -17.24 -28.94
C GLN C 310 18.97 -15.80 -29.26
N ILE C 311 19.05 -14.97 -28.22
CA ILE C 311 19.44 -13.56 -28.33
C ILE C 311 20.72 -13.41 -27.51
N ALA C 312 20.57 -13.56 -26.19
CA ALA C 312 21.69 -13.48 -25.28
C ALA C 312 22.24 -14.89 -25.04
N LYS C 313 23.49 -14.95 -24.60
CA LYS C 313 24.15 -16.20 -24.31
C LYS C 313 24.42 -16.27 -22.81
N PRO C 314 24.37 -17.48 -22.22
CA PRO C 314 24.60 -17.68 -20.78
C PRO C 314 25.78 -16.85 -20.29
N SER C 315 26.67 -16.53 -21.22
CA SER C 315 27.86 -15.73 -20.96
C SER C 315 27.50 -14.30 -20.56
N ASP C 316 26.29 -13.88 -20.89
CA ASP C 316 25.86 -12.53 -20.57
C ASP C 316 25.24 -12.44 -19.19
N LEU C 317 25.15 -13.57 -18.52
CA LEU C 317 24.62 -13.59 -17.18
C LEU C 317 25.74 -12.95 -16.36
N ILE C 318 25.39 -12.24 -15.29
CA ILE C 318 26.42 -11.62 -14.45
C ILE C 318 27.30 -12.72 -13.88
N PRO C 319 28.62 -12.47 -13.77
CA PRO C 319 29.57 -13.45 -13.24
C PRO C 319 29.10 -14.25 -12.01
N GLU C 320 28.47 -13.61 -11.03
CA GLU C 320 28.02 -14.37 -9.87
C GLU C 320 27.12 -15.53 -10.30
N LEU C 321 26.14 -15.24 -11.15
CA LEU C 321 25.23 -16.27 -11.65
C LEU C 321 25.95 -17.37 -12.46
N GLN C 322 26.86 -16.96 -13.34
CA GLN C 322 27.61 -17.94 -14.10
C GLN C 322 28.25 -18.88 -13.13
N GLY C 323 28.92 -18.30 -12.15
CA GLY C 323 29.57 -19.13 -11.15
C GLY C 323 28.65 -20.14 -10.50
N ARG C 324 27.51 -19.67 -10.02
CA ARG C 324 26.55 -20.52 -9.33
C ARG C 324 25.68 -21.44 -10.17
N LEU C 325 25.84 -21.41 -11.48
CA LEU C 325 25.08 -22.28 -12.38
C LEU C 325 26.15 -23.08 -13.14
N PRO C 326 26.80 -24.02 -12.44
CA PRO C 326 27.86 -24.87 -12.98
C PRO C 326 27.52 -25.89 -14.07
N ILE C 327 26.35 -26.52 -13.94
CA ILE C 327 25.91 -27.51 -14.91
C ILE C 327 25.15 -26.90 -16.11
N ARG C 328 25.74 -26.98 -17.30
CA ARG C 328 25.09 -26.44 -18.48
C ARG C 328 24.60 -27.59 -19.34
N VAL C 329 23.33 -27.56 -19.73
CA VAL C 329 22.75 -28.58 -20.59
C VAL C 329 21.87 -27.91 -21.65
N GLU C 330 22.01 -28.37 -22.90
CA GLU C 330 21.23 -27.86 -24.03
C GLU C 330 20.22 -28.90 -24.41
N LEU C 331 18.94 -28.51 -24.55
CA LEU C 331 17.92 -29.47 -24.95
C LEU C 331 17.67 -29.37 -26.45
N GLN C 332 17.29 -30.49 -27.06
CA GLN C 332 17.03 -30.46 -28.50
C GLN C 332 15.56 -30.19 -28.86
N ALA C 333 15.34 -29.64 -30.05
CA ALA C 333 13.98 -29.35 -30.51
C ALA C 333 13.31 -30.65 -30.93
N LEU C 334 12.09 -30.88 -30.44
CA LEU C 334 11.35 -32.10 -30.73
C LEU C 334 11.23 -32.54 -32.21
N THR C 335 10.93 -33.81 -32.40
CA THR C 335 10.77 -34.45 -33.72
C THR C 335 9.42 -35.15 -33.84
N THR C 336 8.95 -35.38 -35.08
CA THR C 336 7.65 -36.03 -35.27
C THR C 336 7.46 -37.28 -34.41
N SER C 337 8.51 -38.06 -34.25
CA SER C 337 8.36 -39.25 -33.44
C SER C 337 8.00 -38.83 -32.01
N ASP C 338 8.75 -37.85 -31.50
CA ASP C 338 8.51 -37.33 -30.16
C ASP C 338 7.04 -37.00 -30.12
N PHE C 339 6.63 -36.17 -31.07
CA PHE C 339 5.24 -35.77 -31.19
C PHE C 339 4.33 -37.00 -31.22
N GLU C 340 4.65 -37.98 -32.07
CA GLU C 340 3.86 -39.20 -32.15
C GLU C 340 3.79 -39.89 -30.80
N ARG C 341 4.92 -39.93 -30.10
CA ARG C 341 4.95 -40.56 -28.78
C ARG C 341 4.24 -39.71 -27.73
N ILE C 342 4.31 -38.39 -27.89
CA ILE C 342 3.66 -37.52 -26.92
C ILE C 342 2.15 -37.62 -27.09
N LEU C 343 1.71 -37.98 -28.28
CA LEU C 343 0.29 -38.12 -28.52
C LEU C 343 -0.28 -39.40 -27.94
N THR C 344 0.53 -40.45 -27.91
CA THR C 344 0.08 -41.76 -27.42
C THR C 344 0.52 -42.13 -26.00
N GLU C 345 1.79 -42.48 -25.86
CA GLU C 345 2.39 -42.90 -24.60
C GLU C 345 1.81 -42.36 -23.29
N PRO C 346 1.86 -41.03 -23.08
CA PRO C 346 1.34 -40.40 -21.87
C PRO C 346 0.05 -41.03 -21.36
N ASN C 347 0.03 -41.42 -20.10
CA ASN C 347 -1.17 -42.06 -19.54
C ASN C 347 -2.43 -41.23 -19.81
N ALA C 348 -2.26 -39.91 -19.93
CA ALA C 348 -3.38 -39.01 -20.17
C ALA C 348 -3.08 -38.10 -21.35
N SER C 349 -2.73 -38.69 -22.47
CA SER C 349 -2.44 -37.94 -23.68
C SER C 349 -3.74 -37.30 -24.18
N ILE C 350 -3.63 -36.19 -24.90
CA ILE C 350 -4.81 -35.51 -25.42
C ILE C 350 -5.68 -36.46 -26.25
N THR C 351 -5.03 -37.48 -26.79
CA THR C 351 -5.66 -38.49 -27.61
C THR C 351 -6.61 -39.29 -26.74
N VAL C 352 -6.07 -39.90 -25.69
CA VAL C 352 -6.89 -40.70 -24.80
C VAL C 352 -8.02 -39.84 -24.27
N GLN C 353 -7.66 -38.61 -23.89
CA GLN C 353 -8.62 -37.67 -23.35
C GLN C 353 -9.76 -37.43 -24.31
N TYR C 354 -9.43 -37.10 -25.55
CA TYR C 354 -10.47 -36.83 -26.51
C TYR C 354 -11.36 -38.05 -26.63
N LYS C 355 -10.78 -39.20 -26.94
CA LYS C 355 -11.56 -40.44 -27.03
C LYS C 355 -12.50 -40.50 -25.81
N ALA C 356 -11.94 -40.26 -24.63
CA ALA C 356 -12.73 -40.27 -23.42
C ALA C 356 -13.94 -39.34 -23.53
N LEU C 357 -13.66 -38.06 -23.81
CA LEU C 357 -14.69 -37.03 -23.92
C LEU C 357 -15.83 -37.36 -24.87
N MET C 358 -15.49 -37.91 -26.03
CA MET C 358 -16.52 -38.24 -27.00
C MET C 358 -17.27 -39.52 -26.64
N ALA C 359 -16.66 -40.37 -25.81
CA ALA C 359 -17.33 -41.59 -25.38
C ALA C 359 -18.50 -41.13 -24.50
N THR C 360 -18.38 -39.92 -24.01
CA THR C 360 -19.39 -39.32 -23.17
C THR C 360 -20.67 -39.13 -23.98
N GLU C 361 -20.54 -39.10 -25.30
CA GLU C 361 -21.68 -38.91 -26.18
C GLU C 361 -22.05 -40.18 -26.94
N GLY C 362 -21.37 -41.27 -26.62
CA GLY C 362 -21.67 -42.52 -27.28
C GLY C 362 -20.88 -42.80 -28.54
N VAL C 363 -19.96 -41.91 -28.86
CA VAL C 363 -19.16 -42.10 -30.05
C VAL C 363 -17.90 -42.84 -29.65
N ASN C 364 -17.43 -43.72 -30.53
CA ASN C 364 -16.22 -44.48 -30.28
C ASN C 364 -15.13 -44.01 -31.21
N ILE C 365 -14.23 -43.17 -30.69
CA ILE C 365 -13.15 -42.64 -31.51
C ILE C 365 -11.95 -43.54 -31.41
N GLU C 366 -11.13 -43.58 -32.46
CA GLU C 366 -9.96 -44.44 -32.46
C GLU C 366 -8.86 -43.85 -33.31
N PHE C 367 -7.76 -43.45 -32.68
CA PHE C 367 -6.68 -42.91 -33.48
C PHE C 367 -5.78 -44.05 -33.87
N THR C 368 -5.57 -44.15 -35.18
CA THR C 368 -4.74 -45.18 -35.77
C THR C 368 -3.34 -44.63 -36.00
N ASP C 369 -2.37 -45.53 -35.98
CA ASP C 369 -0.97 -45.21 -36.18
C ASP C 369 -0.79 -44.16 -37.26
N SER C 370 -1.34 -44.42 -38.45
CA SER C 370 -1.17 -43.46 -39.53
C SER C 370 -1.83 -42.14 -39.18
N GLY C 371 -2.92 -42.20 -38.44
CA GLY C 371 -3.60 -40.99 -38.08
C GLY C 371 -2.72 -40.17 -37.18
N ILE C 372 -2.23 -40.81 -36.13
CA ILE C 372 -1.35 -40.15 -35.18
C ILE C 372 -0.12 -39.66 -35.89
N LYS C 373 0.54 -40.54 -36.61
CA LYS C 373 1.73 -40.10 -37.31
C LYS C 373 1.41 -38.85 -38.10
N ARG C 374 0.18 -38.76 -38.59
CA ARG C 374 -0.25 -37.65 -39.44
C ARG C 374 -0.46 -36.32 -38.71
N ILE C 375 -1.00 -36.43 -37.50
CA ILE C 375 -1.25 -35.28 -36.64
C ILE C 375 0.13 -34.78 -36.27
N ALA C 376 1.04 -35.74 -36.13
CA ALA C 376 2.42 -35.50 -35.76
C ALA C 376 3.12 -34.68 -36.83
N GLU C 377 2.96 -35.08 -38.08
CA GLU C 377 3.58 -34.39 -39.18
C GLU C 377 2.91 -33.06 -39.40
N ALA C 378 1.67 -32.94 -38.93
CA ALA C 378 0.90 -31.71 -39.05
C ALA C 378 1.46 -30.66 -38.10
N ALA C 379 1.73 -31.07 -36.86
CA ALA C 379 2.28 -30.16 -35.88
C ALA C 379 3.65 -29.71 -36.36
N TRP C 380 4.51 -30.68 -36.64
CA TRP C 380 5.86 -30.38 -37.10
C TRP C 380 5.83 -29.37 -38.23
N GLN C 381 4.94 -29.61 -39.19
CA GLN C 381 4.81 -28.71 -40.32
C GLN C 381 4.61 -27.28 -39.89
N VAL C 382 3.51 -27.05 -39.21
CA VAL C 382 3.14 -25.73 -38.73
C VAL C 382 4.25 -25.09 -37.90
N ASN C 383 4.85 -25.87 -37.01
CA ASN C 383 5.93 -25.33 -36.20
C ASN C 383 7.00 -24.82 -37.14
N GLU C 384 7.38 -25.69 -38.07
CA GLU C 384 8.40 -25.37 -39.08
C GLU C 384 8.02 -24.16 -39.91
N SER C 385 6.89 -24.27 -40.61
CA SER C 385 6.39 -23.20 -41.48
C SER C 385 6.38 -21.86 -40.79
N THR C 386 5.43 -21.69 -39.88
CA THR C 386 5.26 -20.45 -39.12
C THR C 386 6.25 -20.32 -37.97
N GLU C 387 5.74 -19.98 -36.79
CA GLU C 387 6.61 -19.88 -35.63
C GLU C 387 6.69 -21.31 -35.11
N ASN C 388 7.65 -21.60 -34.26
CA ASN C 388 7.78 -22.96 -33.78
C ASN C 388 7.79 -23.10 -32.29
N ILE C 389 6.67 -23.50 -31.72
CA ILE C 389 6.64 -23.73 -30.30
C ILE C 389 7.24 -25.11 -30.14
N GLY C 390 6.40 -26.11 -29.89
CA GLY C 390 6.89 -27.46 -29.75
C GLY C 390 5.71 -28.37 -29.59
N ALA C 391 5.75 -29.20 -28.55
CA ALA C 391 4.66 -30.11 -28.29
C ALA C 391 3.39 -29.29 -28.11
N ARG C 392 3.56 -28.03 -27.72
CA ARG C 392 2.41 -27.16 -27.52
C ARG C 392 1.43 -27.26 -28.69
N ARG C 393 2.00 -27.15 -29.89
CA ARG C 393 1.24 -27.19 -31.13
C ARG C 393 0.24 -28.32 -31.24
N LEU C 394 0.42 -29.37 -30.47
CA LEU C 394 -0.52 -30.48 -30.56
C LEU C 394 -1.97 -30.15 -30.21
N HIS C 395 -2.17 -29.29 -29.22
CA HIS C 395 -3.52 -28.90 -28.78
C HIS C 395 -4.47 -28.37 -29.86
N THR C 396 -4.12 -27.25 -30.48
CA THR C 396 -4.97 -26.68 -31.51
C THR C 396 -5.12 -27.61 -32.71
N VAL C 397 -4.03 -28.19 -33.17
CA VAL C 397 -4.16 -29.08 -34.30
C VAL C 397 -5.23 -30.16 -34.03
N LEU C 398 -5.04 -30.93 -32.97
CA LEU C 398 -5.98 -32.00 -32.61
C LEU C 398 -7.40 -31.53 -32.40
N GLU C 399 -7.56 -30.40 -31.70
CA GLU C 399 -8.90 -29.88 -31.45
C GLU C 399 -9.54 -29.39 -32.74
N ARG C 400 -8.69 -28.99 -33.70
CA ARG C 400 -9.11 -28.49 -35.02
C ARG C 400 -9.56 -29.62 -35.90
N LEU C 401 -8.78 -30.67 -35.91
CA LEU C 401 -9.10 -31.80 -36.73
C LEU C 401 -10.37 -32.47 -36.28
N MET C 402 -10.63 -32.43 -34.98
CA MET C 402 -11.83 -33.06 -34.43
C MET C 402 -13.06 -32.12 -34.33
N GLU C 403 -12.92 -30.90 -34.82
CA GLU C 403 -13.99 -29.93 -34.76
C GLU C 403 -15.36 -30.55 -35.08
N GLU C 404 -15.53 -31.09 -36.29
CA GLU C 404 -16.82 -31.68 -36.66
C GLU C 404 -17.26 -32.83 -35.80
N ILE C 405 -16.37 -33.74 -35.47
CA ILE C 405 -16.81 -34.82 -34.61
C ILE C 405 -17.23 -34.20 -33.28
N SER C 406 -16.44 -33.22 -32.83
CA SER C 406 -16.69 -32.52 -31.58
C SER C 406 -18.08 -31.87 -31.57
N TYR C 407 -18.43 -31.26 -32.70
CA TYR C 407 -19.71 -30.59 -32.85
C TYR C 407 -20.86 -31.57 -33.05
N ASP C 408 -20.62 -32.60 -33.86
CA ASP C 408 -21.68 -33.58 -34.15
C ASP C 408 -21.81 -34.75 -33.17
N ALA C 409 -20.79 -34.98 -32.35
CA ALA C 409 -20.78 -36.10 -31.41
C ALA C 409 -22.15 -36.62 -31.00
N SER C 410 -23.00 -35.74 -30.50
CA SER C 410 -24.33 -36.12 -30.06
C SER C 410 -25.07 -37.04 -31.05
N ASP C 411 -25.12 -36.63 -32.30
CA ASP C 411 -25.80 -37.42 -33.33
C ASP C 411 -25.02 -38.65 -33.76
N LEU C 412 -23.71 -38.68 -33.52
CA LEU C 412 -22.88 -39.82 -33.89
C LEU C 412 -22.97 -40.94 -32.88
N SER C 413 -23.89 -40.81 -31.93
CA SER C 413 -24.08 -41.84 -30.91
C SER C 413 -24.07 -43.23 -31.53
N GLY C 414 -23.51 -44.19 -30.79
CA GLY C 414 -23.46 -45.55 -31.25
C GLY C 414 -22.57 -45.83 -32.45
N GLN C 415 -21.93 -44.82 -33.01
CA GLN C 415 -21.08 -45.06 -34.17
C GLN C 415 -19.63 -45.23 -33.80
N ASN C 416 -18.84 -45.75 -34.73
CA ASN C 416 -17.42 -45.94 -34.47
C ASN C 416 -16.58 -45.19 -35.47
N ILE C 417 -16.20 -43.97 -35.12
CA ILE C 417 -15.39 -43.17 -36.02
C ILE C 417 -13.92 -43.47 -35.77
N THR C 418 -13.16 -43.62 -36.86
CA THR C 418 -11.73 -43.89 -36.77
C THR C 418 -10.93 -42.84 -37.53
N ILE C 419 -10.03 -42.17 -36.81
CA ILE C 419 -9.19 -41.16 -37.40
C ILE C 419 -7.94 -41.80 -37.97
N ASP C 420 -7.93 -42.07 -39.26
CA ASP C 420 -6.77 -42.67 -39.89
C ASP C 420 -5.98 -41.58 -40.59
N ALA C 421 -4.99 -41.97 -41.39
CA ALA C 421 -4.18 -40.98 -42.08
C ALA C 421 -5.03 -40.24 -43.10
N ASP C 422 -5.94 -40.95 -43.74
CA ASP C 422 -6.82 -40.34 -44.72
C ASP C 422 -7.50 -39.15 -44.07
N TYR C 423 -8.36 -39.45 -43.10
CA TYR C 423 -9.11 -38.46 -42.36
C TYR C 423 -8.33 -37.19 -42.08
N VAL C 424 -7.28 -37.33 -41.27
CA VAL C 424 -6.44 -36.21 -40.90
C VAL C 424 -6.07 -35.30 -42.05
N SER C 425 -5.47 -35.85 -43.10
CA SER C 425 -5.05 -35.04 -44.25
C SER C 425 -6.18 -34.33 -44.94
N LYS C 426 -7.36 -34.92 -44.96
CA LYS C 426 -8.46 -34.26 -45.61
C LYS C 426 -9.22 -33.55 -44.54
N HIS C 427 -8.55 -32.67 -43.83
CA HIS C 427 -9.10 -31.91 -42.72
C HIS C 427 -8.04 -30.92 -42.28
N LEU C 428 -6.78 -31.35 -42.30
CA LEU C 428 -5.70 -30.46 -41.90
C LEU C 428 -4.80 -29.99 -43.04
N ASP C 429 -4.77 -30.71 -44.15
CA ASP C 429 -3.91 -30.33 -45.28
C ASP C 429 -4.14 -28.90 -45.72
N ALA C 430 -5.36 -28.59 -46.13
CA ALA C 430 -5.69 -27.25 -46.58
C ALA C 430 -5.09 -26.19 -45.67
N LEU C 431 -5.35 -26.32 -44.38
CA LEU C 431 -4.85 -25.37 -43.38
C LEU C 431 -3.33 -25.29 -43.25
N VAL C 432 -2.68 -26.44 -43.04
CA VAL C 432 -1.23 -26.45 -42.88
C VAL C 432 -0.56 -25.83 -44.08
N ALA C 433 -1.10 -26.15 -45.25
CA ALA C 433 -0.58 -25.65 -46.51
C ALA C 433 -0.63 -24.14 -46.53
N ASP C 434 -1.70 -23.59 -45.94
CA ASP C 434 -1.96 -22.15 -45.87
C ASP C 434 -1.26 -21.50 -44.67
N GLU C 435 0.01 -21.16 -44.82
CA GLU C 435 0.77 -20.55 -43.74
C GLU C 435 0.07 -19.40 -43.05
N ASP C 436 -0.38 -18.41 -43.81
CA ASP C 436 -1.08 -17.26 -43.26
C ASP C 436 -2.18 -17.70 -42.29
N LEU C 437 -3.12 -18.48 -42.81
CA LEU C 437 -4.24 -18.98 -42.04
C LEU C 437 -3.75 -19.76 -40.82
N SER C 438 -2.60 -20.39 -40.97
CA SER C 438 -2.02 -21.16 -39.90
C SER C 438 -1.72 -20.29 -38.71
N ARG C 439 -1.24 -19.08 -38.96
CA ARG C 439 -0.90 -18.17 -37.88
C ARG C 439 -2.08 -17.74 -37.00
N PHE C 440 -3.29 -18.07 -37.45
CA PHE C 440 -4.51 -17.72 -36.73
C PHE C 440 -5.24 -18.90 -36.12
N ILE C 441 -5.65 -19.84 -36.96
CA ILE C 441 -6.42 -20.99 -36.51
C ILE C 441 -5.71 -22.32 -36.25
N LEU C 442 -4.38 -22.29 -36.11
CA LEU C 442 -3.60 -23.51 -35.87
C LEU C 442 -2.30 -23.25 -35.13
N SER D 1 -30.78 -29.23 -18.25
CA SER D 1 -30.15 -27.88 -18.39
C SER D 1 -29.10 -27.90 -19.48
N GLU D 2 -28.70 -29.10 -19.90
CA GLU D 2 -27.68 -29.25 -20.95
C GLU D 2 -28.22 -29.67 -22.32
N MET D 3 -28.05 -28.77 -23.28
CA MET D 3 -28.49 -28.98 -24.64
C MET D 3 -27.30 -29.25 -25.56
N THR D 4 -27.59 -29.76 -26.75
CA THR D 4 -26.58 -30.08 -27.77
C THR D 4 -26.07 -28.82 -28.50
N PRO D 5 -24.88 -28.91 -29.15
CA PRO D 5 -24.26 -27.81 -29.90
C PRO D 5 -25.21 -27.20 -30.93
N ARG D 6 -25.79 -28.10 -31.71
CA ARG D 6 -26.73 -27.76 -32.76
C ARG D 6 -27.91 -26.96 -32.19
N GLU D 7 -28.25 -27.19 -30.93
CA GLU D 7 -29.35 -26.51 -30.26
C GLU D 7 -28.92 -25.13 -29.77
N ILE D 8 -27.72 -25.05 -29.20
CA ILE D 8 -27.17 -23.79 -28.71
C ILE D 8 -27.06 -22.84 -29.90
N VAL D 9 -26.57 -23.34 -31.03
CA VAL D 9 -26.44 -22.45 -32.19
C VAL D 9 -27.83 -21.91 -32.55
N SER D 10 -28.87 -22.73 -32.37
CA SER D 10 -30.22 -22.30 -32.66
C SER D 10 -30.63 -21.14 -31.79
N GLU D 11 -30.30 -21.20 -30.49
CA GLU D 11 -30.61 -20.09 -29.57
C GLU D 11 -29.81 -18.88 -29.96
N LEU D 12 -28.54 -19.10 -30.30
CA LEU D 12 -27.63 -18.07 -30.75
C LEU D 12 -28.17 -17.34 -31.97
N ASP D 13 -28.72 -18.11 -32.90
CA ASP D 13 -29.29 -17.58 -34.14
C ASP D 13 -30.49 -16.67 -33.94
N LYS D 14 -31.01 -16.59 -32.72
CA LYS D 14 -32.14 -15.73 -32.45
C LYS D 14 -31.74 -14.31 -32.18
N HIS D 15 -30.44 -14.09 -31.96
CA HIS D 15 -29.97 -12.75 -31.65
C HIS D 15 -28.81 -12.26 -32.48
N ILE D 16 -27.98 -13.19 -32.93
CA ILE D 16 -26.81 -12.84 -33.73
C ILE D 16 -26.97 -13.34 -35.13
N ILE D 17 -26.90 -12.41 -36.08
CA ILE D 17 -27.00 -12.70 -37.50
C ILE D 17 -25.66 -13.19 -37.98
N GLY D 18 -25.65 -14.29 -38.71
CA GLY D 18 -24.39 -14.78 -39.23
C GLY D 18 -23.41 -15.32 -38.22
N GLN D 19 -22.11 -15.21 -38.52
CA GLN D 19 -21.02 -15.70 -37.66
C GLN D 19 -21.27 -17.12 -37.14
N ASP D 20 -21.62 -18.01 -38.05
CA ASP D 20 -21.94 -19.38 -37.72
C ASP D 20 -20.82 -20.16 -37.08
N ASN D 21 -19.64 -20.13 -37.68
CA ASN D 21 -18.49 -20.84 -37.15
C ASN D 21 -18.28 -20.56 -35.68
N ALA D 22 -18.35 -19.29 -35.32
CA ALA D 22 -18.19 -18.84 -33.95
C ALA D 22 -19.31 -19.43 -33.08
N LYS D 23 -20.53 -19.38 -33.57
CA LYS D 23 -21.62 -19.96 -32.83
C LYS D 23 -21.28 -21.43 -32.54
N ARG D 24 -20.67 -22.11 -33.50
CA ARG D 24 -20.29 -23.50 -33.30
C ARG D 24 -19.18 -23.66 -32.27
N SER D 25 -18.13 -22.85 -32.40
CA SER D 25 -17.00 -22.92 -31.46
C SER D 25 -17.56 -22.83 -30.05
N VAL D 26 -18.26 -21.74 -29.80
CA VAL D 26 -18.84 -21.52 -28.51
C VAL D 26 -19.73 -22.67 -28.09
N ALA D 27 -20.57 -23.14 -29.00
CA ALA D 27 -21.49 -24.25 -28.71
C ALA D 27 -20.75 -25.48 -28.23
N ILE D 28 -19.59 -25.73 -28.82
CA ILE D 28 -18.76 -26.88 -28.47
C ILE D 28 -18.19 -26.71 -27.06
N ALA D 29 -17.73 -25.49 -26.76
CA ALA D 29 -17.20 -25.20 -25.43
C ALA D 29 -18.27 -25.59 -24.38
N LEU D 30 -19.49 -25.08 -24.55
CA LEU D 30 -20.58 -25.37 -23.62
C LEU D 30 -20.88 -26.85 -23.47
N ARG D 31 -21.13 -27.54 -24.59
CA ARG D 31 -21.43 -28.96 -24.55
C ARG D 31 -20.25 -29.73 -23.98
N ASN D 32 -19.07 -29.13 -24.03
CA ASN D 32 -17.88 -29.76 -23.50
C ASN D 32 -17.84 -29.78 -21.97
N ARG D 33 -18.43 -28.76 -21.34
CA ARG D 33 -18.44 -28.74 -19.89
C ARG D 33 -19.33 -29.87 -19.38
N TRP D 34 -20.41 -30.13 -20.10
CA TRP D 34 -21.32 -31.22 -19.72
C TRP D 34 -20.62 -32.55 -19.90
N ARG D 35 -19.85 -32.66 -20.97
CA ARG D 35 -19.13 -33.89 -21.25
C ARG D 35 -18.12 -34.15 -20.13
N ARG D 36 -17.34 -33.14 -19.77
CA ARG D 36 -16.35 -33.32 -18.72
C ARG D 36 -17.08 -33.71 -17.47
N MET D 37 -18.28 -33.16 -17.32
CA MET D 37 -19.14 -33.41 -16.19
C MET D 37 -19.65 -34.87 -16.21
N GLN D 38 -19.49 -35.53 -17.35
CA GLN D 38 -19.95 -36.90 -17.50
C GLN D 38 -18.83 -37.92 -17.27
N LEU D 39 -17.60 -37.45 -17.12
CA LEU D 39 -16.45 -38.33 -16.92
C LEU D 39 -16.40 -38.92 -15.52
N ASN D 40 -15.34 -39.68 -15.24
CA ASN D 40 -15.13 -40.30 -13.94
C ASN D 40 -14.27 -39.36 -13.08
N GLU D 41 -14.00 -39.73 -11.84
CA GLU D 41 -13.17 -38.88 -11.00
C GLU D 41 -11.79 -38.70 -11.63
N GLU D 42 -11.18 -39.81 -12.03
CA GLU D 42 -9.84 -39.77 -12.63
C GLU D 42 -9.64 -38.57 -13.54
N LEU D 43 -10.50 -38.50 -14.56
CA LEU D 43 -10.43 -37.45 -15.57
C LEU D 43 -11.08 -36.10 -15.21
N ARG D 44 -12.27 -36.13 -14.61
CA ARG D 44 -12.97 -34.89 -14.24
C ARG D 44 -12.04 -33.72 -13.97
N HIS D 45 -10.92 -33.98 -13.29
CA HIS D 45 -10.00 -32.92 -12.97
C HIS D 45 -8.71 -33.00 -13.81
N GLU D 46 -8.60 -34.06 -14.60
CA GLU D 46 -7.45 -34.20 -15.45
C GLU D 46 -7.82 -33.93 -16.89
N VAL D 47 -8.83 -33.08 -17.04
CA VAL D 47 -9.35 -32.66 -18.33
C VAL D 47 -9.12 -31.17 -18.52
N THR D 48 -8.11 -30.83 -19.32
CA THR D 48 -7.79 -29.44 -19.58
C THR D 48 -8.86 -28.83 -20.51
N PRO D 49 -9.57 -27.78 -20.03
CA PRO D 49 -10.63 -27.08 -20.78
C PRO D 49 -10.19 -26.54 -22.14
N LYS D 50 -11.16 -26.09 -22.92
CA LYS D 50 -10.88 -25.60 -24.25
C LYS D 50 -11.26 -24.15 -24.47
N ASN D 51 -10.47 -23.23 -23.91
CA ASN D 51 -10.78 -21.82 -24.08
C ASN D 51 -10.77 -21.40 -25.54
N ILE D 52 -11.60 -20.43 -25.89
CA ILE D 52 -11.71 -19.96 -27.26
C ILE D 52 -10.87 -18.72 -27.50
N LEU D 53 -10.61 -18.46 -28.76
CA LEU D 53 -9.89 -17.27 -29.19
C LEU D 53 -10.66 -16.82 -30.41
N MET D 54 -11.37 -15.70 -30.29
CA MET D 54 -12.14 -15.17 -31.42
C MET D 54 -11.32 -14.12 -32.18
N ILE D 55 -11.24 -14.27 -33.50
CA ILE D 55 -10.50 -13.35 -34.35
C ILE D 55 -11.50 -12.68 -35.29
N GLY D 56 -11.59 -11.35 -35.26
CA GLY D 56 -12.55 -10.67 -36.12
C GLY D 56 -12.58 -9.17 -35.93
N PRO D 57 -13.07 -8.40 -36.92
CA PRO D 57 -13.17 -6.93 -36.91
C PRO D 57 -14.09 -6.42 -35.82
N THR D 58 -14.21 -5.10 -35.71
CA THR D 58 -15.06 -4.50 -34.71
C THR D 58 -16.53 -4.58 -35.12
N GLY D 59 -17.41 -4.52 -34.12
CA GLY D 59 -18.84 -4.56 -34.36
C GLY D 59 -19.41 -5.74 -35.13
N VAL D 60 -18.76 -6.89 -35.07
CA VAL D 60 -19.28 -8.02 -35.83
C VAL D 60 -19.97 -9.11 -35.02
N GLY D 61 -19.97 -8.99 -33.70
CA GLY D 61 -20.67 -9.96 -32.89
C GLY D 61 -19.88 -10.85 -31.96
N LYS D 62 -18.58 -10.62 -31.82
CA LYS D 62 -17.79 -11.47 -30.95
C LYS D 62 -18.29 -11.41 -29.50
N THR D 63 -18.43 -10.19 -28.98
CA THR D 63 -18.89 -10.05 -27.60
C THR D 63 -20.34 -10.53 -27.46
N GLU D 64 -21.17 -10.14 -28.41
CA GLU D 64 -22.57 -10.49 -28.38
C GLU D 64 -22.72 -12.01 -28.13
N ILE D 65 -22.16 -12.81 -29.03
CA ILE D 65 -22.23 -14.26 -28.88
C ILE D 65 -21.89 -14.74 -27.45
N ALA D 66 -20.74 -14.34 -26.93
CA ALA D 66 -20.33 -14.71 -25.56
C ALA D 66 -21.40 -14.33 -24.54
N ARG D 67 -21.90 -13.10 -24.65
CA ARG D 67 -22.94 -12.62 -23.74
C ARG D 67 -24.17 -13.54 -23.81
N ARG D 68 -24.78 -13.61 -24.98
CA ARG D 68 -25.96 -14.45 -25.24
C ARG D 68 -25.71 -15.93 -24.93
N LEU D 69 -24.47 -16.34 -25.08
CA LEU D 69 -24.12 -17.72 -24.79
C LEU D 69 -24.09 -17.82 -23.29
N ALA D 70 -23.63 -16.75 -22.64
CA ALA D 70 -23.59 -16.72 -21.18
C ALA D 70 -25.01 -16.78 -20.62
N LYS D 71 -25.95 -16.16 -21.34
CA LYS D 71 -27.36 -16.13 -20.95
C LYS D 71 -28.04 -17.50 -21.03
N LEU D 72 -28.02 -18.11 -22.21
CA LEU D 72 -28.65 -19.41 -22.37
C LEU D 72 -28.01 -20.38 -21.39
N ALA D 73 -26.74 -20.13 -21.10
CA ALA D 73 -25.99 -20.96 -20.16
C ALA D 73 -26.47 -20.54 -18.78
N ASN D 74 -26.87 -19.27 -18.68
CA ASN D 74 -27.34 -18.70 -17.44
C ASN D 74 -26.15 -18.74 -16.48
N ALA D 75 -25.05 -18.14 -16.91
CA ALA D 75 -23.85 -18.13 -16.10
C ALA D 75 -23.33 -16.73 -15.79
N PRO D 76 -22.66 -16.58 -14.64
CA PRO D 76 -22.15 -15.23 -14.37
C PRO D 76 -21.13 -14.97 -15.47
N PHE D 77 -21.22 -13.80 -16.08
CA PHE D 77 -20.36 -13.42 -17.19
C PHE D 77 -19.62 -12.16 -16.82
N ILE D 78 -18.38 -12.03 -17.27
CA ILE D 78 -17.61 -10.82 -17.00
C ILE D 78 -16.81 -10.53 -18.29
N LYS D 79 -16.53 -9.25 -18.55
CA LYS D 79 -15.78 -8.88 -19.73
C LYS D 79 -14.61 -7.98 -19.40
N VAL D 80 -13.42 -8.55 -19.47
CA VAL D 80 -12.19 -7.82 -19.16
C VAL D 80 -11.53 -7.23 -20.41
N GLU D 81 -10.84 -6.12 -20.25
CA GLU D 81 -10.19 -5.53 -21.39
C GLU D 81 -8.70 -5.66 -21.26
N ALA D 82 -8.20 -6.81 -21.72
CA ALA D 82 -6.78 -7.19 -21.71
C ALA D 82 -5.78 -6.14 -21.25
N THR D 83 -5.84 -4.95 -21.85
CA THR D 83 -4.92 -3.88 -21.50
C THR D 83 -5.00 -3.27 -20.09
N LYS D 84 -6.18 -3.27 -19.47
CA LYS D 84 -6.30 -2.71 -18.12
C LYS D 84 -5.12 -3.15 -17.25
N PHE D 85 -4.53 -4.29 -17.58
CA PHE D 85 -3.45 -4.80 -16.76
C PHE D 85 -2.05 -4.37 -17.17
N THR D 86 -1.93 -3.63 -18.29
CA THR D 86 -0.63 -3.18 -18.73
C THR D 86 -0.29 -1.81 -18.15
N GLU D 87 1.00 -1.55 -18.02
CA GLU D 87 1.46 -0.27 -17.50
C GLU D 87 2.98 -0.15 -17.55
N VAL D 88 3.48 0.56 -18.56
CA VAL D 88 4.91 0.78 -18.73
C VAL D 88 5.33 1.92 -17.80
N GLY D 89 4.36 2.45 -17.09
CA GLY D 89 4.61 3.54 -16.16
C GLY D 89 3.49 3.74 -15.16
N TYR D 90 2.68 2.70 -14.95
CA TYR D 90 1.56 2.75 -14.02
C TYR D 90 1.60 1.57 -13.06
N VAL D 91 0.47 1.32 -12.42
CA VAL D 91 0.34 0.22 -11.48
C VAL D 91 -0.40 -0.92 -12.15
N GLY D 92 -1.41 -0.58 -12.95
CA GLY D 92 -2.19 -1.61 -13.61
C GLY D 92 -2.67 -2.67 -12.63
N LYS D 93 -3.94 -2.58 -12.21
CA LYS D 93 -4.49 -3.55 -11.28
C LYS D 93 -4.00 -4.96 -11.57
N GLU D 94 -4.06 -5.82 -10.57
CA GLU D 94 -3.60 -7.20 -10.72
C GLU D 94 -4.72 -8.15 -11.07
N VAL D 95 -4.49 -8.93 -12.12
CA VAL D 95 -5.46 -9.88 -12.63
C VAL D 95 -6.42 -10.60 -11.64
N ASP D 96 -5.99 -10.82 -10.39
CA ASP D 96 -6.86 -11.48 -9.39
C ASP D 96 -8.30 -11.00 -9.60
N SER D 97 -8.42 -9.68 -9.78
CA SER D 97 -9.68 -8.97 -10.00
C SER D 97 -10.70 -9.63 -10.91
N ILE D 98 -10.22 -10.25 -11.98
CA ILE D 98 -11.12 -10.90 -12.93
C ILE D 98 -12.05 -11.87 -12.19
N ILE D 99 -11.47 -12.75 -11.37
CA ILE D 99 -12.28 -13.74 -10.66
C ILE D 99 -13.13 -13.08 -9.57
N ARG D 100 -12.57 -12.03 -8.96
CA ARG D 100 -13.27 -11.28 -7.91
C ARG D 100 -14.57 -10.74 -8.50
N ASP D 101 -14.41 -9.90 -9.52
CA ASP D 101 -15.51 -9.30 -10.26
C ASP D 101 -16.55 -10.37 -10.61
N LEU D 102 -16.10 -11.39 -11.34
CA LEU D 102 -16.95 -12.48 -11.76
C LEU D 102 -17.73 -13.02 -10.56
N THR D 103 -17.07 -13.08 -9.42
CA THR D 103 -17.71 -13.61 -8.23
C THR D 103 -18.81 -12.67 -7.77
N ASP D 104 -18.45 -11.39 -7.66
CA ASP D 104 -19.43 -10.39 -7.25
C ASP D 104 -20.59 -10.46 -8.22
N ALA D 105 -20.29 -10.70 -9.49
CA ALA D 105 -21.31 -10.80 -10.53
C ALA D 105 -22.20 -12.03 -10.30
N ALA D 106 -21.59 -13.12 -9.86
CA ALA D 106 -22.33 -14.36 -9.59
C ALA D 106 -23.27 -14.16 -8.42
N VAL D 107 -22.76 -13.52 -7.37
CA VAL D 107 -23.53 -13.26 -6.18
C VAL D 107 -24.84 -12.53 -6.49
N LYS D 108 -24.76 -11.51 -7.35
CA LYS D 108 -25.96 -10.76 -7.73
C LYS D 108 -27.00 -11.70 -8.33
N MET D 109 -26.61 -12.37 -9.42
CA MET D 109 -27.49 -13.32 -10.10
C MET D 109 -28.16 -14.23 -9.08
N VAL D 110 -27.34 -14.80 -8.20
CA VAL D 110 -27.82 -15.69 -7.17
C VAL D 110 -28.86 -15.01 -6.28
N ARG D 111 -28.51 -13.85 -5.74
CA ARG D 111 -29.44 -13.12 -4.89
C ARG D 111 -30.78 -13.08 -5.62
N VAL D 112 -30.85 -12.26 -6.65
CA VAL D 112 -32.07 -12.12 -7.44
C VAL D 112 -32.63 -13.45 -7.95
N GLN D 113 -31.77 -14.45 -8.09
CA GLN D 113 -32.20 -15.76 -8.57
C GLN D 113 -33.17 -16.34 -7.56
N ALA D 114 -32.68 -16.48 -6.33
CA ALA D 114 -33.48 -17.03 -5.24
C ALA D 114 -34.78 -16.25 -5.06
N ILE D 115 -34.67 -14.93 -4.96
CA ILE D 115 -35.82 -14.06 -4.77
C ILE D 115 -36.97 -14.37 -5.74
N GLU D 116 -36.82 -13.93 -6.99
CA GLU D 116 -37.85 -14.17 -8.00
C GLU D 116 -38.23 -15.64 -8.12
N LYS D 117 -37.43 -16.51 -7.54
CA LYS D 117 -37.70 -17.95 -7.59
C LYS D 117 -38.90 -18.31 -6.73
N ASN D 118 -38.82 -17.98 -5.45
CA ASN D 118 -39.90 -18.26 -4.51
C ASN D 118 -40.47 -16.99 -3.91
N ARG D 119 -40.83 -16.04 -4.77
CA ARG D 119 -41.39 -14.78 -4.30
C ARG D 119 -42.82 -15.03 -3.85
N TYR D 120 -43.51 -15.90 -4.60
CA TYR D 120 -44.89 -16.24 -4.31
C TYR D 120 -45.00 -16.80 -2.90
N ARG D 121 -44.07 -17.70 -2.55
CA ARG D 121 -44.03 -18.30 -1.23
C ARG D 121 -43.99 -17.22 -0.14
N ALA D 122 -43.22 -16.17 -0.39
CA ALA D 122 -43.09 -15.07 0.56
C ALA D 122 -44.41 -14.33 0.67
N GLU D 123 -44.75 -13.56 -0.37
CA GLU D 123 -45.99 -12.80 -0.40
C GLU D 123 -47.13 -13.59 0.23
N GLU D 124 -47.20 -14.88 -0.11
CA GLU D 124 -48.23 -15.77 0.40
C GLU D 124 -48.20 -15.81 1.93
N LEU D 125 -47.11 -16.32 2.48
CA LEU D 125 -46.96 -16.41 3.93
C LEU D 125 -47.13 -15.03 4.56
N ALA D 126 -46.66 -14.00 3.86
CA ALA D 126 -46.77 -12.63 4.35
C ALA D 126 -48.22 -12.30 4.61
N GLU D 127 -49.05 -12.42 3.58
CA GLU D 127 -50.48 -12.14 3.71
C GLU D 127 -51.14 -13.21 4.56
N GLU D 128 -50.52 -14.39 4.62
CA GLU D 128 -51.06 -15.48 5.42
C GLU D 128 -50.93 -15.10 6.89
N ARG D 129 -50.18 -14.02 7.15
CA ARG D 129 -49.97 -13.55 8.51
C ARG D 129 -50.71 -12.25 8.78
N ILE D 130 -51.24 -11.63 7.73
CA ILE D 130 -51.98 -10.39 7.86
C ILE D 130 -53.45 -10.71 8.14
N LEU D 131 -53.86 -11.91 7.78
CA LEU D 131 -55.23 -12.34 8.01
C LEU D 131 -55.40 -12.78 9.46
N ASP D 132 -54.30 -13.11 10.10
CA ASP D 132 -54.31 -13.53 11.50
C ASP D 132 -54.70 -12.38 12.40
N VAL D 133 -54.29 -11.18 12.03
CA VAL D 133 -54.60 -9.99 12.81
C VAL D 133 -56.00 -9.48 12.48
N LEU D 134 -56.42 -9.74 11.24
CA LEU D 134 -57.75 -9.33 10.78
C LEU D 134 -58.80 -10.22 11.44
N ILE D 135 -58.55 -11.52 11.46
CA ILE D 135 -59.47 -12.48 12.06
C ILE D 135 -58.71 -13.36 13.04
N PRO D 136 -58.46 -12.86 14.27
CA PRO D 136 -57.73 -13.62 15.29
C PRO D 136 -58.20 -15.07 15.38
N PRO D 137 -57.40 -16.00 14.83
CA PRO D 137 -57.72 -17.43 14.84
C PRO D 137 -57.88 -17.99 16.25
N ALA D 138 -58.88 -18.85 16.43
CA ALA D 138 -59.12 -19.46 17.73
C ALA D 138 -58.20 -20.68 17.86
N LYS D 139 -57.24 -20.60 18.77
CA LYS D 139 -56.29 -21.67 18.99
C LYS D 139 -56.89 -23.07 18.83
N ASN D 140 -56.06 -24.00 18.34
CA ASN D 140 -56.48 -25.38 18.12
C ASN D 140 -57.52 -25.50 17.02
N ASN D 141 -57.31 -26.45 16.10
CA ASN D 141 -58.23 -26.67 14.99
C ASN D 141 -57.89 -27.97 14.27
N TRP D 142 -58.22 -28.04 12.98
CA TRP D 142 -57.96 -29.23 12.18
C TRP D 142 -58.59 -30.48 12.81
N GLY D 143 -58.27 -31.64 12.24
CA GLY D 143 -58.80 -32.89 12.75
C GLY D 143 -59.67 -33.65 11.76
N GLN D 144 -60.38 -32.91 10.90
CA GLN D 144 -61.24 -33.54 9.92
C GLN D 144 -60.79 -33.16 8.50
N THR D 145 -61.60 -33.53 7.51
CA THR D 145 -61.29 -33.24 6.12
C THR D 145 -62.06 -32.03 5.63
N GLU D 146 -62.02 -30.96 6.42
CA GLU D 146 -62.70 -29.71 6.08
C GLU D 146 -61.69 -28.65 5.67
N GLN D 147 -60.68 -29.03 4.90
CA GLN D 147 -59.65 -28.09 4.47
C GLN D 147 -60.22 -26.93 3.66
N GLN D 148 -61.30 -27.17 2.93
CA GLN D 148 -61.93 -26.13 2.12
C GLN D 148 -62.67 -25.11 2.98
N GLN D 149 -63.57 -25.61 3.80
CA GLN D 149 -64.39 -24.78 4.67
C GLN D 149 -63.68 -24.43 5.98
N GLU D 150 -62.39 -24.76 6.06
CA GLU D 150 -61.61 -24.48 7.26
C GLU D 150 -61.20 -23.01 7.33
N PRO D 151 -60.63 -22.47 6.24
CA PRO D 151 -60.20 -21.07 6.24
C PRO D 151 -61.34 -20.12 6.63
N SER D 152 -62.55 -20.67 6.70
CA SER D 152 -63.75 -19.91 7.05
C SER D 152 -64.00 -18.73 6.11
N ALA D 153 -65.27 -18.47 5.83
CA ALA D 153 -65.66 -17.37 4.95
C ALA D 153 -65.07 -16.06 5.44
N ALA D 154 -64.71 -16.01 6.72
CA ALA D 154 -64.13 -14.81 7.31
C ALA D 154 -62.77 -14.51 6.69
N ARG D 155 -61.82 -15.42 6.91
CA ARG D 155 -60.48 -15.27 6.36
C ARG D 155 -60.51 -15.18 4.84
N GLN D 156 -61.40 -15.95 4.23
CA GLN D 156 -61.55 -15.95 2.78
C GLN D 156 -62.08 -14.60 2.30
N ALA D 157 -62.91 -13.97 3.12
CA ALA D 157 -63.48 -12.67 2.78
C ALA D 157 -62.36 -11.63 2.72
N PHE D 158 -61.68 -11.43 3.85
CA PHE D 158 -60.59 -10.48 3.91
C PHE D 158 -59.51 -10.85 2.91
N ARG D 159 -59.46 -12.14 2.56
CA ARG D 159 -58.49 -12.64 1.59
C ARG D 159 -58.62 -11.88 0.29
N LYS D 160 -59.81 -11.94 -0.31
CA LYS D 160 -60.06 -11.25 -1.57
C LYS D 160 -59.96 -9.74 -1.41
N LYS D 161 -60.47 -9.22 -0.30
CA LYS D 161 -60.42 -7.79 -0.05
C LYS D 161 -58.97 -7.33 0.00
N LEU D 162 -58.14 -8.09 0.71
CA LEU D 162 -56.73 -7.78 0.86
C LEU D 162 -56.02 -7.69 -0.48
N ARG D 163 -55.85 -8.84 -1.14
CA ARG D 163 -55.17 -8.89 -2.43
C ARG D 163 -55.91 -8.12 -3.52
N GLU D 164 -57.23 -8.04 -3.42
CA GLU D 164 -58.03 -7.33 -4.42
C GLU D 164 -59.02 -6.35 -3.80
N GLY D 165 -58.52 -5.28 -3.20
CA GLY D 165 -59.42 -4.32 -2.59
C GLY D 165 -58.82 -3.34 -1.60
N GLN D 166 -59.68 -2.81 -0.73
CA GLN D 166 -59.29 -1.85 0.29
C GLN D 166 -58.38 -2.42 1.36
N LEU D 167 -58.74 -2.18 2.62
CA LEU D 167 -57.95 -2.64 3.76
C LEU D 167 -56.60 -1.94 3.74
N ASP D 168 -56.43 -0.96 4.63
CA ASP D 168 -55.17 -0.22 4.66
C ASP D 168 -54.86 0.38 6.03
N ASP D 169 -55.32 -0.27 7.09
CA ASP D 169 -55.09 0.20 8.45
C ASP D 169 -55.13 -0.92 9.48
N LYS D 170 -54.06 -1.04 10.26
CA LYS D 170 -53.97 -2.07 11.31
C LYS D 170 -52.61 -2.05 11.98
N GLU D 171 -52.40 -2.96 12.92
CA GLU D 171 -51.12 -3.07 13.62
C GLU D 171 -50.68 -4.53 13.65
N ILE D 172 -49.43 -4.76 13.30
CA ILE D 172 -48.88 -6.12 13.28
C ILE D 172 -47.75 -6.22 14.29
N GLU D 173 -47.43 -7.45 14.71
CA GLU D 173 -46.38 -7.66 15.69
C GLU D 173 -45.08 -8.16 15.04
N ILE D 174 -43.96 -7.57 15.48
CA ILE D 174 -42.64 -7.93 14.96
C ILE D 174 -41.63 -7.79 16.12
N ASP D 175 -40.63 -6.93 15.91
CA ASP D 175 -39.61 -6.67 16.93
C ASP D 175 -38.52 -5.74 16.37
N ALA D 212 -45.02 -5.82 17.86
CA ALA D 212 -46.35 -5.16 18.02
C ALA D 212 -46.24 -3.66 17.79
N ARG D 213 -46.82 -3.19 16.68
CA ARG D 213 -46.78 -1.77 16.36
C ARG D 213 -47.77 -1.45 15.24
N LYS D 214 -48.47 -0.33 15.37
CA LYS D 214 -49.45 0.08 14.37
C LYS D 214 -48.75 0.37 13.04
N LEU D 215 -49.43 0.08 11.94
CA LEU D 215 -48.86 0.31 10.62
C LEU D 215 -49.94 0.57 9.58
N LYS D 216 -49.85 -0.12 8.44
CA LYS D 216 -50.81 0.04 7.35
C LYS D 216 -50.54 -1.02 6.29
N ILE D 217 -51.56 -1.83 6.00
CA ILE D 217 -51.46 -2.92 5.04
C ILE D 217 -50.57 -2.67 3.81
N LYS D 218 -50.86 -1.65 3.01
CA LYS D 218 -50.05 -1.38 1.83
C LYS D 218 -48.55 -1.31 2.10
N ASP D 219 -48.18 -1.01 3.35
CA ASP D 219 -46.77 -0.94 3.72
C ASP D 219 -46.41 -2.04 4.71
N ALA D 220 -47.42 -2.54 5.42
CA ALA D 220 -47.23 -3.62 6.39
C ALA D 220 -46.97 -4.90 5.61
N MET D 221 -47.51 -4.97 4.41
CA MET D 221 -47.34 -6.12 3.54
C MET D 221 -45.90 -6.17 3.04
N LYS D 222 -45.43 -5.09 2.44
CA LYS D 222 -44.07 -5.04 1.93
C LYS D 222 -43.08 -5.33 3.04
N LEU D 223 -43.41 -4.93 4.26
CA LEU D 223 -42.55 -5.15 5.41
C LEU D 223 -42.46 -6.64 5.73
N LEU D 224 -43.60 -7.33 5.65
CA LEU D 224 -43.66 -8.76 5.93
C LEU D 224 -42.97 -9.60 4.87
N ILE D 225 -43.12 -9.18 3.61
CA ILE D 225 -42.51 -9.89 2.50
C ILE D 225 -41.01 -10.10 2.73
N GLU D 226 -40.29 -9.01 2.99
CA GLU D 226 -38.85 -9.09 3.23
C GLU D 226 -38.50 -10.00 4.40
N GLU D 227 -39.13 -9.76 5.55
CA GLU D 227 -38.88 -10.57 6.73
C GLU D 227 -39.11 -12.05 6.42
N GLU D 228 -40.18 -12.33 5.67
CA GLU D 228 -40.50 -13.69 5.29
C GLU D 228 -39.47 -14.17 4.27
N ALA D 229 -39.19 -13.31 3.30
CA ALA D 229 -38.22 -13.61 2.26
C ALA D 229 -36.95 -14.16 2.87
N ALA D 230 -36.54 -13.58 3.99
CA ALA D 230 -35.34 -14.04 4.68
C ALA D 230 -35.41 -15.54 4.94
N LYS D 231 -36.42 -15.95 5.71
CA LYS D 231 -36.63 -17.34 6.05
C LYS D 231 -36.23 -18.33 4.95
N LEU D 232 -36.75 -18.10 3.76
CA LEU D 232 -36.47 -18.97 2.62
C LEU D 232 -34.99 -19.00 2.26
N VAL D 233 -34.40 -17.82 2.11
CA VAL D 233 -32.99 -17.69 1.74
C VAL D 233 -32.05 -18.21 2.81
N ASN D 234 -31.20 -19.17 2.43
CA ASN D 234 -30.22 -19.76 3.34
C ASN D 234 -28.82 -19.21 3.00
N PRO D 235 -28.33 -18.25 3.80
CA PRO D 235 -27.03 -17.57 3.65
C PRO D 235 -25.77 -18.44 3.65
N GLU D 236 -25.85 -19.62 4.26
CA GLU D 236 -24.69 -20.50 4.30
C GLU D 236 -24.59 -21.21 2.95
N GLU D 237 -25.68 -21.17 2.20
CA GLU D 237 -25.73 -21.81 0.89
C GLU D 237 -25.43 -20.89 -0.27
N LEU D 238 -26.30 -19.90 -0.49
CA LEU D 238 -26.12 -18.99 -1.60
C LEU D 238 -24.68 -18.53 -1.79
N LYS D 239 -23.96 -18.31 -0.70
CA LYS D 239 -22.56 -17.90 -0.84
C LYS D 239 -21.90 -19.03 -1.60
N GLN D 240 -22.23 -20.26 -1.20
CA GLN D 240 -21.69 -21.45 -1.84
C GLN D 240 -22.32 -21.56 -3.23
N ASP D 241 -23.64 -21.43 -3.28
CA ASP D 241 -24.36 -21.50 -4.56
C ASP D 241 -23.75 -20.57 -5.59
N ALA D 242 -23.11 -19.51 -5.12
CA ALA D 242 -22.46 -18.54 -6.00
C ALA D 242 -21.17 -19.15 -6.54
N ILE D 243 -20.36 -19.69 -5.64
CA ILE D 243 -19.10 -20.31 -6.04
C ILE D 243 -19.41 -21.44 -7.02
N ASP D 244 -20.50 -22.16 -6.74
CA ASP D 244 -20.90 -23.26 -7.59
C ASP D 244 -21.46 -22.71 -8.90
N ALA D 245 -21.80 -21.43 -8.90
CA ALA D 245 -22.30 -20.77 -10.10
C ALA D 245 -21.08 -20.36 -10.92
N VAL D 246 -20.04 -19.88 -10.23
CA VAL D 246 -18.81 -19.45 -10.89
C VAL D 246 -17.94 -20.60 -11.38
N GLU D 247 -17.30 -21.27 -10.43
CA GLU D 247 -16.40 -22.38 -10.70
C GLU D 247 -16.85 -23.40 -11.73
N GLN D 248 -18.16 -23.52 -11.93
CA GLN D 248 -18.68 -24.50 -12.89
C GLN D 248 -19.55 -23.96 -14.02
N HIS D 249 -19.59 -22.65 -14.21
CA HIS D 249 -20.40 -22.03 -15.27
C HIS D 249 -19.81 -20.71 -15.74
N GLY D 250 -18.97 -20.13 -14.89
CA GLY D 250 -18.37 -18.87 -15.22
C GLY D 250 -17.76 -18.73 -16.59
N ILE D 251 -18.12 -17.63 -17.24
CA ILE D 251 -17.60 -17.32 -18.56
C ILE D 251 -16.84 -15.99 -18.47
N VAL D 252 -15.64 -15.95 -19.01
CA VAL D 252 -14.90 -14.71 -19.00
C VAL D 252 -14.62 -14.33 -20.46
N PHE D 253 -14.61 -13.05 -20.76
CA PHE D 253 -14.36 -12.58 -22.12
C PHE D 253 -13.25 -11.53 -22.09
N ILE D 254 -12.05 -11.93 -22.50
CA ILE D 254 -10.90 -11.04 -22.52
C ILE D 254 -10.75 -10.32 -23.87
N ASP D 255 -10.99 -9.02 -23.88
CA ASP D 255 -10.91 -8.24 -25.10
C ASP D 255 -9.52 -7.66 -25.34
N GLU D 256 -9.25 -7.30 -26.59
CA GLU D 256 -7.95 -6.72 -26.95
C GLU D 256 -6.76 -7.60 -26.57
N ILE D 257 -6.95 -8.92 -26.62
CA ILE D 257 -5.87 -9.85 -26.29
C ILE D 257 -4.75 -9.66 -27.32
N ASP D 258 -5.01 -8.84 -28.33
CA ASP D 258 -4.02 -8.58 -29.35
C ASP D 258 -3.26 -7.31 -29.08
N LYS D 259 -3.76 -6.49 -28.16
CA LYS D 259 -3.09 -5.24 -27.78
C LYS D 259 -2.00 -5.58 -26.74
N ILE D 260 -1.81 -6.88 -26.56
CA ILE D 260 -0.88 -7.44 -25.61
C ILE D 260 0.32 -8.10 -26.30
N CYS D 261 0.21 -8.35 -27.60
CA CYS D 261 1.25 -9.00 -28.37
C CYS D 261 2.52 -8.17 -28.55
N LYS D 262 3.62 -8.85 -28.88
CA LYS D 262 4.92 -8.22 -29.09
C LYS D 262 4.91 -6.72 -29.37
N ARG D 263 4.53 -6.36 -30.60
CA ARG D 263 4.47 -4.98 -31.09
C ARG D 263 5.73 -4.71 -31.92
N GLY D 264 6.83 -4.42 -31.23
CA GLY D 264 8.09 -4.15 -31.91
C GLY D 264 8.69 -2.80 -31.56
N GLU D 265 7.87 -1.76 -31.57
CA GLU D 265 8.32 -0.39 -31.27
C GLU D 265 9.51 -0.39 -30.30
N SER D 266 9.29 -0.89 -29.09
CA SER D 266 10.34 -0.95 -28.09
C SER D 266 10.55 -2.39 -27.65
N SER D 267 11.03 -2.57 -26.42
CA SER D 267 11.27 -3.92 -25.90
C SER D 267 10.80 -4.05 -24.46
N GLY D 268 11.05 -3.01 -23.67
CA GLY D 268 10.65 -3.03 -22.28
C GLY D 268 9.15 -3.18 -22.17
N PRO D 269 8.40 -2.27 -22.79
CA PRO D 269 6.93 -2.29 -22.77
C PRO D 269 6.34 -3.62 -23.24
N ASP D 270 6.93 -4.19 -24.30
CA ASP D 270 6.47 -5.45 -24.87
C ASP D 270 6.44 -6.55 -23.81
N VAL D 271 7.55 -6.71 -23.10
CA VAL D 271 7.63 -7.69 -22.02
C VAL D 271 6.64 -7.28 -20.92
N SER D 272 6.31 -5.99 -20.89
CA SER D 272 5.35 -5.46 -19.92
C SER D 272 3.92 -5.88 -20.35
N ARG D 273 3.68 -6.00 -21.65
CA ARG D 273 2.40 -6.44 -22.19
C ARG D 273 2.36 -7.97 -21.94
N GLU D 274 3.41 -8.61 -22.44
CA GLU D 274 3.56 -10.04 -22.29
C GLU D 274 3.38 -10.40 -20.82
N GLY D 275 3.68 -9.42 -19.95
CA GLY D 275 3.55 -9.65 -18.54
C GLY D 275 2.13 -10.07 -18.26
N VAL D 276 1.20 -9.43 -18.97
CA VAL D 276 -0.20 -9.73 -18.76
C VAL D 276 -0.51 -11.15 -19.22
N GLN D 277 0.11 -11.59 -20.32
CA GLN D 277 -0.14 -12.95 -20.79
C GLN D 277 0.40 -14.00 -19.81
N ARG D 278 1.55 -13.71 -19.22
CA ARG D 278 2.15 -14.63 -18.24
C ARG D 278 1.25 -14.60 -17.01
N ASP D 279 0.94 -13.40 -16.56
CA ASP D 279 0.10 -13.28 -15.40
C ASP D 279 -1.28 -13.88 -15.67
N LEU D 280 -1.71 -13.81 -16.93
CA LEU D 280 -3.00 -14.36 -17.31
C LEU D 280 -3.08 -15.89 -17.28
N LEU D 281 -1.95 -16.55 -17.56
CA LEU D 281 -1.88 -18.01 -17.60
C LEU D 281 -2.51 -18.83 -16.49
N PRO D 282 -2.21 -18.50 -15.23
CA PRO D 282 -2.82 -19.28 -14.15
C PRO D 282 -4.34 -19.38 -14.28
N LEU D 283 -5.00 -18.26 -14.54
CA LEU D 283 -6.45 -18.28 -14.65
C LEU D 283 -6.88 -19.36 -15.64
N VAL D 284 -6.42 -19.19 -16.88
CA VAL D 284 -6.78 -20.13 -17.92
C VAL D 284 -6.13 -21.49 -17.75
N GLU D 285 -5.09 -21.57 -16.93
CA GLU D 285 -4.44 -22.85 -16.69
C GLU D 285 -5.32 -23.66 -15.76
N GLY D 286 -5.78 -23.00 -14.71
CA GLY D 286 -6.64 -23.64 -13.73
C GLY D 286 -6.02 -23.52 -12.35
N CYS D 287 -6.49 -22.55 -11.56
CA CYS D 287 -5.95 -22.35 -10.23
C CYS D 287 -7.05 -21.99 -9.25
N THR D 288 -6.63 -21.43 -8.11
CA THR D 288 -7.54 -21.00 -7.04
C THR D 288 -7.19 -19.56 -6.63
N VAL D 289 -8.20 -18.69 -6.65
CA VAL D 289 -8.01 -17.30 -6.25
C VAL D 289 -8.91 -17.03 -5.04
N SER D 290 -8.49 -16.10 -4.18
CA SER D 290 -9.28 -15.81 -2.99
C SER D 290 -10.08 -14.52 -3.09
N THR D 291 -11.37 -14.62 -2.81
CA THR D 291 -12.29 -13.48 -2.86
C THR D 291 -12.94 -13.19 -1.51
N LYS D 292 -13.77 -12.16 -1.48
CA LYS D 292 -14.47 -11.77 -0.25
C LYS D 292 -15.57 -12.78 0.00
N HIS D 293 -15.71 -13.78 -0.87
CA HIS D 293 -16.77 -14.76 -0.69
C HIS D 293 -16.23 -16.19 -0.60
N GLY D 294 -14.93 -16.30 -0.35
CA GLY D 294 -14.34 -17.61 -0.25
C GLY D 294 -13.26 -17.88 -1.29
N MET D 295 -12.91 -19.15 -1.43
CA MET D 295 -11.90 -19.55 -2.40
C MET D 295 -12.63 -20.03 -3.64
N VAL D 296 -12.15 -19.59 -4.80
CA VAL D 296 -12.74 -20.00 -6.08
C VAL D 296 -11.70 -20.65 -7.00
N LYS D 297 -12.10 -21.78 -7.60
CA LYS D 297 -11.24 -22.55 -8.52
C LYS D 297 -11.57 -22.21 -9.99
N THR D 298 -10.60 -21.57 -10.67
CA THR D 298 -10.75 -21.16 -12.06
C THR D 298 -10.65 -22.32 -13.07
N ASP D 299 -10.64 -23.54 -12.55
CA ASP D 299 -10.51 -24.73 -13.38
C ASP D 299 -11.56 -25.00 -14.44
N HIS D 300 -12.80 -24.57 -14.24
CA HIS D 300 -13.81 -24.82 -15.27
C HIS D 300 -14.45 -23.54 -15.81
N ILE D 301 -13.77 -22.43 -15.54
CA ILE D 301 -14.23 -21.17 -16.03
C ILE D 301 -13.88 -21.22 -17.51
N LEU D 302 -14.84 -20.97 -18.39
CA LEU D 302 -14.57 -20.95 -19.83
C LEU D 302 -14.04 -19.57 -20.22
N PHE D 303 -12.86 -19.51 -20.82
CA PHE D 303 -12.30 -18.24 -21.21
C PHE D 303 -12.41 -18.01 -22.71
N ILE D 304 -12.93 -16.86 -23.08
CA ILE D 304 -13.10 -16.53 -24.47
C ILE D 304 -12.22 -15.33 -24.75
N ALA D 305 -11.03 -15.57 -25.27
CA ALA D 305 -10.14 -14.47 -25.62
C ALA D 305 -10.65 -13.95 -26.95
N SER D 306 -10.29 -12.72 -27.31
CA SER D 306 -10.77 -12.15 -28.56
C SER D 306 -9.99 -10.95 -28.96
N GLY D 307 -9.77 -10.82 -30.28
CA GLY D 307 -9.03 -9.69 -30.81
C GLY D 307 -9.21 -9.47 -32.30
N ALA D 308 -8.97 -8.26 -32.76
CA ALA D 308 -9.12 -7.96 -34.18
C ALA D 308 -7.87 -8.43 -34.93
N PHE D 309 -6.75 -8.43 -34.23
CA PHE D 309 -5.49 -8.86 -34.80
C PHE D 309 -5.19 -8.23 -36.16
N GLN D 310 -5.23 -6.91 -36.22
CA GLN D 310 -4.92 -6.22 -37.47
C GLN D 310 -3.40 -6.03 -37.59
N ILE D 311 -2.75 -5.79 -36.45
CA ILE D 311 -1.31 -5.60 -36.43
C ILE D 311 -0.60 -6.87 -35.94
N ALA D 312 -1.16 -7.49 -34.91
CA ALA D 312 -0.58 -8.70 -34.37
C ALA D 312 -1.32 -9.94 -34.85
N LYS D 313 -0.74 -11.13 -34.62
CA LYS D 313 -1.36 -12.39 -35.01
C LYS D 313 -1.34 -13.36 -33.85
N PRO D 314 -2.30 -14.30 -33.82
CA PRO D 314 -2.31 -15.25 -32.71
C PRO D 314 -0.92 -15.87 -32.50
N SER D 315 -0.26 -16.22 -33.61
CA SER D 315 1.07 -16.81 -33.58
C SER D 315 2.04 -16.01 -32.73
N ASP D 316 1.71 -14.74 -32.47
CA ASP D 316 2.57 -13.87 -31.69
C ASP D 316 2.25 -13.85 -30.21
N LEU D 317 1.28 -14.64 -29.81
CA LEU D 317 0.95 -14.74 -28.40
C LEU D 317 2.08 -15.54 -27.81
N ILE D 318 2.25 -15.47 -26.51
CA ILE D 318 3.31 -16.26 -25.91
C ILE D 318 2.89 -17.73 -26.11
N PRO D 319 3.83 -18.57 -26.56
CA PRO D 319 3.58 -19.99 -26.80
C PRO D 319 2.68 -20.66 -25.76
N GLU D 320 3.03 -20.52 -24.49
CA GLU D 320 2.23 -21.14 -23.42
C GLU D 320 0.73 -20.96 -23.61
N LEU D 321 0.31 -19.69 -23.68
CA LEU D 321 -1.07 -19.26 -23.87
C LEU D 321 -1.68 -19.78 -25.20
N GLN D 322 -0.93 -19.66 -26.30
CA GLN D 322 -1.41 -20.18 -27.58
C GLN D 322 -1.91 -21.59 -27.31
N GLY D 323 -1.02 -22.44 -26.80
CA GLY D 323 -1.39 -23.81 -26.50
C GLY D 323 -2.64 -23.88 -25.65
N ARG D 324 -2.86 -22.81 -24.90
CA ARG D 324 -3.99 -22.75 -24.01
C ARG D 324 -5.23 -22.07 -24.58
N LEU D 325 -5.25 -21.95 -25.89
CA LEU D 325 -6.38 -21.39 -26.63
C LEU D 325 -6.50 -22.35 -27.81
N PRO D 326 -6.78 -23.62 -27.54
CA PRO D 326 -6.91 -24.62 -28.60
C PRO D 326 -7.98 -24.35 -29.64
N ILE D 327 -9.08 -23.72 -29.23
CA ILE D 327 -10.18 -23.43 -30.14
C ILE D 327 -10.06 -22.06 -30.78
N ARG D 328 -9.87 -22.02 -32.09
CA ARG D 328 -9.72 -20.75 -32.80
C ARG D 328 -10.87 -20.57 -33.78
N VAL D 329 -11.40 -19.36 -33.89
CA VAL D 329 -12.50 -19.10 -34.84
C VAL D 329 -12.51 -17.65 -35.29
N GLU D 330 -12.78 -17.43 -36.57
CA GLU D 330 -12.81 -16.09 -37.11
C GLU D 330 -14.21 -15.61 -37.39
N LEU D 331 -14.43 -14.32 -37.29
CA LEU D 331 -15.74 -13.73 -37.59
C LEU D 331 -15.52 -12.81 -38.77
N GLN D 332 -16.44 -12.87 -39.74
CA GLN D 332 -16.36 -12.05 -40.95
C GLN D 332 -16.97 -10.68 -40.77
N ALA D 333 -16.41 -9.70 -41.47
CA ALA D 333 -16.91 -8.34 -41.43
C ALA D 333 -18.33 -8.42 -41.97
N LEU D 334 -19.20 -7.56 -41.49
CA LEU D 334 -20.58 -7.59 -41.91
C LEU D 334 -20.79 -6.85 -43.21
N THR D 335 -21.87 -7.18 -43.90
CA THR D 335 -22.17 -6.51 -45.16
C THR D 335 -23.49 -5.77 -45.01
N THR D 336 -23.84 -4.96 -46.00
CA THR D 336 -25.09 -4.20 -45.93
C THR D 336 -26.31 -5.08 -45.71
N SER D 337 -26.32 -6.27 -46.30
CA SER D 337 -27.45 -7.21 -46.13
C SER D 337 -27.53 -7.65 -44.68
N ASP D 338 -26.36 -7.93 -44.10
CA ASP D 338 -26.29 -8.34 -42.71
C ASP D 338 -26.96 -7.26 -41.90
N PHE D 339 -26.53 -6.01 -42.13
CA PHE D 339 -27.08 -4.87 -41.40
C PHE D 339 -28.60 -4.89 -41.46
N GLU D 340 -29.13 -5.07 -42.66
CA GLU D 340 -30.56 -5.11 -42.83
C GLU D 340 -31.19 -6.20 -41.98
N ARG D 341 -30.48 -7.30 -41.81
CA ARG D 341 -31.06 -8.38 -41.01
C ARG D 341 -30.90 -8.04 -39.53
N ILE D 342 -29.72 -7.55 -39.15
CA ILE D 342 -29.48 -7.21 -37.76
C ILE D 342 -30.60 -6.27 -37.37
N LEU D 343 -30.97 -5.42 -38.33
CA LEU D 343 -31.99 -4.42 -38.14
C LEU D 343 -33.39 -4.99 -37.87
N THR D 344 -33.72 -6.14 -38.44
CA THR D 344 -35.07 -6.69 -38.28
C THR D 344 -35.26 -8.14 -37.87
N GLU D 345 -34.35 -9.03 -38.26
CA GLU D 345 -34.50 -10.44 -37.91
C GLU D 345 -34.40 -10.78 -36.42
N PRO D 346 -33.31 -10.39 -35.75
CA PRO D 346 -33.15 -10.70 -34.32
C PRO D 346 -34.44 -10.59 -33.50
N ASN D 347 -34.50 -11.36 -32.41
CA ASN D 347 -35.67 -11.39 -31.52
C ASN D 347 -36.23 -10.05 -31.04
N ALA D 348 -35.44 -9.27 -30.31
CA ALA D 348 -35.95 -7.97 -29.89
C ALA D 348 -35.13 -6.90 -30.65
N SER D 349 -35.10 -7.01 -31.98
CA SER D 349 -34.36 -6.08 -32.82
C SER D 349 -34.62 -4.62 -32.53
N ILE D 350 -33.59 -3.78 -32.68
CA ILE D 350 -33.74 -2.36 -32.43
C ILE D 350 -34.95 -1.75 -33.12
N THR D 351 -35.31 -2.35 -34.25
CA THR D 351 -36.45 -1.93 -35.04
C THR D 351 -37.72 -2.23 -34.24
N VAL D 352 -37.80 -3.46 -33.74
CA VAL D 352 -38.93 -3.87 -32.95
C VAL D 352 -38.92 -3.11 -31.63
N GLN D 353 -37.73 -2.66 -31.24
CA GLN D 353 -37.61 -1.90 -30.02
C GLN D 353 -38.26 -0.52 -30.14
N TYR D 354 -37.93 0.20 -31.21
CA TYR D 354 -38.48 1.54 -31.42
C TYR D 354 -39.98 1.45 -31.63
N LYS D 355 -40.39 0.60 -32.57
CA LYS D 355 -41.81 0.45 -32.86
C LYS D 355 -42.54 0.23 -31.54
N ALA D 356 -41.96 -0.63 -30.71
CA ALA D 356 -42.57 -0.94 -29.43
C ALA D 356 -42.66 0.33 -28.60
N LEU D 357 -41.51 0.90 -28.29
CA LEU D 357 -41.46 2.12 -27.49
C LEU D 357 -42.42 3.18 -27.99
N MET D 358 -42.48 3.40 -29.31
CA MET D 358 -43.38 4.42 -29.81
C MET D 358 -44.85 4.09 -29.59
N ALA D 359 -45.22 2.82 -29.73
CA ALA D 359 -46.60 2.43 -29.52
C ALA D 359 -46.95 2.81 -28.09
N THR D 360 -45.94 2.85 -27.23
CA THR D 360 -46.13 3.18 -25.84
C THR D 360 -46.78 4.55 -25.76
N GLU D 361 -46.53 5.38 -26.75
CA GLU D 361 -47.10 6.71 -26.79
C GLU D 361 -48.30 6.73 -27.74
N GLY D 362 -48.67 5.57 -28.23
CA GLY D 362 -49.80 5.49 -29.14
C GLY D 362 -49.45 5.86 -30.58
N VAL D 363 -48.23 5.60 -30.99
CA VAL D 363 -47.84 5.91 -32.35
C VAL D 363 -47.48 4.62 -33.05
N ASN D 364 -48.04 4.45 -34.24
CA ASN D 364 -47.80 3.27 -35.05
C ASN D 364 -46.65 3.55 -36.02
N ILE D 365 -45.54 2.86 -35.83
CA ILE D 365 -44.38 3.04 -36.69
C ILE D 365 -44.30 1.83 -37.59
N GLU D 366 -44.15 2.02 -38.88
CA GLU D 366 -44.07 0.84 -39.75
C GLU D 366 -42.84 1.03 -40.62
N PHE D 367 -41.78 0.26 -40.37
CA PHE D 367 -40.56 0.36 -41.17
C PHE D 367 -40.78 -0.43 -42.46
N THR D 368 -40.72 0.25 -43.59
CA THR D 368 -40.88 -0.34 -44.90
C THR D 368 -39.56 -1.02 -45.23
N ASP D 369 -39.56 -1.96 -46.16
CA ASP D 369 -38.33 -2.63 -46.53
C ASP D 369 -37.38 -1.59 -47.14
N SER D 370 -37.96 -0.66 -47.89
CA SER D 370 -37.20 0.41 -48.54
C SER D 370 -36.53 1.26 -47.48
N GLY D 371 -37.19 1.39 -46.33
CA GLY D 371 -36.67 2.18 -45.22
C GLY D 371 -35.53 1.49 -44.47
N ILE D 372 -35.61 0.17 -44.37
CA ILE D 372 -34.56 -0.56 -43.70
C ILE D 372 -33.32 -0.48 -44.54
N LYS D 373 -33.45 -0.87 -45.81
CA LYS D 373 -32.32 -0.85 -46.74
C LYS D 373 -31.59 0.50 -46.73
N ARG D 374 -32.30 1.59 -46.48
CA ARG D 374 -31.65 2.88 -46.46
C ARG D 374 -30.93 3.16 -45.15
N ILE D 375 -31.49 2.66 -44.05
CA ILE D 375 -30.86 2.82 -42.74
C ILE D 375 -29.55 2.04 -42.85
N ALA D 376 -29.65 0.80 -43.31
CA ALA D 376 -28.47 -0.04 -43.46
C ALA D 376 -27.47 0.64 -44.38
N GLU D 377 -27.93 1.13 -45.53
CA GLU D 377 -27.01 1.82 -46.43
C GLU D 377 -26.41 3.06 -45.79
N ALA D 378 -27.20 3.77 -44.99
CA ALA D 378 -26.71 4.98 -44.31
C ALA D 378 -25.59 4.64 -43.35
N ALA D 379 -25.82 3.61 -42.55
CA ALA D 379 -24.83 3.16 -41.59
C ALA D 379 -23.56 2.81 -42.36
N TRP D 380 -23.71 1.91 -43.32
CA TRP D 380 -22.60 1.46 -44.13
C TRP D 380 -21.78 2.62 -44.71
N GLN D 381 -22.48 3.57 -45.32
CA GLN D 381 -21.83 4.73 -45.92
C GLN D 381 -20.99 5.55 -44.93
N VAL D 382 -21.47 5.69 -43.69
CA VAL D 382 -20.75 6.46 -42.67
C VAL D 382 -19.58 5.65 -42.18
N ASN D 383 -19.77 4.34 -42.12
CA ASN D 383 -18.72 3.45 -41.69
C ASN D 383 -17.62 3.44 -42.73
N GLU D 384 -17.98 3.80 -43.96
CA GLU D 384 -17.05 3.85 -45.08
C GLU D 384 -16.33 5.19 -45.17
N SER D 385 -17.05 6.29 -45.01
CA SER D 385 -16.47 7.61 -45.09
C SER D 385 -15.72 8.09 -43.85
N THR D 386 -15.99 7.50 -42.69
CA THR D 386 -15.32 7.87 -41.45
C THR D 386 -14.63 6.65 -40.83
N GLU D 387 -14.79 6.45 -39.53
CA GLU D 387 -14.19 5.28 -38.88
C GLU D 387 -15.16 4.11 -39.01
N ASN D 388 -14.66 2.91 -39.32
CA ASN D 388 -15.60 1.79 -39.42
C ASN D 388 -15.74 1.12 -38.06
N ILE D 389 -16.95 1.15 -37.51
CA ILE D 389 -17.16 0.57 -36.20
C ILE D 389 -18.18 -0.54 -36.18
N GLY D 390 -18.36 -1.17 -37.33
CA GLY D 390 -19.29 -2.28 -37.43
C GLY D 390 -20.75 -1.98 -37.26
N ALA D 391 -21.47 -2.96 -36.73
CA ALA D 391 -22.90 -2.84 -36.52
C ALA D 391 -23.31 -1.76 -35.53
N ARG D 392 -22.35 -1.23 -34.76
CA ARG D 392 -22.64 -0.17 -33.81
C ARG D 392 -23.23 1.05 -34.51
N ARG D 393 -22.71 1.39 -35.68
CA ARG D 393 -23.19 2.53 -36.44
C ARG D 393 -24.72 2.55 -36.60
N LEU D 394 -25.32 1.36 -36.65
CA LEU D 394 -26.77 1.26 -36.80
C LEU D 394 -27.49 1.93 -35.65
N HIS D 395 -26.93 1.81 -34.45
CA HIS D 395 -27.53 2.43 -33.26
C HIS D 395 -27.62 3.95 -33.39
N THR D 396 -26.48 4.58 -33.59
CA THR D 396 -26.45 6.04 -33.73
C THR D 396 -27.38 6.44 -34.89
N VAL D 397 -27.20 5.79 -36.03
CA VAL D 397 -28.00 6.07 -37.20
C VAL D 397 -29.49 5.92 -36.91
N LEU D 398 -29.86 4.82 -36.27
CA LEU D 398 -31.28 4.59 -35.95
C LEU D 398 -31.84 5.62 -35.00
N GLU D 399 -31.06 6.01 -34.00
CA GLU D 399 -31.50 6.98 -33.01
C GLU D 399 -31.66 8.35 -33.60
N ARG D 400 -30.67 8.78 -34.40
CA ARG D 400 -30.72 10.07 -35.04
C ARG D 400 -31.95 10.15 -35.91
N LEU D 401 -32.11 9.14 -36.76
CA LEU D 401 -33.26 9.06 -37.65
C LEU D 401 -34.58 9.21 -36.90
N MET D 402 -34.70 8.52 -35.77
CA MET D 402 -35.93 8.52 -34.98
C MET D 402 -36.13 9.60 -33.92
N GLU D 403 -35.19 10.54 -33.78
CA GLU D 403 -35.28 11.59 -32.76
C GLU D 403 -36.54 12.44 -32.79
N GLU D 404 -36.79 13.11 -33.91
CA GLU D 404 -37.98 13.95 -34.00
C GLU D 404 -39.23 13.20 -33.60
N ILE D 405 -39.49 12.05 -34.21
CA ILE D 405 -40.65 11.24 -33.86
C ILE D 405 -40.61 10.94 -32.38
N SER D 406 -39.44 10.56 -31.90
CA SER D 406 -39.30 10.26 -30.49
C SER D 406 -39.69 11.40 -29.54
N TYR D 407 -39.43 12.65 -29.93
CA TYR D 407 -39.77 13.78 -29.07
C TYR D 407 -41.26 14.09 -29.18
N ASP D 408 -41.72 14.28 -30.40
CA ASP D 408 -43.12 14.59 -30.69
C ASP D 408 -44.11 13.48 -30.35
N ALA D 409 -43.64 12.23 -30.42
CA ALA D 409 -44.47 11.05 -30.15
C ALA D 409 -45.81 11.30 -29.47
N SER D 410 -45.76 11.67 -28.20
CA SER D 410 -46.96 11.93 -27.42
C SER D 410 -48.10 12.68 -28.11
N ASP D 411 -47.75 13.63 -28.97
CA ASP D 411 -48.75 14.43 -29.65
C ASP D 411 -49.22 13.82 -30.96
N LEU D 412 -48.46 12.85 -31.45
CA LEU D 412 -48.79 12.16 -32.70
C LEU D 412 -49.58 10.90 -32.34
N SER D 413 -49.97 10.79 -31.07
CA SER D 413 -50.72 9.64 -30.61
C SER D 413 -51.89 9.37 -31.52
N GLY D 414 -52.09 8.09 -31.80
CA GLY D 414 -53.17 7.65 -32.66
C GLY D 414 -52.79 7.64 -34.13
N GLN D 415 -51.70 8.32 -34.48
CA GLN D 415 -51.27 8.38 -35.87
C GLN D 415 -50.28 7.31 -36.31
N ASN D 416 -50.06 7.22 -37.63
CA ASN D 416 -49.17 6.22 -38.18
C ASN D 416 -48.04 6.91 -38.90
N ILE D 417 -46.82 6.56 -38.55
CA ILE D 417 -45.67 7.14 -39.19
C ILE D 417 -44.93 5.98 -39.84
N THR D 418 -44.72 6.07 -41.14
CA THR D 418 -44.04 5.01 -41.81
C THR D 418 -42.63 5.48 -42.12
N ILE D 419 -41.65 4.72 -41.64
CA ILE D 419 -40.27 5.05 -41.90
C ILE D 419 -39.97 4.25 -43.15
N ASP D 420 -39.93 4.96 -44.27
CA ASP D 420 -39.66 4.34 -45.55
C ASP D 420 -38.46 5.05 -46.13
N ALA D 421 -37.94 4.49 -47.22
CA ALA D 421 -36.78 5.00 -47.95
C ALA D 421 -36.84 6.51 -48.07
N ASP D 422 -38.03 7.02 -48.36
CA ASP D 422 -38.18 8.45 -48.49
C ASP D 422 -37.99 9.13 -47.14
N TYR D 423 -38.65 8.62 -46.13
CA TYR D 423 -38.52 9.21 -44.80
C TYR D 423 -37.05 9.18 -44.36
N VAL D 424 -36.37 8.07 -44.61
CA VAL D 424 -34.98 7.93 -44.22
C VAL D 424 -34.05 8.97 -44.86
N SER D 425 -34.28 9.26 -46.13
CA SER D 425 -33.47 10.20 -46.87
C SER D 425 -33.51 11.62 -46.32
N LYS D 426 -34.71 12.14 -46.11
CA LYS D 426 -34.84 13.50 -45.61
C LYS D 426 -34.02 13.74 -44.34
N HIS D 427 -34.15 12.81 -43.39
CA HIS D 427 -33.49 12.86 -42.09
C HIS D 427 -32.01 12.50 -42.01
N LEU D 428 -31.53 11.71 -42.95
CA LEU D 428 -30.14 11.28 -42.87
C LEU D 428 -29.20 11.75 -43.99
N ASP D 429 -29.63 11.57 -45.24
CA ASP D 429 -28.84 11.94 -46.41
C ASP D 429 -27.91 13.14 -46.21
N ALA D 430 -28.44 14.23 -45.68
CA ALA D 430 -27.62 15.42 -45.48
C ALA D 430 -26.44 15.18 -44.54
N LEU D 431 -26.70 14.50 -43.44
CA LEU D 431 -25.69 14.23 -42.41
C LEU D 431 -24.66 13.22 -42.84
N VAL D 432 -25.10 12.15 -43.48
CA VAL D 432 -24.21 11.10 -43.95
C VAL D 432 -23.16 11.67 -44.90
N ALA D 433 -23.61 12.53 -45.80
CA ALA D 433 -22.77 13.21 -46.77
C ALA D 433 -21.74 14.11 -46.10
N ASP D 434 -22.23 15.04 -45.28
CA ASP D 434 -21.36 15.97 -44.56
C ASP D 434 -20.48 15.15 -43.60
N GLU D 435 -19.35 14.66 -44.10
CA GLU D 435 -18.46 13.85 -43.30
C GLU D 435 -17.99 14.45 -42.00
N ASP D 436 -18.04 15.78 -41.87
CA ASP D 436 -17.61 16.40 -40.63
C ASP D 436 -18.69 16.26 -39.58
N LEU D 437 -19.94 16.24 -40.02
CA LEU D 437 -21.03 16.08 -39.10
C LEU D 437 -21.14 14.63 -38.65
N SER D 438 -20.92 13.71 -39.58
CA SER D 438 -21.02 12.30 -39.26
C SER D 438 -20.02 11.94 -38.16
N ARG D 439 -18.90 12.68 -38.11
CA ARG D 439 -17.88 12.45 -37.11
C ARG D 439 -18.28 13.01 -35.76
N PHE D 440 -19.40 13.70 -35.72
CA PHE D 440 -19.92 14.27 -34.48
C PHE D 440 -21.30 13.69 -34.16
N ILE D 441 -22.17 13.64 -35.17
CA ILE D 441 -23.53 13.18 -34.95
C ILE D 441 -23.86 11.74 -35.20
N LEU D 442 -23.34 11.13 -36.25
CA LEU D 442 -23.65 9.73 -36.52
C LEU D 442 -22.64 8.84 -35.81
N SER E 1 -44.86 10.63 -11.30
CA SER E 1 -43.61 11.43 -11.46
C SER E 1 -43.15 11.44 -12.93
N GLU E 2 -43.79 10.59 -13.74
CA GLU E 2 -43.46 10.45 -15.15
C GLU E 2 -44.18 11.42 -16.09
N MET E 3 -43.47 12.48 -16.47
CA MET E 3 -44.01 13.49 -17.36
C MET E 3 -43.49 13.34 -18.78
N THR E 4 -44.20 13.93 -19.73
CA THR E 4 -43.86 13.84 -21.14
C THR E 4 -42.68 14.73 -21.51
N PRO E 5 -42.02 14.44 -22.65
CA PRO E 5 -40.87 15.20 -23.14
C PRO E 5 -41.11 16.69 -23.11
N ARG E 6 -42.11 17.11 -23.84
CA ARG E 6 -42.46 18.50 -23.93
C ARG E 6 -42.56 19.11 -22.51
N GLU E 7 -43.18 18.41 -21.58
CA GLU E 7 -43.31 18.90 -20.21
C GLU E 7 -41.94 19.01 -19.53
N ILE E 8 -41.14 17.95 -19.65
CA ILE E 8 -39.80 17.91 -19.08
C ILE E 8 -38.97 19.12 -19.51
N VAL E 9 -39.09 19.48 -20.77
CA VAL E 9 -38.35 20.61 -21.29
C VAL E 9 -38.86 21.90 -20.65
N SER E 10 -40.14 21.91 -20.29
CA SER E 10 -40.73 23.08 -19.66
C SER E 10 -40.15 23.34 -18.27
N GLU E 11 -39.80 22.30 -17.53
CA GLU E 11 -39.21 22.52 -16.22
C GLU E 11 -37.80 23.03 -16.48
N LEU E 12 -37.07 22.29 -17.31
CA LEU E 12 -35.73 22.67 -17.68
C LEU E 12 -35.72 24.14 -18.10
N ASP E 13 -36.78 24.56 -18.77
CA ASP E 13 -36.88 25.95 -19.21
C ASP E 13 -36.85 26.95 -18.07
N LYS E 14 -37.27 26.51 -16.88
CA LYS E 14 -37.31 27.39 -15.73
C LYS E 14 -35.97 27.61 -15.08
N HIS E 15 -35.00 26.80 -15.44
CA HIS E 15 -33.66 26.92 -14.85
C HIS E 15 -32.58 27.11 -15.87
N ILE E 16 -32.89 26.94 -17.14
CA ILE E 16 -31.87 27.07 -18.14
C ILE E 16 -32.36 27.78 -19.35
N ILE E 17 -31.65 28.86 -19.69
CA ILE E 17 -31.92 29.69 -20.85
C ILE E 17 -31.31 29.10 -22.13
N GLY E 18 -32.16 28.89 -23.13
CA GLY E 18 -31.67 28.33 -24.38
C GLY E 18 -31.37 26.84 -24.40
N GLN E 19 -30.45 26.46 -25.27
CA GLN E 19 -30.05 25.06 -25.40
C GLN E 19 -31.25 24.12 -25.47
N ASP E 20 -32.17 24.41 -26.38
CA ASP E 20 -33.37 23.63 -26.58
C ASP E 20 -33.09 22.23 -27.13
N ASN E 21 -32.12 22.12 -28.02
CA ASN E 21 -31.77 20.82 -28.58
C ASN E 21 -31.31 19.90 -27.46
N ALA E 22 -30.47 20.44 -26.58
CA ALA E 22 -29.95 19.68 -25.45
C ALA E 22 -31.09 19.28 -24.53
N LYS E 23 -32.03 20.20 -24.30
CA LYS E 23 -33.20 19.96 -23.44
C LYS E 23 -34.06 18.83 -23.97
N ARG E 24 -34.31 18.84 -25.27
CA ARG E 24 -35.10 17.78 -25.87
C ARG E 24 -34.33 16.49 -25.75
N SER E 25 -33.04 16.54 -26.07
CA SER E 25 -32.23 15.33 -25.98
C SER E 25 -32.41 14.62 -24.66
N VAL E 26 -32.12 15.35 -23.59
CA VAL E 26 -32.19 14.82 -22.25
C VAL E 26 -33.60 14.40 -21.89
N ALA E 27 -34.59 15.14 -22.39
CA ALA E 27 -35.99 14.82 -22.12
C ALA E 27 -36.36 13.49 -22.76
N ILE E 28 -36.03 13.33 -24.03
CA ILE E 28 -36.34 12.07 -24.69
C ILE E 28 -35.81 10.93 -23.85
N ALA E 29 -34.57 11.07 -23.37
CA ALA E 29 -33.95 10.03 -22.54
C ALA E 29 -34.80 9.73 -21.30
N LEU E 30 -34.98 10.76 -20.49
CA LEU E 30 -35.75 10.63 -19.28
C LEU E 30 -37.05 9.91 -19.61
N ARG E 31 -37.69 10.34 -20.69
CA ARG E 31 -38.96 9.76 -21.12
C ARG E 31 -38.95 8.27 -21.45
N ASN E 32 -37.90 7.80 -22.11
CA ASN E 32 -37.83 6.40 -22.44
C ASN E 32 -37.88 5.49 -21.24
N ARG E 33 -37.41 5.96 -20.10
CA ARG E 33 -37.43 5.12 -18.92
C ARG E 33 -38.88 4.75 -18.65
N TRP E 34 -39.78 5.69 -18.91
CA TRP E 34 -41.18 5.41 -18.70
C TRP E 34 -41.71 4.48 -19.78
N ARG E 35 -41.27 4.68 -21.01
CA ARG E 35 -41.70 3.86 -22.13
C ARG E 35 -41.29 2.41 -21.95
N ARG E 36 -40.04 2.21 -21.58
CA ARG E 36 -39.48 0.87 -21.38
C ARG E 36 -40.28 0.01 -20.42
N MET E 37 -40.80 0.62 -19.35
CA MET E 37 -41.58 -0.10 -18.35
C MET E 37 -42.89 -0.65 -18.88
N GLN E 38 -43.47 0.03 -19.84
CA GLN E 38 -44.73 -0.38 -20.44
C GLN E 38 -44.54 -1.65 -21.24
N LEU E 39 -43.31 -1.91 -21.67
CA LEU E 39 -42.97 -3.07 -22.48
C LEU E 39 -42.96 -4.38 -21.69
N ASN E 40 -43.00 -5.50 -22.42
CA ASN E 40 -42.99 -6.84 -21.82
C ASN E 40 -41.61 -7.17 -21.26
N GLU E 41 -41.48 -8.34 -20.64
CA GLU E 41 -40.21 -8.75 -20.06
C GLU E 41 -39.06 -8.73 -21.06
N GLU E 42 -39.19 -9.50 -22.13
CA GLU E 42 -38.15 -9.58 -23.15
C GLU E 42 -37.61 -8.20 -23.44
N LEU E 43 -38.44 -7.38 -24.08
CA LEU E 43 -38.08 -6.02 -24.47
C LEU E 43 -37.57 -5.12 -23.35
N ARG E 44 -38.23 -5.20 -22.20
CA ARG E 44 -37.86 -4.37 -21.06
C ARG E 44 -36.37 -4.56 -20.74
N HIS E 45 -35.86 -5.77 -20.99
CA HIS E 45 -34.46 -6.05 -20.71
C HIS E 45 -33.57 -6.09 -21.94
N GLU E 46 -34.05 -5.53 -23.04
CA GLU E 46 -33.29 -5.43 -24.28
C GLU E 46 -33.09 -3.95 -24.49
N VAL E 47 -34.07 -3.17 -24.10
CA VAL E 47 -34.00 -1.72 -24.24
C VAL E 47 -33.04 -1.11 -23.25
N THR E 48 -31.88 -0.66 -23.73
CA THR E 48 -30.87 -0.04 -22.86
C THR E 48 -30.99 1.48 -22.90
N PRO E 49 -30.30 2.18 -21.97
CA PRO E 49 -30.35 3.64 -21.92
C PRO E 49 -29.68 4.31 -23.09
N LYS E 50 -30.34 5.35 -23.60
CA LYS E 50 -29.85 6.13 -24.71
C LYS E 50 -28.94 7.20 -24.13
N ASN E 51 -27.72 6.81 -23.80
CA ASN E 51 -26.77 7.76 -23.21
C ASN E 51 -26.54 8.97 -24.12
N ILE E 52 -26.32 10.14 -23.53
CA ILE E 52 -26.12 11.34 -24.33
C ILE E 52 -24.67 11.73 -24.31
N LEU E 53 -24.26 12.50 -25.33
CA LEU E 53 -22.92 13.02 -25.45
C LEU E 53 -23.18 14.45 -25.83
N MET E 54 -22.93 15.38 -24.92
CA MET E 54 -23.17 16.76 -25.24
C MET E 54 -21.89 17.39 -25.74
N ILE E 55 -22.00 18.17 -26.79
CA ILE E 55 -20.86 18.89 -27.37
C ILE E 55 -21.13 20.40 -27.38
N GLY E 56 -20.22 21.18 -26.81
CA GLY E 56 -20.42 22.62 -26.78
C GLY E 56 -19.32 23.29 -26.00
N PRO E 57 -19.30 24.63 -25.94
CA PRO E 57 -18.32 25.45 -25.22
C PRO E 57 -18.60 25.48 -23.72
N THR E 58 -17.71 26.16 -22.97
CA THR E 58 -17.86 26.30 -21.52
C THR E 58 -18.97 27.26 -21.19
N GLY E 59 -19.46 27.13 -19.96
CA GLY E 59 -20.52 27.97 -19.47
C GLY E 59 -21.71 28.16 -20.39
N VAL E 60 -22.26 27.08 -20.94
CA VAL E 60 -23.43 27.23 -21.80
C VAL E 60 -24.64 26.45 -21.28
N GLY E 61 -24.41 25.58 -20.30
CA GLY E 61 -25.53 24.83 -19.73
C GLY E 61 -25.46 23.32 -19.71
N LYS E 62 -24.48 22.71 -20.37
CA LYS E 62 -24.36 21.25 -20.38
C LYS E 62 -24.59 20.56 -19.01
N THR E 63 -23.81 20.91 -17.99
CA THR E 63 -23.99 20.28 -16.68
C THR E 63 -25.31 20.70 -16.02
N GLU E 64 -25.61 21.99 -16.11
CA GLU E 64 -26.83 22.52 -15.50
C GLU E 64 -28.02 21.70 -15.97
N ILE E 65 -28.10 21.49 -17.28
CA ILE E 65 -29.18 20.71 -17.86
C ILE E 65 -29.23 19.32 -17.24
N ALA E 66 -28.06 18.70 -17.04
CA ALA E 66 -27.99 17.35 -16.45
C ALA E 66 -28.45 17.32 -14.98
N ARG E 67 -28.03 18.31 -14.19
CA ARG E 67 -28.42 18.37 -12.79
C ARG E 67 -29.93 18.56 -12.70
N ARG E 68 -30.39 19.63 -13.34
CA ARG E 68 -31.80 19.95 -13.33
C ARG E 68 -32.62 18.78 -13.84
N LEU E 69 -32.03 18.00 -14.74
CA LEU E 69 -32.74 16.86 -15.32
C LEU E 69 -32.86 15.78 -14.27
N ALA E 70 -31.79 15.64 -13.48
CA ALA E 70 -31.75 14.64 -12.45
C ALA E 70 -32.69 15.00 -11.34
N LYS E 71 -32.81 16.30 -11.06
CA LYS E 71 -33.69 16.77 -9.98
C LYS E 71 -35.16 16.51 -10.27
N LEU E 72 -35.67 17.05 -11.37
CA LEU E 72 -37.07 16.84 -11.67
C LEU E 72 -37.34 15.34 -11.75
N ALA E 73 -36.28 14.58 -11.99
CA ALA E 73 -36.36 13.13 -12.07
C ALA E 73 -36.16 12.55 -10.69
N ASN E 74 -35.78 13.41 -9.76
CA ASN E 74 -35.50 12.96 -8.43
C ASN E 74 -34.67 11.70 -8.59
N ALA E 75 -33.48 11.84 -9.14
CA ALA E 75 -32.59 10.71 -9.36
C ALA E 75 -31.16 10.93 -8.88
N PRO E 76 -30.56 9.90 -8.24
CA PRO E 76 -29.19 10.09 -7.78
C PRO E 76 -28.31 10.53 -8.94
N PHE E 77 -27.68 11.69 -8.79
CA PHE E 77 -26.83 12.24 -9.82
C PHE E 77 -25.34 12.29 -9.41
N ILE E 78 -24.47 12.58 -10.37
CA ILE E 78 -23.08 12.68 -10.04
C ILE E 78 -22.23 13.19 -11.22
N LYS E 79 -21.42 14.19 -10.96
CA LYS E 79 -20.56 14.76 -11.98
C LYS E 79 -19.22 14.09 -11.80
N VAL E 80 -18.51 13.85 -12.89
CA VAL E 80 -17.23 13.18 -12.81
C VAL E 80 -16.32 13.77 -13.87
N GLU E 81 -15.13 14.17 -13.45
CA GLU E 81 -14.22 14.69 -14.43
C GLU E 81 -13.58 13.45 -15.08
N ALA E 82 -13.67 13.36 -16.40
CA ALA E 82 -13.13 12.21 -17.08
C ALA E 82 -11.67 12.07 -16.75
N THR E 83 -10.98 13.19 -16.71
CA THR E 83 -9.54 13.21 -16.45
C THR E 83 -9.11 12.75 -15.08
N LYS E 84 -10.06 12.61 -14.17
CA LYS E 84 -9.72 12.17 -12.82
C LYS E 84 -8.98 10.84 -12.82
N PHE E 85 -9.01 10.13 -13.94
CA PHE E 85 -8.39 8.82 -14.01
C PHE E 85 -7.19 8.80 -14.93
N THR E 86 -7.01 9.89 -15.68
CA THR E 86 -5.92 10.02 -16.63
C THR E 86 -4.56 9.93 -15.96
N GLU E 87 -3.55 9.55 -16.74
CA GLU E 87 -2.18 9.43 -16.26
C GLU E 87 -1.24 8.86 -17.31
N VAL E 88 -0.08 9.50 -17.45
CA VAL E 88 0.94 9.07 -18.40
C VAL E 88 2.01 8.32 -17.61
N GLY E 89 1.72 8.12 -16.32
CA GLY E 89 2.64 7.44 -15.43
C GLY E 89 2.42 7.91 -14.01
N TYR E 90 1.16 8.23 -13.69
CA TYR E 90 0.79 8.72 -12.36
C TYR E 90 0.16 7.62 -11.52
N VAL E 91 -0.97 7.92 -10.88
CA VAL E 91 -1.67 6.95 -10.05
C VAL E 91 -3.16 6.95 -10.38
N GLY E 92 -3.89 7.89 -9.78
CA GLY E 92 -5.33 7.97 -10.01
C GLY E 92 -6.14 7.04 -9.13
N LYS E 93 -7.47 7.15 -9.27
CA LYS E 93 -8.44 6.34 -8.54
C LYS E 93 -8.93 5.19 -9.46
N GLU E 94 -10.03 4.54 -9.08
CA GLU E 94 -10.60 3.46 -9.88
C GLU E 94 -12.02 3.84 -10.33
N VAL E 95 -12.27 3.79 -11.64
CA VAL E 95 -13.56 4.14 -12.22
C VAL E 95 -14.84 3.69 -11.50
N ASP E 96 -14.81 2.53 -10.85
CA ASP E 96 -15.96 1.99 -10.10
C ASP E 96 -16.44 2.98 -9.03
N SER E 97 -15.50 3.78 -8.51
CA SER E 97 -15.81 4.79 -7.52
C SER E 97 -17.01 5.60 -7.98
N ILE E 98 -17.08 5.82 -9.29
CA ILE E 98 -18.17 6.57 -9.86
C ILE E 98 -19.48 5.96 -9.37
N ILE E 99 -19.57 4.63 -9.33
CA ILE E 99 -20.81 3.99 -8.86
C ILE E 99 -20.95 4.05 -7.35
N ARG E 100 -19.84 3.87 -6.64
CA ARG E 100 -19.85 3.95 -5.18
C ARG E 100 -20.44 5.30 -4.85
N ASP E 101 -19.82 6.34 -5.39
CA ASP E 101 -20.26 7.71 -5.18
C ASP E 101 -21.76 7.85 -5.47
N LEU E 102 -22.14 7.47 -6.69
CA LEU E 102 -23.53 7.57 -7.13
C LEU E 102 -24.41 6.87 -6.10
N THR E 103 -23.98 5.71 -5.62
CA THR E 103 -24.77 4.98 -4.64
C THR E 103 -24.91 5.75 -3.34
N ASP E 104 -23.78 6.24 -2.81
CA ASP E 104 -23.81 7.02 -1.57
C ASP E 104 -24.96 7.99 -1.74
N ALA E 105 -24.93 8.72 -2.84
CA ALA E 105 -25.94 9.71 -3.20
C ALA E 105 -27.36 9.16 -3.16
N ALA E 106 -27.52 7.89 -3.48
CA ALA E 106 -28.85 7.28 -3.48
C ALA E 106 -29.33 7.08 -2.04
N VAL E 107 -28.40 6.63 -1.19
CA VAL E 107 -28.72 6.41 0.21
C VAL E 107 -29.12 7.73 0.85
N LYS E 108 -28.33 8.77 0.58
CA LYS E 108 -28.57 10.11 1.11
C LYS E 108 -30.00 10.52 0.84
N MET E 109 -30.41 10.44 -0.43
CA MET E 109 -31.75 10.81 -0.83
C MET E 109 -32.82 10.03 -0.08
N VAL E 110 -32.61 8.72 0.03
CA VAL E 110 -33.54 7.84 0.70
C VAL E 110 -33.69 8.18 2.18
N ARG E 111 -32.57 8.42 2.85
CA ARG E 111 -32.57 8.77 4.26
C ARG E 111 -33.53 9.94 4.45
N VAL E 112 -33.21 11.04 3.79
CA VAL E 112 -34.02 12.23 3.84
C VAL E 112 -35.49 11.96 3.54
N GLN E 113 -35.77 11.20 2.50
CA GLN E 113 -37.15 10.87 2.13
C GLN E 113 -37.94 10.40 3.34
N ALA E 114 -37.38 9.40 4.03
CA ALA E 114 -38.02 8.80 5.21
C ALA E 114 -38.18 9.80 6.37
N ILE E 115 -37.06 10.36 6.80
CA ILE E 115 -37.05 11.34 7.89
C ILE E 115 -38.20 12.34 7.78
N GLU E 116 -38.05 13.30 6.87
CA GLU E 116 -39.04 14.33 6.64
C GLU E 116 -40.47 13.80 6.47
N LYS E 117 -40.61 12.50 6.19
CA LYS E 117 -41.94 11.91 6.00
C LYS E 117 -42.59 11.68 7.36
N ASN E 118 -41.84 11.01 8.24
CA ASN E 118 -42.31 10.72 9.58
C ASN E 118 -41.51 11.49 10.65
N ARG E 119 -41.21 12.76 10.38
CA ARG E 119 -40.46 13.55 11.35
C ARG E 119 -41.37 13.94 12.51
N TYR E 120 -42.60 14.33 12.18
CA TYR E 120 -43.58 14.72 13.19
C TYR E 120 -43.61 13.63 14.26
N ARG E 121 -43.76 12.38 13.81
CA ARG E 121 -43.77 11.22 14.68
C ARG E 121 -42.61 11.27 15.67
N ALA E 122 -41.39 11.36 15.16
CA ALA E 122 -40.22 11.40 16.01
C ALA E 122 -40.31 12.54 17.02
N GLU E 123 -40.54 13.74 16.52
CA GLU E 123 -40.64 14.93 17.38
C GLU E 123 -41.70 14.72 18.46
N GLU E 124 -42.81 14.11 18.08
CA GLU E 124 -43.91 13.87 19.02
C GLU E 124 -43.41 13.03 20.19
N LEU E 125 -43.14 11.75 19.92
CA LEU E 125 -42.66 10.85 20.96
C LEU E 125 -41.45 11.42 21.71
N ALA E 126 -40.69 12.29 21.06
CA ALA E 126 -39.53 12.89 21.70
C ALA E 126 -39.95 13.73 22.89
N GLU E 127 -40.84 14.70 22.67
CA GLU E 127 -41.31 15.55 23.77
C GLU E 127 -42.18 14.70 24.69
N GLU E 128 -42.88 13.76 24.07
CA GLU E 128 -43.74 12.85 24.80
C GLU E 128 -42.88 12.07 25.80
N ARG E 129 -41.57 12.27 25.75
CA ARG E 129 -40.68 11.55 26.65
C ARG E 129 -39.94 12.55 27.55
N ILE E 130 -40.13 13.82 27.24
CA ILE E 130 -39.55 14.90 28.01
C ILE E 130 -40.58 15.30 29.06
N LEU E 131 -41.83 14.99 28.77
CA LEU E 131 -42.90 15.27 29.71
C LEU E 131 -42.87 14.24 30.83
N ASP E 132 -42.31 13.07 30.56
CA ASP E 132 -42.25 12.04 31.57
C ASP E 132 -41.22 12.39 32.63
N VAL E 133 -40.31 13.30 32.31
CA VAL E 133 -39.30 13.68 33.30
C VAL E 133 -39.75 14.93 34.03
N LEU E 134 -40.57 15.75 33.35
CA LEU E 134 -41.11 16.98 33.92
C LEU E 134 -42.17 16.65 34.97
N ILE E 135 -43.06 15.70 34.63
CA ILE E 135 -44.09 15.25 35.57
C ILE E 135 -44.13 13.72 35.57
N PRO E 136 -43.22 13.09 36.32
CA PRO E 136 -43.17 11.63 36.40
C PRO E 136 -44.57 11.06 36.61
N PRO E 137 -45.09 10.34 35.59
CA PRO E 137 -46.43 9.77 35.73
C PRO E 137 -46.40 8.68 36.77
N ALA E 138 -47.54 8.44 37.41
CA ALA E 138 -47.60 7.37 38.40
C ALA E 138 -48.10 6.13 37.67
N LYS E 139 -47.32 5.05 37.72
CA LYS E 139 -47.64 3.80 37.05
C LYS E 139 -49.13 3.44 37.04
N ASN E 140 -49.55 2.74 35.99
CA ASN E 140 -50.93 2.30 35.83
C ASN E 140 -51.89 3.48 35.65
N ASN E 141 -52.80 3.33 34.68
CA ASN E 141 -53.79 4.36 34.39
C ASN E 141 -54.85 3.81 33.42
N TRP E 142 -55.40 4.70 32.59
CA TRP E 142 -56.42 4.31 31.62
C TRP E 142 -57.57 3.55 32.27
N GLY E 143 -58.50 3.08 31.44
CA GLY E 143 -59.63 2.33 31.96
C GLY E 143 -60.97 2.93 31.59
N GLN E 144 -61.06 4.26 31.63
CA GLN E 144 -62.30 4.95 31.31
C GLN E 144 -62.17 5.75 30.01
N THR E 145 -63.17 6.56 29.71
CA THR E 145 -63.15 7.38 28.50
C THR E 145 -62.75 8.83 28.79
N GLU E 146 -61.63 8.97 29.49
CA GLU E 146 -61.10 10.28 29.86
C GLU E 146 -59.79 10.53 29.11
N GLN E 147 -59.84 10.51 27.78
CA GLN E 147 -58.63 10.71 26.98
C GLN E 147 -58.08 12.14 26.95
N GLN E 148 -58.94 13.15 27.03
CA GLN E 148 -58.47 14.53 27.00
C GLN E 148 -58.18 15.08 28.39
N GLN E 149 -58.80 14.50 29.40
CA GLN E 149 -58.56 14.92 30.78
C GLN E 149 -57.51 13.99 31.40
N GLU E 150 -57.03 13.03 30.59
CA GLU E 150 -56.03 12.05 31.03
C GLU E 150 -54.63 12.65 31.07
N PRO E 151 -54.16 13.25 29.96
CA PRO E 151 -52.82 13.84 29.95
C PRO E 151 -52.57 14.74 31.17
N SER E 152 -53.65 15.10 31.87
CA SER E 152 -53.58 15.95 33.07
C SER E 152 -53.12 17.36 32.75
N ALA E 153 -53.78 18.34 33.36
CA ALA E 153 -53.44 19.74 33.13
C ALA E 153 -51.97 20.01 33.40
N ALA E 154 -51.31 19.12 34.13
CA ALA E 154 -49.90 19.29 34.44
C ALA E 154 -49.03 19.01 33.23
N ARG E 155 -49.30 17.90 32.55
CA ARG E 155 -48.53 17.55 31.37
C ARG E 155 -48.85 18.54 30.26
N GLN E 156 -50.14 18.84 30.11
CA GLN E 156 -50.58 19.81 29.11
C GLN E 156 -49.91 21.17 29.29
N ALA E 157 -49.76 21.59 30.54
CA ALA E 157 -49.13 22.87 30.85
C ALA E 157 -47.66 22.84 30.48
N PHE E 158 -46.95 21.80 30.91
CA PHE E 158 -45.55 21.67 30.57
C PHE E 158 -45.42 21.59 29.06
N ARG E 159 -46.32 20.84 28.47
CA ARG E 159 -46.30 20.61 27.03
C ARG E 159 -46.30 21.94 26.28
N LYS E 160 -47.23 22.82 26.63
CA LYS E 160 -47.33 24.15 26.00
C LYS E 160 -46.05 24.94 26.23
N LYS E 161 -45.63 24.95 27.48
CA LYS E 161 -44.42 25.66 27.90
C LYS E 161 -43.23 25.16 27.08
N LEU E 162 -43.12 23.84 27.00
CA LEU E 162 -41.98 23.17 26.33
C LEU E 162 -41.82 23.44 24.79
N ARG E 163 -42.85 23.10 24.02
CA ARG E 163 -42.85 23.13 22.52
C ARG E 163 -42.55 24.51 21.92
N GLU E 164 -43.20 25.48 22.50
CA GLU E 164 -43.05 26.88 22.14
C GLU E 164 -42.62 27.68 23.34
N GLY E 165 -41.41 27.58 23.82
CA GLY E 165 -41.22 28.42 25.02
C GLY E 165 -39.87 28.35 25.68
N GLN E 166 -39.88 27.64 26.78
CA GLN E 166 -38.74 27.52 27.62
C GLN E 166 -38.48 26.05 27.84
N LEU E 167 -37.31 25.79 27.43
CA LEU E 167 -36.61 24.58 27.52
C LEU E 167 -35.48 24.89 28.39
N ASP E 168 -34.96 24.01 29.15
CA ASP E 168 -33.61 24.38 29.41
C ASP E 168 -32.86 23.76 30.54
N ASP E 169 -33.43 23.09 31.50
CA ASP E 169 -32.49 22.32 32.34
C ASP E 169 -33.10 21.05 32.88
N LYS E 170 -32.51 19.90 32.56
CA LYS E 170 -32.92 18.66 33.23
C LYS E 170 -32.03 17.46 33.05
N GLU E 171 -32.56 16.31 33.44
CA GLU E 171 -31.85 15.04 33.39
C GLU E 171 -32.71 13.94 32.77
N ILE E 172 -32.34 13.49 31.57
CA ILE E 172 -33.09 12.44 30.87
C ILE E 172 -32.23 11.20 30.74
N GLU E 173 -32.85 10.03 30.89
CA GLU E 173 -32.12 8.78 30.79
C GLU E 173 -32.05 8.28 29.36
N ILE E 174 -30.92 7.66 29.01
CA ILE E 174 -30.69 7.08 27.69
C ILE E 174 -29.77 5.88 27.82
N ASP E 175 -28.63 5.92 27.13
CA ASP E 175 -27.69 4.80 27.13
C ASP E 175 -26.20 5.21 27.14
N ALA E 212 -29.33 7.63 31.98
CA ALA E 212 -29.49 8.78 32.91
C ALA E 212 -28.30 9.73 32.76
N ARG E 213 -28.57 11.01 32.61
CA ARG E 213 -27.52 11.99 32.44
C ARG E 213 -28.11 13.38 32.33
N LYS E 214 -27.68 14.30 33.20
CA LYS E 214 -28.19 15.66 33.16
C LYS E 214 -28.01 16.21 31.75
N LEU E 215 -28.69 17.31 31.44
CA LEU E 215 -28.60 17.91 30.11
C LEU E 215 -29.43 19.19 30.07
N LYS E 216 -30.06 19.44 28.93
CA LYS E 216 -30.86 20.64 28.74
C LYS E 216 -31.83 20.43 27.58
N ILE E 217 -33.11 20.57 27.88
CA ILE E 217 -34.16 20.37 26.88
C ILE E 217 -33.80 20.82 25.47
N LYS E 218 -33.50 22.11 25.30
CA LYS E 218 -33.17 22.64 23.97
C LYS E 218 -32.20 21.73 23.23
N ASP E 219 -31.44 20.94 23.99
CA ASP E 219 -30.48 20.02 23.40
C ASP E 219 -30.97 18.59 23.53
N ALA E 220 -31.41 18.21 24.71
CA ALA E 220 -31.91 16.86 24.91
C ALA E 220 -32.97 16.57 23.86
N MET E 221 -33.63 17.62 23.38
CA MET E 221 -34.67 17.46 22.39
C MET E 221 -34.05 16.88 21.11
N LYS E 222 -33.09 17.61 20.53
CA LYS E 222 -32.40 17.17 19.32
C LYS E 222 -31.87 15.77 19.51
N LEU E 223 -31.19 15.57 20.62
CA LEU E 223 -30.65 14.26 20.95
C LEU E 223 -31.77 13.22 20.79
N LEU E 224 -32.88 13.42 21.50
CA LEU E 224 -34.01 12.50 21.44
C LEU E 224 -34.58 12.28 20.04
N ILE E 225 -34.78 13.37 19.31
CA ILE E 225 -35.32 13.31 17.95
C ILE E 225 -34.58 12.28 17.09
N GLU E 226 -33.25 12.33 17.15
CA GLU E 226 -32.44 11.40 16.39
C GLU E 226 -32.79 10.01 16.91
N GLU E 227 -32.59 9.80 18.21
CA GLU E 227 -32.87 8.49 18.81
C GLU E 227 -34.22 7.92 18.40
N GLU E 228 -35.21 8.78 18.30
CA GLU E 228 -36.55 8.32 17.94
C GLU E 228 -36.74 8.11 16.46
N ALA E 229 -36.21 9.03 15.65
CA ALA E 229 -36.32 8.93 14.20
C ALA E 229 -35.87 7.52 13.80
N ALA E 230 -34.81 7.05 14.44
CA ALA E 230 -34.27 5.71 14.19
C ALA E 230 -35.38 4.66 14.19
N LYS E 231 -35.97 4.40 15.37
CA LYS E 231 -37.05 3.40 15.52
C LYS E 231 -38.02 3.26 14.34
N LEU E 232 -38.24 4.35 13.61
CA LEU E 232 -39.18 4.34 12.50
C LEU E 232 -38.60 3.84 11.16
N VAL E 233 -37.37 4.25 10.85
CA VAL E 233 -36.72 3.87 9.61
C VAL E 233 -36.27 2.40 9.60
N ASN E 234 -36.71 1.66 8.58
CA ASN E 234 -36.36 0.24 8.40
C ASN E 234 -35.11 0.15 7.52
N PRO E 235 -34.02 -0.43 8.04
CA PRO E 235 -32.74 -0.58 7.32
C PRO E 235 -32.76 -1.26 5.94
N GLU E 236 -33.21 -2.51 5.89
CA GLU E 236 -33.26 -3.25 4.62
C GLU E 236 -34.13 -2.55 3.59
N GLU E 237 -35.20 -1.90 4.07
CA GLU E 237 -36.11 -1.19 3.17
C GLU E 237 -35.42 -0.01 2.52
N LEU E 238 -34.63 0.73 3.28
CA LEU E 238 -33.94 1.87 2.70
C LEU E 238 -32.66 1.48 1.97
N LYS E 239 -32.13 0.30 2.28
CA LYS E 239 -30.92 -0.18 1.60
C LYS E 239 -31.37 -0.63 0.23
N GLN E 240 -32.45 -1.41 0.20
CA GLN E 240 -33.00 -1.88 -1.06
C GLN E 240 -33.48 -0.66 -1.83
N ASP E 241 -34.25 0.17 -1.16
CA ASP E 241 -34.76 1.39 -1.78
C ASP E 241 -33.63 2.20 -2.38
N ALA E 242 -32.58 2.41 -1.61
CA ALA E 242 -31.44 3.19 -2.09
C ALA E 242 -30.81 2.54 -3.32
N ILE E 243 -30.88 1.23 -3.40
CA ILE E 243 -30.31 0.54 -4.54
C ILE E 243 -31.22 0.73 -5.74
N ASP E 244 -32.46 0.30 -5.65
CA ASP E 244 -33.38 0.48 -6.77
C ASP E 244 -33.14 1.89 -7.31
N ALA E 245 -33.00 2.86 -6.41
CA ALA E 245 -32.76 4.24 -6.81
C ALA E 245 -31.70 4.27 -7.89
N VAL E 246 -30.47 3.98 -7.51
CA VAL E 246 -29.33 3.94 -8.42
C VAL E 246 -29.59 3.12 -9.68
N GLU E 247 -29.81 1.82 -9.48
CA GLU E 247 -30.04 0.90 -10.57
C GLU E 247 -31.13 1.22 -11.57
N GLN E 248 -32.15 1.94 -11.14
CA GLN E 248 -33.24 2.25 -12.05
C GLN E 248 -33.36 3.71 -12.46
N HIS E 249 -32.64 4.59 -11.78
CA HIS E 249 -32.71 6.00 -12.08
C HIS E 249 -31.39 6.74 -12.02
N GLY E 250 -30.31 6.04 -11.71
CA GLY E 250 -29.03 6.69 -11.63
C GLY E 250 -28.71 7.52 -12.88
N ILE E 251 -28.09 8.67 -12.69
CA ILE E 251 -27.67 9.53 -13.80
C ILE E 251 -26.24 10.01 -13.56
N VAL E 252 -25.30 9.49 -14.33
CA VAL E 252 -23.91 9.90 -14.17
C VAL E 252 -23.56 10.89 -15.27
N PHE E 253 -22.82 11.94 -14.92
CA PHE E 253 -22.41 12.96 -15.88
C PHE E 253 -20.88 13.01 -16.03
N ILE E 254 -20.36 12.46 -17.12
CA ILE E 254 -18.92 12.44 -17.37
C ILE E 254 -18.48 13.66 -18.17
N ASP E 255 -17.84 14.59 -17.47
CA ASP E 255 -17.38 15.81 -18.09
C ASP E 255 -16.02 15.64 -18.69
N GLU E 256 -15.70 16.52 -19.62
CA GLU E 256 -14.40 16.51 -20.26
C GLU E 256 -14.05 15.19 -20.88
N ILE E 257 -15.03 14.57 -21.53
CA ILE E 257 -14.81 13.29 -22.18
C ILE E 257 -13.86 13.43 -23.36
N ASP E 258 -13.79 14.62 -23.93
CA ASP E 258 -12.92 14.84 -25.08
C ASP E 258 -11.47 14.97 -24.64
N LYS E 259 -11.24 14.95 -23.34
CA LYS E 259 -9.91 15.05 -22.77
C LYS E 259 -9.31 13.64 -22.66
N ILE E 260 -9.90 12.70 -23.39
CA ILE E 260 -9.44 11.32 -23.37
C ILE E 260 -9.27 10.81 -24.79
N CYS E 261 -9.58 11.62 -25.79
CA CYS E 261 -9.47 11.16 -27.16
C CYS E 261 -8.07 11.27 -27.77
N LYS E 262 -7.76 10.34 -28.66
CA LYS E 262 -6.49 10.26 -29.36
C LYS E 262 -5.35 11.15 -28.83
N ARG E 263 -5.26 12.35 -29.41
CA ARG E 263 -4.24 13.36 -29.08
C ARG E 263 -3.20 13.40 -30.20
N GLY E 264 -2.16 12.58 -30.08
CA GLY E 264 -1.13 12.53 -31.10
C GLY E 264 0.27 12.91 -30.66
N GLU E 265 0.41 13.47 -29.47
CA GLU E 265 1.72 13.87 -28.95
C GLU E 265 2.45 12.68 -28.35
N SER E 266 1.85 11.51 -28.45
CA SER E 266 2.46 10.29 -27.91
C SER E 266 1.74 9.05 -28.44
N SER E 267 1.94 7.93 -27.73
CA SER E 267 1.32 6.67 -28.08
C SER E 267 0.85 5.98 -26.80
N GLY E 268 1.76 5.84 -25.85
CA GLY E 268 1.41 5.21 -24.59
C GLY E 268 0.40 6.05 -23.81
N PRO E 269 0.82 7.20 -23.24
CA PRO E 269 -0.04 8.10 -22.47
C PRO E 269 -1.36 8.43 -23.18
N ASP E 270 -1.34 8.39 -24.51
CA ASP E 270 -2.55 8.64 -25.30
C ASP E 270 -3.39 7.37 -25.24
N VAL E 271 -2.84 6.24 -25.67
CA VAL E 271 -3.56 4.98 -25.61
C VAL E 271 -3.71 4.68 -24.11
N SER E 272 -3.31 5.64 -23.28
CA SER E 272 -3.42 5.55 -21.84
C SER E 272 -4.65 6.39 -21.48
N ARG E 273 -4.89 7.44 -22.26
CA ARG E 273 -6.06 8.27 -22.04
C ARG E 273 -7.19 7.30 -22.40
N GLU E 274 -7.01 6.64 -23.55
CA GLU E 274 -7.95 5.65 -24.06
C GLU E 274 -8.21 4.61 -22.97
N GLY E 275 -7.16 4.27 -22.24
CA GLY E 275 -7.33 3.32 -21.16
C GLY E 275 -8.47 3.81 -20.29
N VAL E 276 -8.61 5.11 -20.11
CA VAL E 276 -9.70 5.61 -19.28
C VAL E 276 -11.01 5.24 -19.96
N GLN E 277 -11.02 5.31 -21.28
CA GLN E 277 -12.20 4.97 -22.05
C GLN E 277 -12.54 3.51 -21.88
N ARG E 278 -11.52 2.66 -21.94
CA ARG E 278 -11.74 1.25 -21.77
C ARG E 278 -12.33 1.02 -20.39
N ASP E 279 -11.70 1.59 -19.38
CA ASP E 279 -12.15 1.40 -18.01
C ASP E 279 -13.60 1.79 -17.78
N LEU E 280 -14.09 2.76 -18.54
CA LEU E 280 -15.48 3.21 -18.40
C LEU E 280 -16.44 2.30 -19.10
N LEU E 281 -15.92 1.53 -20.05
CA LEU E 281 -16.75 0.63 -20.79
C LEU E 281 -17.67 -0.24 -19.93
N PRO E 282 -17.13 -0.91 -18.89
CA PRO E 282 -18.02 -1.74 -18.08
C PRO E 282 -19.26 -1.03 -17.56
N LEU E 283 -19.09 0.21 -17.11
CA LEU E 283 -20.20 0.98 -16.60
C LEU E 283 -21.29 1.22 -17.63
N VAL E 284 -20.87 1.62 -18.83
CA VAL E 284 -21.80 1.92 -19.90
C VAL E 284 -22.37 0.71 -20.64
N GLU E 285 -21.67 -0.41 -20.58
CA GLU E 285 -22.12 -1.63 -21.23
C GLU E 285 -22.93 -2.51 -20.28
N GLY E 286 -22.90 -2.16 -19.00
CA GLY E 286 -23.62 -2.94 -18.02
C GLY E 286 -22.69 -3.92 -17.35
N CYS E 287 -22.53 -3.74 -16.05
CA CYS E 287 -21.67 -4.58 -15.26
C CYS E 287 -22.18 -4.47 -13.83
N THR E 288 -21.51 -5.15 -12.91
CA THR E 288 -21.91 -5.10 -11.52
C THR E 288 -20.74 -4.55 -10.72
N VAL E 289 -21.03 -3.72 -9.73
CA VAL E 289 -19.97 -3.18 -8.89
C VAL E 289 -20.39 -3.32 -7.44
N SER E 290 -19.44 -3.71 -6.59
CA SER E 290 -19.69 -3.90 -5.17
C SER E 290 -19.49 -2.61 -4.40
N THR E 291 -20.47 -2.28 -3.55
CA THR E 291 -20.43 -1.08 -2.73
C THR E 291 -20.88 -1.39 -1.31
N LYS E 292 -20.45 -0.55 -0.36
CA LYS E 292 -20.80 -0.70 1.05
C LYS E 292 -22.26 -1.08 1.21
N HIS E 293 -23.11 -0.40 0.47
CA HIS E 293 -24.53 -0.64 0.54
C HIS E 293 -24.97 -1.82 -0.29
N GLY E 294 -24.01 -2.62 -0.76
CA GLY E 294 -24.33 -3.79 -1.55
C GLY E 294 -23.83 -3.86 -2.98
N MET E 295 -24.42 -4.75 -3.78
CA MET E 295 -24.05 -4.92 -5.19
C MET E 295 -24.97 -4.05 -6.03
N VAL E 296 -24.39 -3.23 -6.90
CA VAL E 296 -25.15 -2.35 -7.78
C VAL E 296 -24.94 -2.75 -9.25
N LYS E 297 -26.04 -2.78 -10.01
CA LYS E 297 -26.00 -3.14 -11.43
C LYS E 297 -26.14 -1.87 -12.27
N THR E 298 -25.20 -1.62 -13.19
CA THR E 298 -25.23 -0.39 -13.97
C THR E 298 -26.06 -0.36 -15.24
N ASP E 299 -26.58 -1.52 -15.65
CA ASP E 299 -27.36 -1.64 -16.88
C ASP E 299 -28.35 -0.53 -17.24
N HIS E 300 -28.94 0.14 -16.25
CA HIS E 300 -29.91 1.18 -16.60
C HIS E 300 -29.56 2.58 -16.19
N ILE E 301 -28.31 2.79 -15.80
CA ILE E 301 -27.88 4.11 -15.42
C ILE E 301 -27.78 4.89 -16.73
N LEU E 302 -28.26 6.12 -16.72
CA LEU E 302 -28.21 7.01 -17.88
C LEU E 302 -26.89 7.77 -17.82
N PHE E 303 -26.15 7.76 -18.91
CA PHE E 303 -24.89 8.48 -18.96
C PHE E 303 -24.95 9.70 -19.83
N ILE E 304 -24.42 10.80 -19.32
CA ILE E 304 -24.35 12.05 -20.04
C ILE E 304 -22.90 12.50 -20.04
N ALA E 305 -22.22 12.20 -21.13
CA ALA E 305 -20.82 12.56 -21.33
C ALA E 305 -20.84 13.92 -21.98
N SER E 306 -19.95 14.78 -21.55
CA SER E 306 -19.91 16.13 -22.10
C SER E 306 -18.59 16.40 -22.76
N GLY E 307 -18.50 17.51 -23.49
CA GLY E 307 -17.25 17.83 -24.17
C GLY E 307 -17.30 19.00 -25.12
N ALA E 308 -16.17 19.71 -25.23
CA ALA E 308 -16.01 20.87 -26.11
C ALA E 308 -15.62 20.37 -27.48
N PHE E 309 -14.90 19.26 -27.50
CA PHE E 309 -14.42 18.61 -28.71
C PHE E 309 -13.80 19.52 -29.74
N GLN E 310 -13.06 20.52 -29.25
CA GLN E 310 -12.35 21.48 -30.11
C GLN E 310 -11.12 20.81 -30.74
N ILE E 311 -10.45 19.97 -29.95
CA ILE E 311 -9.29 19.27 -30.45
C ILE E 311 -9.72 17.96 -31.10
N ALA E 312 -10.32 17.06 -30.33
CA ALA E 312 -10.77 15.78 -30.88
C ALA E 312 -12.20 15.78 -31.38
N LYS E 313 -12.62 14.65 -31.94
CA LYS E 313 -13.97 14.51 -32.46
C LYS E 313 -14.65 13.31 -31.82
N PRO E 314 -15.98 13.39 -31.61
CA PRO E 314 -16.66 12.26 -31.00
C PRO E 314 -16.27 10.97 -31.72
N SER E 315 -15.84 11.10 -32.98
CA SER E 315 -15.41 9.95 -33.79
C SER E 315 -14.06 9.40 -33.32
N ASP E 316 -13.42 10.15 -32.44
CA ASP E 316 -12.14 9.76 -31.89
C ASP E 316 -12.30 8.85 -30.68
N LEU E 317 -13.51 8.74 -30.12
CA LEU E 317 -13.68 7.87 -28.95
C LEU E 317 -13.39 6.44 -29.41
N ILE E 318 -13.40 5.47 -28.49
CA ILE E 318 -13.16 4.09 -28.92
C ILE E 318 -14.53 3.65 -29.44
N PRO E 319 -14.56 2.81 -30.48
CA PRO E 319 -15.85 2.36 -31.02
C PRO E 319 -16.91 1.95 -30.00
N GLU E 320 -16.55 1.09 -29.05
CA GLU E 320 -17.51 0.63 -28.07
C GLU E 320 -18.21 1.79 -27.36
N LEU E 321 -17.45 2.82 -27.00
CA LEU E 321 -18.00 3.97 -26.32
C LEU E 321 -18.94 4.72 -27.28
N GLN E 322 -18.48 4.97 -28.52
CA GLN E 322 -19.32 5.64 -29.51
C GLN E 322 -20.62 4.86 -29.61
N GLY E 323 -20.52 3.55 -29.50
CA GLY E 323 -21.70 2.68 -29.57
C GLY E 323 -22.69 2.96 -28.46
N ARG E 324 -22.18 3.09 -27.23
CA ARG E 324 -23.03 3.35 -26.06
C ARG E 324 -23.45 4.80 -25.84
N LEU E 325 -23.10 5.68 -26.78
CA LEU E 325 -23.51 7.08 -26.68
C LEU E 325 -24.37 7.43 -27.90
N PRO E 326 -25.50 6.72 -28.08
CA PRO E 326 -26.42 6.93 -29.20
C PRO E 326 -26.85 8.35 -29.51
N ILE E 327 -27.28 9.09 -28.49
CA ILE E 327 -27.73 10.47 -28.72
C ILE E 327 -26.60 11.51 -28.66
N ARG E 328 -26.52 12.34 -29.70
CA ARG E 328 -25.50 13.38 -29.80
C ARG E 328 -26.17 14.76 -29.96
N VAL E 329 -25.74 15.74 -29.18
CA VAL E 329 -26.35 17.05 -29.28
C VAL E 329 -25.32 18.14 -29.04
N GLU E 330 -25.42 19.23 -29.79
CA GLU E 330 -24.50 20.35 -29.68
C GLU E 330 -25.19 21.55 -29.07
N LEU E 331 -24.63 22.04 -27.96
CA LEU E 331 -25.15 23.22 -27.28
C LEU E 331 -24.42 24.37 -27.92
N GLN E 332 -25.05 25.53 -28.00
CA GLN E 332 -24.40 26.65 -28.64
C GLN E 332 -23.93 27.73 -27.69
N ALA E 333 -22.98 28.55 -28.14
CA ALA E 333 -22.46 29.65 -27.34
C ALA E 333 -23.60 30.59 -26.92
N LEU E 334 -23.51 31.15 -25.73
CA LEU E 334 -24.54 32.07 -25.25
C LEU E 334 -24.26 33.46 -25.78
N THR E 335 -25.32 34.24 -25.92
CA THR E 335 -25.24 35.60 -26.46
C THR E 335 -25.59 36.62 -25.40
N THR E 336 -25.20 37.86 -25.62
CA THR E 336 -25.48 38.90 -24.64
C THR E 336 -26.93 38.95 -24.18
N SER E 337 -27.85 38.71 -25.10
CA SER E 337 -29.27 38.70 -24.76
C SER E 337 -29.46 37.57 -23.76
N ASP E 338 -28.85 36.44 -24.05
CA ASP E 338 -28.92 35.27 -23.20
C ASP E 338 -28.47 35.65 -21.82
N PHE E 339 -27.33 36.34 -21.73
CA PHE E 339 -26.81 36.76 -20.45
C PHE E 339 -27.82 37.59 -19.67
N GLU E 340 -28.46 38.55 -20.33
CA GLU E 340 -29.44 39.37 -19.64
C GLU E 340 -30.52 38.43 -19.12
N ARG E 341 -30.97 37.51 -19.96
CA ARG E 341 -32.00 36.58 -19.52
C ARG E 341 -31.48 35.77 -18.34
N ILE E 342 -30.40 35.01 -18.55
CA ILE E 342 -29.80 34.20 -17.49
C ILE E 342 -29.75 34.95 -16.16
N LEU E 343 -29.51 36.26 -16.27
CA LEU E 343 -29.40 37.17 -15.13
C LEU E 343 -30.66 37.29 -14.26
N THR E 344 -31.83 37.29 -14.88
CA THR E 344 -33.06 37.47 -14.11
C THR E 344 -34.19 36.47 -14.28
N GLU E 345 -34.34 35.91 -15.47
CA GLU E 345 -35.42 34.97 -15.74
C GLU E 345 -35.33 33.63 -15.04
N PRO E 346 -34.16 32.96 -15.04
CA PRO E 346 -34.17 31.66 -14.35
C PRO E 346 -34.79 31.80 -12.97
N ASN E 347 -35.25 30.70 -12.39
CA ASN E 347 -35.87 30.78 -11.08
C ASN E 347 -35.06 31.52 -10.02
N ALA E 348 -34.25 30.81 -9.26
CA ALA E 348 -33.46 31.49 -8.25
C ALA E 348 -32.30 32.15 -8.96
N SER E 349 -32.60 33.13 -9.81
CA SER E 349 -31.56 33.81 -10.56
C SER E 349 -30.59 34.51 -9.63
N ILE E 350 -29.36 34.72 -10.10
CA ILE E 350 -28.36 35.36 -9.27
C ILE E 350 -28.83 36.72 -8.81
N THR E 351 -29.72 37.29 -9.60
CA THR E 351 -30.31 38.59 -9.33
C THR E 351 -31.24 38.46 -8.14
N VAL E 352 -32.18 37.52 -8.28
CA VAL E 352 -33.13 37.29 -7.22
C VAL E 352 -32.40 36.85 -5.95
N GLN E 353 -31.32 36.10 -6.14
CA GLN E 353 -30.53 35.62 -5.02
C GLN E 353 -29.82 36.74 -4.29
N TYR E 354 -29.41 37.74 -5.06
CA TYR E 354 -28.71 38.85 -4.47
C TYR E 354 -29.74 39.63 -3.68
N LYS E 355 -30.86 39.94 -4.33
CA LYS E 355 -31.91 40.67 -3.66
C LYS E 355 -32.28 39.99 -2.34
N ALA E 356 -32.43 38.67 -2.38
CA ALA E 356 -32.79 37.92 -1.20
C ALA E 356 -31.80 38.16 -0.07
N LEU E 357 -30.53 37.94 -0.33
CA LEU E 357 -29.51 38.13 0.71
C LEU E 357 -29.54 39.56 1.27
N MET E 358 -29.54 40.54 0.38
CA MET E 358 -29.56 41.94 0.79
C MET E 358 -30.79 42.25 1.64
N ALA E 359 -31.90 41.58 1.35
CA ALA E 359 -33.14 41.77 2.07
C ALA E 359 -32.91 41.37 3.51
N THR E 360 -32.01 40.44 3.72
CA THR E 360 -31.68 39.99 5.06
C THR E 360 -31.09 41.15 5.87
N GLU E 361 -30.48 42.10 5.18
CA GLU E 361 -29.89 43.27 5.84
C GLU E 361 -30.89 44.40 5.87
N GLY E 362 -32.11 44.11 5.42
CA GLY E 362 -33.13 45.13 5.39
C GLY E 362 -33.03 46.08 4.21
N VAL E 363 -32.17 45.76 3.26
CA VAL E 363 -31.98 46.61 2.08
C VAL E 363 -32.80 46.11 0.89
N ASN E 364 -33.40 47.04 0.16
CA ASN E 364 -34.18 46.69 -1.01
C ASN E 364 -33.45 47.03 -2.31
N ILE E 365 -32.87 46.01 -2.95
CA ILE E 365 -32.13 46.21 -4.18
C ILE E 365 -33.07 46.07 -5.38
N GLU E 366 -32.87 46.90 -6.39
CA GLU E 366 -33.68 46.82 -7.61
C GLU E 366 -32.77 47.04 -8.83
N PHE E 367 -32.96 46.22 -9.88
CA PHE E 367 -32.14 46.35 -11.08
C PHE E 367 -32.88 46.95 -12.26
N THR E 368 -32.33 48.03 -12.80
CA THR E 368 -32.87 48.69 -13.97
C THR E 368 -32.72 47.75 -15.15
N ASP E 369 -33.69 47.75 -16.06
CA ASP E 369 -33.58 46.88 -17.21
C ASP E 369 -32.25 47.13 -17.92
N SER E 370 -31.85 48.40 -17.95
CA SER E 370 -30.59 48.77 -18.57
C SER E 370 -29.47 48.35 -17.66
N GLY E 371 -29.73 48.40 -16.35
CA GLY E 371 -28.74 47.95 -15.40
C GLY E 371 -28.40 46.51 -15.76
N ILE E 372 -29.44 45.69 -15.92
CA ILE E 372 -29.27 44.28 -16.27
C ILE E 372 -28.56 44.13 -17.60
N LYS E 373 -28.79 45.08 -18.50
CA LYS E 373 -28.19 45.02 -19.82
C LYS E 373 -26.69 45.36 -19.78
N ARG E 374 -26.35 46.40 -19.05
CA ARG E 374 -24.96 46.82 -18.94
C ARG E 374 -24.10 45.71 -18.34
N ILE E 375 -24.70 44.92 -17.45
CA ILE E 375 -24.00 43.83 -16.80
C ILE E 375 -23.69 42.76 -17.83
N ALA E 376 -24.71 42.20 -18.45
CA ALA E 376 -24.51 41.16 -19.46
C ALA E 376 -23.41 41.61 -20.41
N GLU E 377 -23.48 42.88 -20.79
CA GLU E 377 -22.52 43.48 -21.70
C GLU E 377 -21.09 43.51 -21.16
N ALA E 378 -20.92 43.81 -19.88
CA ALA E 378 -19.59 43.83 -19.26
C ALA E 378 -19.01 42.43 -19.31
N ALA E 379 -19.79 41.44 -18.88
CA ALA E 379 -19.35 40.05 -18.88
C ALA E 379 -18.93 39.67 -20.28
N TRP E 380 -19.84 39.81 -21.23
CA TRP E 380 -19.52 39.48 -22.62
C TRP E 380 -18.21 40.11 -23.01
N GLN E 381 -18.12 41.41 -22.85
CA GLN E 381 -16.92 42.13 -23.19
C GLN E 381 -15.68 41.41 -22.67
N VAL E 382 -15.64 41.17 -21.36
CA VAL E 382 -14.49 40.48 -20.74
C VAL E 382 -14.26 39.08 -21.32
N ASN E 383 -15.32 38.29 -21.41
CA ASN E 383 -15.20 36.94 -21.96
C ASN E 383 -14.53 37.06 -23.34
N GLU E 384 -14.84 38.15 -24.02
CA GLU E 384 -14.35 38.40 -25.36
C GLU E 384 -12.92 38.96 -25.45
N SER E 385 -12.53 39.75 -24.46
CA SER E 385 -11.22 40.37 -24.48
C SER E 385 -10.17 39.65 -23.67
N THR E 386 -10.55 38.55 -23.02
CA THR E 386 -9.58 37.80 -22.22
C THR E 386 -9.78 36.30 -22.46
N GLU E 387 -10.46 35.65 -21.54
CA GLU E 387 -10.71 34.22 -21.63
C GLU E 387 -12.23 34.10 -21.64
N ASN E 388 -12.79 33.42 -22.65
CA ASN E 388 -14.24 33.24 -22.68
C ASN E 388 -14.61 32.07 -21.80
N ILE E 389 -15.30 32.34 -20.70
CA ILE E 389 -15.68 31.28 -19.79
C ILE E 389 -17.18 31.13 -19.65
N GLY E 390 -17.91 31.63 -20.65
CA GLY E 390 -19.36 31.52 -20.65
C GLY E 390 -20.12 32.28 -19.56
N ALA E 391 -21.33 31.80 -19.28
CA ALA E 391 -22.18 32.45 -18.29
C ALA E 391 -21.45 32.61 -16.95
N ARG E 392 -20.44 31.79 -16.73
CA ARG E 392 -19.68 31.84 -15.51
C ARG E 392 -19.24 33.27 -15.21
N ARG E 393 -18.88 34.00 -16.26
CA ARG E 393 -18.42 35.38 -16.11
C ARG E 393 -19.39 36.26 -15.29
N LEU E 394 -20.68 36.08 -15.52
CA LEU E 394 -21.71 36.83 -14.82
C LEU E 394 -21.58 36.88 -13.29
N HIS E 395 -21.18 35.76 -12.68
CA HIS E 395 -21.05 35.73 -11.23
C HIS E 395 -20.02 36.74 -10.72
N THR E 396 -18.82 36.66 -11.28
CA THR E 396 -17.72 37.53 -10.89
C THR E 396 -18.05 39.02 -11.07
N VAL E 397 -18.70 39.34 -12.20
CA VAL E 397 -19.06 40.71 -12.49
C VAL E 397 -20.14 41.15 -11.50
N LEU E 398 -21.16 40.32 -11.33
CA LEU E 398 -22.22 40.67 -10.38
C LEU E 398 -21.69 40.88 -8.96
N GLU E 399 -20.70 40.11 -8.53
CA GLU E 399 -20.12 40.25 -7.19
C GLU E 399 -19.36 41.56 -7.02
N ARG E 400 -18.41 41.81 -7.91
CA ARG E 400 -17.62 43.02 -7.88
C ARG E 400 -18.58 44.18 -7.83
N LEU E 401 -19.51 44.21 -8.79
CA LEU E 401 -20.49 45.28 -8.89
C LEU E 401 -21.08 45.63 -7.57
N MET E 402 -21.65 44.63 -6.91
CA MET E 402 -22.32 44.80 -5.63
C MET E 402 -21.47 44.68 -4.37
N GLU E 403 -20.16 44.81 -4.47
CA GLU E 403 -19.32 44.68 -3.28
C GLU E 403 -19.46 45.82 -2.29
N GLU E 404 -19.43 47.05 -2.75
CA GLU E 404 -19.53 48.17 -1.82
C GLU E 404 -20.86 48.12 -1.09
N ILE E 405 -21.89 47.72 -1.82
CA ILE E 405 -23.22 47.61 -1.24
C ILE E 405 -23.25 46.48 -0.24
N SER E 406 -22.75 45.33 -0.68
CA SER E 406 -22.69 44.15 0.16
C SER E 406 -21.98 44.40 1.47
N TYR E 407 -20.95 45.25 1.48
CA TYR E 407 -20.22 45.51 2.70
C TYR E 407 -20.99 46.46 3.59
N ASP E 408 -21.59 47.47 2.97
CA ASP E 408 -22.41 48.45 3.70
C ASP E 408 -23.64 47.71 4.24
N ALA E 409 -24.52 47.31 3.33
CA ALA E 409 -25.73 46.57 3.65
C ALA E 409 -26.37 46.96 4.99
N SER E 410 -25.90 46.36 6.07
CA SER E 410 -26.44 46.63 7.39
C SER E 410 -26.65 48.10 7.68
N ASP E 411 -25.67 48.93 7.32
CA ASP E 411 -25.79 50.35 7.57
C ASP E 411 -26.69 50.99 6.52
N LEU E 412 -27.49 50.16 5.87
CA LEU E 412 -28.39 50.61 4.83
C LEU E 412 -29.81 50.07 4.99
N SER E 413 -30.09 49.54 6.18
CA SER E 413 -31.40 49.00 6.46
C SER E 413 -32.47 50.04 6.15
N GLY E 414 -33.57 49.57 5.56
CA GLY E 414 -34.67 50.45 5.23
C GLY E 414 -34.49 51.33 4.01
N GLN E 415 -33.36 51.19 3.33
CA GLN E 415 -33.13 52.01 2.16
C GLN E 415 -33.45 51.25 0.88
N ASN E 416 -33.83 51.99 -0.16
CA ASN E 416 -34.15 51.38 -1.45
C ASN E 416 -33.07 51.80 -2.43
N ILE E 417 -32.06 50.94 -2.59
CA ILE E 417 -30.94 51.18 -3.50
C ILE E 417 -31.26 50.65 -4.90
N THR E 418 -31.22 51.50 -5.90
CA THR E 418 -31.49 51.01 -7.26
C THR E 418 -30.26 50.95 -8.15
N ILE E 419 -29.98 49.77 -8.70
CA ILE E 419 -28.83 49.59 -9.59
C ILE E 419 -29.21 49.91 -11.02
N ASP E 420 -29.00 51.18 -11.39
CA ASP E 420 -29.31 51.65 -12.73
C ASP E 420 -28.05 51.56 -13.55
N ALA E 421 -28.16 51.87 -14.85
CA ALA E 421 -27.00 51.79 -15.73
C ALA E 421 -25.85 52.70 -15.33
N ASP E 422 -26.15 53.78 -14.62
CA ASP E 422 -25.08 54.67 -14.20
C ASP E 422 -24.28 53.99 -13.11
N TYR E 423 -24.95 53.22 -12.27
CA TYR E 423 -24.27 52.54 -11.18
C TYR E 423 -23.39 51.42 -11.72
N VAL E 424 -23.84 50.78 -12.80
CA VAL E 424 -23.08 49.68 -13.37
C VAL E 424 -21.83 50.15 -14.13
N SER E 425 -21.91 51.32 -14.74
CA SER E 425 -20.79 51.86 -15.48
C SER E 425 -19.74 52.42 -14.55
N LYS E 426 -20.19 53.11 -13.50
CA LYS E 426 -19.29 53.71 -12.54
C LYS E 426 -18.53 52.63 -11.79
N HIS E 427 -19.09 51.43 -11.69
CA HIS E 427 -18.42 50.36 -10.96
C HIS E 427 -17.73 49.30 -11.83
N LEU E 428 -17.91 49.35 -13.16
CA LEU E 428 -17.30 48.34 -14.03
C LEU E 428 -16.60 48.78 -15.33
N ASP E 429 -16.94 49.95 -15.86
CA ASP E 429 -16.32 50.40 -17.11
C ASP E 429 -14.78 50.43 -17.10
N ALA E 430 -14.20 51.09 -16.10
CA ALA E 430 -12.75 51.17 -15.96
C ALA E 430 -12.12 49.79 -15.84
N LEU E 431 -12.69 48.96 -14.97
CA LEU E 431 -12.22 47.60 -14.77
C LEU E 431 -12.25 46.81 -16.07
N VAL E 432 -13.41 46.79 -16.72
CA VAL E 432 -13.56 46.08 -17.96
C VAL E 432 -12.53 46.59 -18.99
N ALA E 433 -12.30 47.90 -18.94
CA ALA E 433 -11.36 48.57 -19.83
C ALA E 433 -9.93 48.11 -19.61
N ASP E 434 -9.57 47.84 -18.36
CA ASP E 434 -8.22 47.41 -18.00
C ASP E 434 -8.11 45.92 -18.18
N GLU E 435 -7.74 45.49 -19.39
CA GLU E 435 -7.63 44.08 -19.68
C GLU E 435 -6.78 43.28 -18.71
N ASP E 436 -5.79 43.93 -18.08
CA ASP E 436 -4.96 43.20 -17.13
C ASP E 436 -5.84 42.94 -15.93
N LEU E 437 -6.35 44.03 -15.35
CA LEU E 437 -7.21 43.93 -14.19
C LEU E 437 -8.30 42.88 -14.36
N SER E 438 -8.98 42.90 -15.51
CA SER E 438 -10.04 41.94 -15.76
C SER E 438 -9.52 40.50 -15.65
N ARG E 439 -8.25 40.30 -15.99
CA ARG E 439 -7.66 38.97 -15.93
C ARG E 439 -7.41 38.57 -14.49
N PHE E 440 -7.38 39.55 -13.60
CA PHE E 440 -7.15 39.29 -12.19
C PHE E 440 -8.43 39.32 -11.37
N ILE E 441 -9.25 40.34 -11.62
CA ILE E 441 -10.48 40.52 -10.84
C ILE E 441 -11.85 40.11 -11.39
N LEU E 442 -12.12 40.33 -12.66
CA LEU E 442 -13.42 39.95 -13.18
C LEU E 442 -13.36 38.51 -13.65
N SER F 1 -27.93 36.11 15.19
CA SER F 1 -26.86 36.34 16.20
C SER F 1 -25.46 36.33 15.57
N GLU F 2 -25.12 37.40 14.85
CA GLU F 2 -23.81 37.48 14.17
C GLU F 2 -23.30 38.90 13.98
N MET F 3 -21.99 39.04 13.91
CA MET F 3 -21.35 40.33 13.70
C MET F 3 -21.73 40.83 12.31
N THR F 4 -21.08 41.89 11.86
CA THR F 4 -21.39 42.41 10.55
C THR F 4 -20.14 42.72 9.76
N PRO F 5 -20.28 42.96 8.45
CA PRO F 5 -19.10 43.26 7.64
C PRO F 5 -18.13 44.17 8.37
N ARG F 6 -18.59 45.35 8.79
CA ARG F 6 -17.70 46.29 9.49
C ARG F 6 -17.19 45.73 10.80
N GLU F 7 -18.10 45.31 11.68
CA GLU F 7 -17.71 44.77 12.96
C GLU F 7 -16.66 43.66 12.87
N ILE F 8 -16.67 42.92 11.77
CA ILE F 8 -15.71 41.84 11.56
C ILE F 8 -14.33 42.41 11.30
N VAL F 9 -14.24 43.31 10.32
CA VAL F 9 -12.98 43.95 9.96
C VAL F 9 -12.26 44.47 11.19
N SER F 10 -13.02 45.01 12.14
CA SER F 10 -12.44 45.54 13.37
C SER F 10 -11.72 44.42 14.13
N GLU F 11 -12.40 43.28 14.27
CA GLU F 11 -11.82 42.16 14.98
C GLU F 11 -10.53 41.78 14.31
N LEU F 12 -10.54 41.79 12.98
CA LEU F 12 -9.35 41.44 12.22
C LEU F 12 -8.35 42.57 12.37
N ASP F 13 -8.85 43.79 12.52
CA ASP F 13 -7.99 44.95 12.69
C ASP F 13 -7.20 44.82 13.97
N LYS F 14 -7.64 43.93 14.85
CA LYS F 14 -6.99 43.69 16.14
C LYS F 14 -5.82 42.74 16.06
N HIS F 15 -5.55 42.18 14.88
CA HIS F 15 -4.45 41.23 14.73
C HIS F 15 -3.66 41.38 13.45
N ILE F 16 -4.28 41.89 12.40
CA ILE F 16 -3.62 42.05 11.10
C ILE F 16 -3.31 43.51 10.88
N ILE F 17 -2.21 43.80 10.20
CA ILE F 17 -1.82 45.17 9.92
C ILE F 17 -2.09 45.48 8.46
N GLY F 18 -2.86 46.52 8.19
CA GLY F 18 -3.17 46.86 6.82
C GLY F 18 -4.00 45.77 6.15
N GLN F 19 -4.02 45.80 4.83
CA GLN F 19 -4.75 44.79 4.07
C GLN F 19 -6.25 44.90 4.33
N ASP F 20 -6.72 46.13 4.44
CA ASP F 20 -8.13 46.38 4.69
C ASP F 20 -8.99 45.76 3.61
N ASN F 21 -8.61 45.91 2.36
CA ASN F 21 -9.40 45.34 1.29
C ASN F 21 -9.67 43.88 1.61
N ALA F 22 -8.62 43.07 1.63
CA ALA F 22 -8.80 41.65 1.92
C ALA F 22 -9.71 41.43 3.14
N LYS F 23 -9.57 42.26 4.17
CA LYS F 23 -10.39 42.14 5.36
C LYS F 23 -11.85 42.33 5.00
N ARG F 24 -12.15 43.44 4.34
CA ARG F 24 -13.51 43.75 3.91
C ARG F 24 -14.09 42.52 3.18
N SER F 25 -13.23 41.83 2.44
CA SER F 25 -13.63 40.66 1.67
C SER F 25 -13.92 39.41 2.49
N VAL F 26 -13.01 39.05 3.40
CA VAL F 26 -13.25 37.87 4.21
C VAL F 26 -14.45 38.19 5.09
N ALA F 27 -14.60 39.48 5.40
CA ALA F 27 -15.70 39.97 6.22
C ALA F 27 -16.99 39.61 5.50
N ILE F 28 -17.16 40.12 4.29
CA ILE F 28 -18.36 39.83 3.54
C ILE F 28 -18.68 38.32 3.49
N ALA F 29 -17.73 37.50 3.05
CA ALA F 29 -17.99 36.07 2.98
C ALA F 29 -18.56 35.55 4.29
N LEU F 30 -17.87 35.86 5.38
CA LEU F 30 -18.31 35.41 6.69
C LEU F 30 -19.74 35.86 6.98
N ARG F 31 -20.08 37.06 6.53
CA ARG F 31 -21.42 37.57 6.76
C ARG F 31 -22.47 36.85 5.91
N ASN F 32 -22.11 36.48 4.68
CA ASN F 32 -23.06 35.79 3.82
C ASN F 32 -23.47 34.48 4.44
N ARG F 33 -22.67 34.02 5.40
CA ARG F 33 -23.00 32.78 6.09
C ARG F 33 -24.34 33.11 6.75
N TRP F 34 -24.29 34.13 7.61
CA TRP F 34 -25.45 34.58 8.34
C TRP F 34 -26.55 35.14 7.44
N ARG F 35 -26.27 35.31 6.15
CA ARG F 35 -27.31 35.83 5.28
C ARG F 35 -28.11 34.69 4.65
N ARG F 36 -27.40 33.64 4.23
CA ARG F 36 -28.03 32.49 3.60
C ARG F 36 -28.91 31.80 4.60
N MET F 37 -28.32 31.42 5.74
CA MET F 37 -29.06 30.78 6.82
C MET F 37 -29.92 31.92 7.32
N GLN F 38 -30.99 32.22 6.59
CA GLN F 38 -31.88 33.32 6.95
C GLN F 38 -32.81 33.50 5.76
N LEU F 39 -32.74 32.56 4.83
CA LEU F 39 -33.56 32.62 3.62
C LEU F 39 -34.50 31.42 3.51
N ASN F 40 -35.42 31.49 2.55
CA ASN F 40 -36.35 30.40 2.33
C ASN F 40 -35.56 29.13 2.03
N GLU F 41 -36.21 27.99 2.17
CA GLU F 41 -35.59 26.69 1.93
C GLU F 41 -35.13 26.44 0.50
N GLU F 42 -35.84 27.02 -0.47
CA GLU F 42 -35.51 26.85 -1.89
C GLU F 42 -34.25 27.60 -2.27
N LEU F 43 -33.95 28.65 -1.52
CA LEU F 43 -32.78 29.48 -1.77
C LEU F 43 -31.57 28.89 -1.07
N ARG F 44 -31.72 28.54 0.20
CA ARG F 44 -30.62 27.98 0.96
C ARG F 44 -29.82 26.98 0.11
N HIS F 45 -30.49 26.31 -0.82
CA HIS F 45 -29.82 25.33 -1.69
C HIS F 45 -29.18 26.03 -2.86
N GLU F 46 -29.93 26.95 -3.47
CA GLU F 46 -29.44 27.67 -4.63
C GLU F 46 -28.19 28.52 -4.37
N VAL F 47 -28.15 29.23 -3.25
CA VAL F 47 -26.99 30.07 -2.96
C VAL F 47 -25.80 29.32 -2.39
N THR F 48 -24.68 29.37 -3.11
CA THR F 48 -23.44 28.72 -2.69
C THR F 48 -22.48 29.77 -2.10
N PRO F 49 -21.40 29.31 -1.45
CA PRO F 49 -20.44 30.23 -0.84
C PRO F 49 -19.78 31.11 -1.87
N LYS F 50 -19.47 32.33 -1.48
CA LYS F 50 -18.80 33.24 -2.38
C LYS F 50 -17.32 33.07 -2.09
N ASN F 51 -16.70 32.10 -2.75
CA ASN F 51 -15.30 31.86 -2.53
C ASN F 51 -14.38 33.02 -2.86
N ILE F 52 -13.36 33.19 -2.03
CA ILE F 52 -12.41 34.27 -2.23
C ILE F 52 -11.05 33.73 -2.69
N LEU F 53 -10.44 34.49 -3.62
CA LEU F 53 -9.13 34.18 -4.16
C LEU F 53 -8.24 35.39 -3.87
N MET F 54 -7.31 35.26 -2.93
CA MET F 54 -6.40 36.36 -2.60
C MET F 54 -5.20 36.41 -3.53
N ILE F 55 -4.82 37.62 -3.94
CA ILE F 55 -3.69 37.80 -4.85
C ILE F 55 -2.65 38.72 -4.22
N GLY F 56 -1.49 38.18 -3.88
CA GLY F 56 -0.47 39.02 -3.27
C GLY F 56 0.87 38.35 -3.01
N PRO F 57 1.87 39.10 -2.54
CA PRO F 57 3.19 38.51 -2.28
C PRO F 57 3.24 37.86 -0.89
N THR F 58 4.28 37.08 -0.61
CA THR F 58 4.40 36.44 0.71
C THR F 58 4.71 37.46 1.79
N GLY F 59 4.52 37.05 3.03
CA GLY F 59 4.78 37.94 4.14
C GLY F 59 3.85 39.12 4.30
N VAL F 60 2.71 39.12 3.61
CA VAL F 60 1.82 40.27 3.73
C VAL F 60 0.51 40.06 4.50
N GLY F 61 0.30 38.86 5.03
CA GLY F 61 -0.90 38.64 5.82
C GLY F 61 -1.98 37.68 5.35
N LYS F 62 -1.90 37.21 4.10
CA LYS F 62 -2.91 36.31 3.54
C LYS F 62 -3.38 35.25 4.52
N THR F 63 -2.61 34.18 4.67
CA THR F 63 -2.96 33.09 5.57
C THR F 63 -3.38 33.55 6.98
N GLU F 64 -2.70 34.55 7.53
CA GLU F 64 -3.05 35.04 8.86
C GLU F 64 -4.49 35.52 8.89
N ILE F 65 -4.87 36.23 7.84
CA ILE F 65 -6.21 36.75 7.73
C ILE F 65 -7.23 35.59 7.68
N ALA F 66 -6.84 34.46 7.08
CA ALA F 66 -7.73 33.31 7.00
C ALA F 66 -7.82 32.64 8.37
N ARG F 67 -6.68 32.44 9.04
CA ARG F 67 -6.71 31.84 10.39
C ARG F 67 -7.62 32.74 11.24
N ARG F 68 -7.21 33.98 11.40
CA ARG F 68 -7.95 34.94 12.18
C ARG F 68 -9.45 34.89 11.89
N LEU F 69 -9.81 34.69 10.62
CA LEU F 69 -11.21 34.66 10.21
C LEU F 69 -11.88 33.35 10.68
N ALA F 70 -11.24 32.22 10.41
CA ALA F 70 -11.82 30.97 10.85
C ALA F 70 -11.90 30.97 12.39
N LYS F 71 -10.91 31.61 13.03
CA LYS F 71 -10.86 31.68 14.48
C LYS F 71 -12.02 32.55 14.92
N LEU F 72 -12.08 33.76 14.36
CA LEU F 72 -13.13 34.71 14.68
C LEU F 72 -14.53 34.08 14.68
N ALA F 73 -14.69 32.94 14.04
CA ALA F 73 -15.99 32.28 13.98
C ALA F 73 -15.84 30.85 14.45
N ASN F 74 -14.74 30.59 15.16
CA ASN F 74 -14.41 29.26 15.65
C ASN F 74 -14.98 28.27 14.63
N ALA F 75 -14.46 28.38 13.41
CA ALA F 75 -14.87 27.52 12.30
C ALA F 75 -13.75 26.53 12.00
N PRO F 76 -14.10 25.30 11.63
CA PRO F 76 -13.03 24.34 11.31
C PRO F 76 -12.20 24.97 10.19
N PHE F 77 -10.89 24.91 10.31
CA PHE F 77 -10.00 25.51 9.32
C PHE F 77 -8.94 24.53 8.88
N ILE F 78 -8.32 24.79 7.73
CA ILE F 78 -7.26 23.96 7.18
C ILE F 78 -6.53 24.74 6.10
N LYS F 79 -5.22 24.56 6.02
CA LYS F 79 -4.44 25.25 5.01
C LYS F 79 -3.65 24.20 4.25
N VAL F 80 -3.84 24.19 2.94
CA VAL F 80 -3.16 23.24 2.10
C VAL F 80 -2.39 24.00 1.03
N GLU F 81 -1.47 23.31 0.39
CA GLU F 81 -0.69 23.89 -0.68
C GLU F 81 -1.22 23.20 -1.92
N ALA F 82 -1.55 23.99 -2.94
CA ALA F 82 -2.07 23.41 -4.17
C ALA F 82 -1.09 22.39 -4.73
N THR F 83 0.20 22.71 -4.69
CA THR F 83 1.28 21.86 -5.22
C THR F 83 1.45 20.50 -4.53
N LYS F 84 1.02 20.44 -3.27
CA LYS F 84 1.10 19.20 -2.50
C LYS F 84 0.54 18.04 -3.30
N PHE F 85 -0.50 18.33 -4.06
CA PHE F 85 -1.16 17.32 -4.87
C PHE F 85 -0.63 17.30 -6.29
N THR F 86 0.54 17.88 -6.50
CA THR F 86 1.14 17.90 -7.82
C THR F 86 2.18 16.79 -7.91
N GLU F 87 2.52 16.21 -6.75
CA GLU F 87 3.51 15.13 -6.72
C GLU F 87 2.95 13.89 -7.40
N VAL F 88 1.96 14.10 -8.27
CA VAL F 88 1.30 13.04 -9.01
C VAL F 88 2.18 12.49 -10.13
N GLY F 89 3.31 13.15 -10.38
CA GLY F 89 4.21 12.69 -11.41
C GLY F 89 4.57 11.23 -11.21
N TYR F 90 4.73 10.84 -9.96
CA TYR F 90 5.07 9.45 -9.61
C TYR F 90 4.53 9.07 -8.24
N VAL F 91 4.47 10.04 -7.32
CA VAL F 91 3.98 9.80 -5.97
C VAL F 91 2.46 9.71 -5.93
N GLY F 92 1.87 10.14 -4.82
CA GLY F 92 0.42 10.09 -4.70
C GLY F 92 -0.21 10.67 -3.43
N LYS F 93 -0.87 11.81 -3.60
CA LYS F 93 -1.59 12.49 -2.52
C LYS F 93 -2.92 12.95 -3.12
N GLU F 94 -4.03 12.56 -2.50
CA GLU F 94 -5.34 12.91 -3.05
C GLU F 94 -6.18 13.92 -2.29
N VAL F 95 -6.72 14.86 -3.05
CA VAL F 95 -7.54 15.94 -2.52
C VAL F 95 -8.57 15.58 -1.44
N ASP F 96 -9.08 14.35 -1.45
CA ASP F 96 -10.06 13.93 -0.44
C ASP F 96 -9.48 14.24 0.93
N SER F 97 -8.18 14.09 1.03
CA SER F 97 -7.44 14.36 2.25
C SER F 97 -7.83 15.70 2.83
N ILE F 98 -7.98 16.69 1.97
CA ILE F 98 -8.33 18.02 2.44
C ILE F 98 -9.53 17.97 3.35
N ILE F 99 -10.68 17.59 2.80
CA ILE F 99 -11.87 17.54 3.64
C ILE F 99 -11.62 16.56 4.79
N ARG F 100 -11.00 15.43 4.45
CA ARG F 100 -10.66 14.42 5.43
C ARG F 100 -10.01 15.11 6.63
N ASP F 101 -8.98 15.91 6.33
CA ASP F 101 -8.27 16.65 7.37
C ASP F 101 -9.20 17.62 8.06
N LEU F 102 -9.93 18.40 7.26
CA LEU F 102 -10.84 19.39 7.79
C LEU F 102 -11.70 18.82 8.91
N THR F 103 -12.30 17.66 8.70
CA THR F 103 -13.16 17.07 9.73
C THR F 103 -12.36 16.85 11.01
N ASP F 104 -11.24 16.15 10.90
CA ASP F 104 -10.40 15.90 12.05
C ASP F 104 -10.31 17.21 12.80
N ALA F 105 -9.87 18.24 12.09
CA ALA F 105 -9.72 19.57 12.65
C ALA F 105 -10.95 19.92 13.46
N ALA F 106 -12.11 19.63 12.90
CA ALA F 106 -13.38 19.92 13.56
C ALA F 106 -13.56 19.11 14.83
N VAL F 107 -13.31 17.81 14.75
CA VAL F 107 -13.47 16.94 15.92
C VAL F 107 -12.56 17.41 17.05
N LYS F 108 -11.45 18.04 16.71
CA LYS F 108 -10.54 18.56 17.71
C LYS F 108 -11.10 19.89 18.19
N MET F 109 -11.82 20.58 17.30
CA MET F 109 -12.45 21.84 17.66
C MET F 109 -13.47 21.49 18.73
N VAL F 110 -14.49 20.75 18.30
CA VAL F 110 -15.58 20.34 19.16
C VAL F 110 -15.11 19.63 20.43
N ARG F 111 -14.02 18.88 20.35
CA ARG F 111 -13.49 18.17 21.50
C ARG F 111 -13.12 19.15 22.63
N VAL F 112 -11.97 19.83 22.53
CA VAL F 112 -11.59 20.77 23.58
C VAL F 112 -12.73 21.76 23.83
N GLN F 113 -13.67 21.79 22.92
CA GLN F 113 -14.81 22.67 23.01
C GLN F 113 -15.80 22.09 24.01
N ALA F 114 -15.97 20.78 23.97
CA ALA F 114 -16.89 20.09 24.87
C ALA F 114 -16.37 20.08 26.30
N ILE F 115 -15.16 19.59 26.49
CA ILE F 115 -14.56 19.53 27.82
C ILE F 115 -14.86 20.77 28.65
N GLU F 116 -14.11 21.86 28.44
CA GLU F 116 -14.34 23.07 29.22
C GLU F 116 -15.80 23.51 29.22
N LYS F 117 -16.64 22.85 28.43
CA LYS F 117 -18.06 23.20 28.38
C LYS F 117 -18.79 22.58 29.56
N ASN F 118 -18.65 21.26 29.71
CA ASN F 118 -19.31 20.55 30.79
C ASN F 118 -18.26 19.92 31.71
N ARG F 119 -17.23 20.70 32.02
CA ARG F 119 -16.15 20.23 32.89
C ARG F 119 -16.71 20.10 34.30
N TYR F 120 -17.59 21.02 34.66
CA TYR F 120 -18.21 21.03 35.98
C TYR F 120 -18.99 19.73 36.15
N ARG F 121 -19.84 19.43 35.17
CA ARG F 121 -20.66 18.22 35.18
C ARG F 121 -19.84 16.98 35.52
N ALA F 122 -18.68 16.84 34.88
CA ALA F 122 -17.80 15.70 35.12
C ALA F 122 -17.38 15.61 36.58
N GLU F 123 -16.70 16.66 37.05
CA GLU F 123 -16.24 16.73 38.44
C GLU F 123 -17.39 16.38 39.38
N GLU F 124 -18.58 16.88 39.06
CA GLU F 124 -19.76 16.63 39.87
C GLU F 124 -20.05 15.14 39.91
N LEU F 125 -20.12 14.51 38.75
CA LEU F 125 -20.38 13.07 38.69
C LEU F 125 -19.25 12.31 39.36
N ALA F 126 -18.07 12.94 39.41
CA ALA F 126 -16.90 12.32 40.02
C ALA F 126 -17.08 12.26 41.54
N GLU F 127 -17.07 13.43 42.18
CA GLU F 127 -17.23 13.51 43.63
C GLU F 127 -18.56 12.92 44.06
N GLU F 128 -19.51 12.83 43.13
CA GLU F 128 -20.82 12.27 43.44
C GLU F 128 -20.68 10.76 43.58
N ARG F 129 -19.54 10.23 43.14
CA ARG F 129 -19.29 8.80 43.20
C ARG F 129 -18.25 8.48 44.27
N ILE F 130 -17.61 9.51 44.80
CA ILE F 130 -16.59 9.34 45.84
C ILE F 130 -17.28 9.36 47.20
N LEU F 131 -18.49 9.92 47.25
CA LEU F 131 -19.25 10.00 48.48
C LEU F 131 -19.97 8.67 48.73
N ASP F 132 -20.17 7.91 47.66
CA ASP F 132 -20.83 6.62 47.75
C ASP F 132 -19.98 5.63 48.53
N VAL F 133 -18.66 5.71 48.34
CA VAL F 133 -17.73 4.82 49.04
C VAL F 133 -17.52 5.33 50.46
N LEU F 134 -17.60 6.65 50.64
CA LEU F 134 -17.44 7.24 51.96
C LEU F 134 -18.65 6.87 52.81
N ILE F 135 -19.83 7.12 52.28
CA ILE F 135 -21.07 6.82 52.98
C ILE F 135 -21.90 5.84 52.16
N PRO F 136 -21.55 4.53 52.20
CA PRO F 136 -22.27 3.50 51.46
C PRO F 136 -23.79 3.67 51.52
N PRO F 137 -24.40 4.23 50.47
CA PRO F 137 -25.85 4.45 50.41
C PRO F 137 -26.65 3.17 50.61
N ALA F 138 -27.74 3.28 51.35
CA ALA F 138 -28.60 2.13 51.60
C ALA F 138 -29.59 2.02 50.44
N LYS F 139 -29.46 0.94 49.67
CA LYS F 139 -30.32 0.72 48.51
C LYS F 139 -31.76 1.17 48.72
N ASN F 140 -32.38 1.64 47.64
CA ASN F 140 -33.76 2.11 47.67
C ASN F 140 -33.91 3.38 48.51
N ASN F 141 -34.60 4.37 47.95
CA ASN F 141 -34.84 5.63 48.64
C ASN F 141 -35.89 6.46 47.91
N TRP F 142 -35.80 7.79 48.04
CA TRP F 142 -36.74 8.69 47.39
C TRP F 142 -38.18 8.36 47.77
N GLY F 143 -39.13 9.05 47.14
CA GLY F 143 -40.53 8.81 47.42
C GLY F 143 -41.28 10.02 47.92
N GLN F 144 -40.60 10.88 48.69
CA GLN F 144 -41.24 12.07 49.22
C GLN F 144 -40.60 13.36 48.70
N THR F 145 -40.89 14.46 49.38
CA THR F 145 -40.36 15.77 48.99
C THR F 145 -39.16 16.16 49.85
N GLU F 146 -38.39 15.17 50.27
CA GLU F 146 -37.23 15.40 51.11
C GLU F 146 -35.93 15.45 50.30
N GLN F 147 -35.98 16.12 49.16
CA GLN F 147 -34.80 16.23 48.29
C GLN F 147 -33.67 17.02 48.92
N GLN F 148 -34.03 17.92 49.84
CA GLN F 148 -33.05 18.76 50.52
C GLN F 148 -32.40 18.05 51.70
N GLN F 149 -33.21 17.27 52.43
CA GLN F 149 -32.72 16.54 53.59
C GLN F 149 -32.42 15.09 53.22
N GLU F 150 -32.46 14.79 51.93
CA GLU F 150 -32.19 13.44 51.44
C GLU F 150 -30.70 13.11 51.43
N PRO F 151 -29.87 14.00 50.88
CA PRO F 151 -28.42 13.75 50.85
C PRO F 151 -27.84 13.44 52.22
N SER F 152 -28.66 13.65 53.25
CA SER F 152 -28.27 13.40 54.64
C SER F 152 -27.04 14.19 55.06
N ALA F 153 -27.03 14.64 56.31
CA ALA F 153 -25.91 15.41 56.84
C ALA F 153 -24.60 14.65 56.66
N ALA F 154 -24.70 13.33 56.50
CA ALA F 154 -23.53 12.49 56.31
C ALA F 154 -22.82 12.84 55.00
N ARG F 155 -23.50 12.59 53.88
CA ARG F 155 -22.96 12.87 52.56
C ARG F 155 -22.62 14.36 52.44
N GLN F 156 -23.47 15.21 53.01
CA GLN F 156 -23.24 16.65 52.97
C GLN F 156 -21.98 17.02 53.74
N ALA F 157 -21.71 16.27 54.81
CA ALA F 157 -20.53 16.52 55.63
C ALA F 157 -19.27 16.26 54.82
N PHE F 158 -19.11 15.02 54.36
CA PHE F 158 -17.97 14.64 53.56
C PHE F 158 -17.90 15.49 52.30
N ARG F 159 -19.06 15.95 51.85
CA ARG F 159 -19.15 16.79 50.67
C ARG F 159 -18.25 18.00 50.83
N LYS F 160 -18.49 18.75 51.91
CA LYS F 160 -17.72 19.95 52.21
C LYS F 160 -16.26 19.61 52.50
N LYS F 161 -16.04 18.55 53.25
CA LYS F 161 -14.68 18.12 53.59
C LYS F 161 -13.92 17.79 52.32
N LEU F 162 -14.57 17.04 51.44
CA LEU F 162 -13.98 16.63 50.17
C LEU F 162 -13.50 17.81 49.34
N ARG F 163 -14.44 18.58 48.81
CA ARG F 163 -14.13 19.73 47.99
C ARG F 163 -13.37 20.82 48.74
N GLU F 164 -13.61 20.92 50.04
CA GLU F 164 -12.94 21.93 50.86
C GLU F 164 -12.35 21.35 52.13
N GLY F 165 -11.30 20.53 52.00
CA GLY F 165 -10.68 19.96 53.18
C GLY F 165 -9.78 18.76 52.98
N GLN F 166 -9.64 17.97 54.04
CA GLN F 166 -8.79 16.78 54.04
C GLN F 166 -9.30 15.66 53.15
N LEU F 167 -9.36 14.45 53.71
CA LEU F 167 -9.82 13.27 52.98
C LEU F 167 -8.83 12.98 51.86
N ASP F 168 -7.97 11.98 52.06
CA ASP F 168 -6.98 11.65 51.05
C ASP F 168 -6.56 10.17 51.08
N ASP F 169 -7.48 9.30 51.48
CA ASP F 169 -7.21 7.86 51.54
C ASP F 169 -8.50 7.07 51.36
N LYS F 170 -8.52 6.18 50.37
CA LYS F 170 -9.71 5.37 50.09
C LYS F 170 -9.51 4.47 48.88
N GLU F 171 -10.39 3.47 48.74
CA GLU F 171 -10.33 2.56 47.59
C GLU F 171 -11.64 2.64 46.81
N ILE F 172 -11.53 2.89 45.51
CA ILE F 172 -12.71 2.99 44.66
C ILE F 172 -12.73 1.84 43.65
N GLU F 173 -13.92 1.52 43.15
CA GLU F 173 -14.07 0.43 42.19
C GLU F 173 -14.14 0.93 40.75
N ILE F 174 -13.44 0.22 39.86
CA ILE F 174 -13.43 0.56 38.44
C ILE F 174 -13.34 -0.76 37.66
N ASP F 175 -12.23 -0.94 36.95
CA ASP F 175 -11.98 -2.15 36.18
C ASP F 175 -10.65 -2.01 35.43
N ALA F 212 -12.35 -2.19 41.58
CA ALA F 212 -12.06 -2.21 43.04
C ALA F 212 -10.55 -2.21 43.29
N ARG F 213 -10.04 -1.10 43.81
CA ARG F 213 -8.61 -0.97 44.09
C ARG F 213 -8.35 0.23 44.98
N LYS F 214 -7.45 0.08 45.95
CA LYS F 214 -7.12 1.15 46.87
C LYS F 214 -6.45 2.29 46.10
N LEU F 215 -6.70 3.52 46.54
CA LEU F 215 -6.13 4.70 45.88
C LEU F 215 -5.95 5.85 46.86
N LYS F 216 -6.43 7.03 46.47
CA LYS F 216 -6.33 8.23 47.28
C LYS F 216 -7.07 9.38 46.61
N ILE F 217 -8.12 9.88 47.26
CA ILE F 217 -8.94 10.96 46.74
C ILE F 217 -8.21 11.99 45.89
N LYS F 218 -7.19 12.62 46.47
CA LYS F 218 -6.39 13.63 45.77
C LYS F 218 -6.14 13.18 44.33
N ASP F 219 -5.94 11.88 44.16
CA ASP F 219 -5.70 11.30 42.83
C ASP F 219 -6.95 10.60 42.32
N ALA F 220 -7.57 9.81 43.20
CA ALA F 220 -8.78 9.08 42.86
C ALA F 220 -9.81 10.04 42.26
N MET F 221 -9.54 11.33 42.42
CA MET F 221 -10.41 12.39 41.92
C MET F 221 -10.11 12.58 40.43
N LYS F 222 -8.88 12.94 40.14
CA LYS F 222 -8.44 13.16 38.76
C LYS F 222 -8.63 11.93 37.89
N LEU F 223 -8.60 10.76 38.49
CA LEU F 223 -8.78 9.53 37.74
C LEU F 223 -10.23 9.43 37.31
N LEU F 224 -11.14 9.69 38.25
CA LEU F 224 -12.58 9.64 37.96
C LEU F 224 -13.02 10.72 36.99
N ILE F 225 -12.44 11.91 37.11
CA ILE F 225 -12.81 13.02 36.24
C ILE F 225 -12.72 12.63 34.76
N GLU F 226 -11.52 12.25 34.31
CA GLU F 226 -11.36 11.87 32.91
C GLU F 226 -12.31 10.73 32.57
N GLU F 227 -12.13 9.61 33.26
CA GLU F 227 -12.97 8.44 33.06
C GLU F 227 -14.44 8.86 32.95
N GLU F 228 -14.80 9.92 33.66
CA GLU F 228 -16.17 10.46 33.63
C GLU F 228 -16.38 11.35 32.43
N ALA F 229 -15.38 12.20 32.15
CA ALA F 229 -15.45 13.10 31.01
C ALA F 229 -15.76 12.30 29.75
N ALA F 230 -15.41 11.03 29.77
CA ALA F 230 -15.64 10.13 28.63
C ALA F 230 -17.13 9.95 28.36
N LYS F 231 -17.89 9.62 29.39
CA LYS F 231 -19.33 9.43 29.24
C LYS F 231 -19.93 10.67 28.57
N LEU F 232 -19.55 11.84 29.06
CA LEU F 232 -20.04 13.10 28.52
C LEU F 232 -19.60 13.31 27.08
N VAL F 233 -18.29 13.31 26.86
CA VAL F 233 -17.76 13.50 25.51
C VAL F 233 -18.65 12.73 24.56
N ASN F 234 -19.57 13.46 23.98
CA ASN F 234 -20.52 12.91 23.03
C ASN F 234 -19.91 11.84 22.19
N PRO F 235 -20.13 10.58 22.57
CA PRO F 235 -19.56 9.53 21.75
C PRO F 235 -20.04 9.79 20.33
N GLU F 236 -21.20 9.24 19.99
CA GLU F 236 -21.74 9.44 18.65
C GLU F 236 -22.42 10.80 18.52
N GLU F 237 -22.57 11.50 19.65
CA GLU F 237 -23.20 12.82 19.63
C GLU F 237 -22.15 13.85 19.26
N LEU F 238 -21.12 13.40 18.55
CA LEU F 238 -20.04 14.28 18.11
C LEU F 238 -20.16 14.51 16.61
N LYS F 239 -20.91 13.62 15.96
CA LYS F 239 -21.18 13.66 14.54
C LYS F 239 -21.88 14.97 14.15
N GLN F 240 -23.16 15.11 14.53
CA GLN F 240 -23.92 16.32 14.22
C GLN F 240 -23.33 17.54 14.93
N ASP F 241 -22.01 17.60 14.95
CA ASP F 241 -21.30 18.69 15.56
C ASP F 241 -20.07 18.95 14.70
N ALA F 242 -19.31 17.88 14.45
CA ALA F 242 -18.13 17.99 13.61
C ALA F 242 -18.57 18.04 12.15
N ILE F 243 -19.27 17.01 11.68
CA ILE F 243 -19.72 17.00 10.28
C ILE F 243 -20.56 18.23 10.05
N ASP F 244 -21.30 18.67 11.07
CA ASP F 244 -22.12 19.85 10.92
C ASP F 244 -21.21 21.07 10.89
N ALA F 245 -20.31 21.17 11.87
CA ALA F 245 -19.39 22.30 11.89
C ALA F 245 -18.72 22.37 10.54
N VAL F 246 -18.08 21.28 10.14
CA VAL F 246 -17.41 21.24 8.84
C VAL F 246 -18.31 21.72 7.70
N GLU F 247 -19.36 20.95 7.43
CA GLU F 247 -20.32 21.23 6.37
C GLU F 247 -21.01 22.58 6.36
N GLN F 248 -21.05 23.24 7.53
CA GLN F 248 -21.72 24.53 7.65
C GLN F 248 -20.83 25.72 7.94
N HIS F 249 -19.63 25.48 8.47
CA HIS F 249 -18.74 26.58 8.81
C HIS F 249 -17.30 26.41 8.38
N GLY F 250 -16.93 25.22 7.90
CA GLY F 250 -15.57 24.99 7.45
C GLY F 250 -14.98 26.05 6.52
N ILE F 251 -13.67 26.24 6.64
CA ILE F 251 -12.93 27.18 5.82
C ILE F 251 -11.64 26.47 5.36
N VAL F 252 -11.36 26.53 4.06
CA VAL F 252 -10.18 25.89 3.51
C VAL F 252 -9.33 26.97 2.89
N PHE F 253 -8.03 26.96 3.18
CA PHE F 253 -7.17 27.96 2.58
C PHE F 253 -6.28 27.22 1.59
N ILE F 254 -6.56 27.40 0.30
CA ILE F 254 -5.76 26.75 -0.73
C ILE F 254 -4.62 27.67 -1.16
N ASP F 255 -3.44 27.38 -0.65
CA ASP F 255 -2.23 28.15 -0.91
C ASP F 255 -1.60 27.90 -2.28
N GLU F 256 -0.95 28.95 -2.79
CA GLU F 256 -0.30 28.91 -4.08
C GLU F 256 -1.00 28.09 -5.14
N ILE F 257 -2.22 28.49 -5.43
CA ILE F 257 -3.03 27.81 -6.43
C ILE F 257 -2.53 28.29 -7.78
N ASP F 258 -1.61 29.26 -7.77
CA ASP F 258 -1.06 29.77 -9.00
C ASP F 258 0.05 28.86 -9.47
N LYS F 259 0.52 28.00 -8.57
CA LYS F 259 1.58 27.06 -8.91
C LYS F 259 1.01 25.92 -9.73
N ILE F 260 -0.32 25.88 -9.84
CA ILE F 260 -0.97 24.81 -10.61
C ILE F 260 -1.73 25.34 -11.81
N CYS F 261 -1.24 26.43 -12.42
CA CYS F 261 -1.90 27.01 -13.57
C CYS F 261 -1.22 26.76 -14.91
N LYS F 262 -2.02 26.80 -15.98
CA LYS F 262 -1.57 26.58 -17.35
C LYS F 262 -0.11 26.17 -17.61
N ARG F 263 0.79 27.15 -17.56
CA ARG F 263 2.22 26.93 -17.81
C ARG F 263 2.53 26.73 -19.30
N GLY F 264 3.75 27.07 -19.69
CA GLY F 264 4.17 26.94 -21.07
C GLY F 264 4.41 25.50 -21.48
N GLU F 265 3.42 24.92 -22.17
CA GLU F 265 3.51 23.54 -22.64
C GLU F 265 2.35 23.24 -23.58
N SER F 266 1.26 22.72 -23.02
CA SER F 266 0.06 22.38 -23.77
C SER F 266 -1.04 21.95 -22.80
N SER F 267 -2.29 22.29 -23.14
CA SER F 267 -3.44 21.92 -22.32
C SER F 267 -3.76 20.45 -22.56
N GLY F 268 -2.83 19.58 -22.17
CA GLY F 268 -2.99 18.14 -22.34
C GLY F 268 -1.89 17.40 -21.62
N PRO F 269 -0.61 17.77 -21.85
CA PRO F 269 0.55 17.14 -21.22
C PRO F 269 0.88 17.71 -19.82
N ASP F 270 1.04 19.03 -19.76
CA ASP F 270 1.34 19.71 -18.51
C ASP F 270 0.14 19.71 -17.56
N VAL F 271 -0.81 18.81 -17.82
CA VAL F 271 -2.00 18.70 -16.99
C VAL F 271 -1.64 18.10 -15.64
N SER F 272 -0.37 17.77 -15.48
CA SER F 272 0.10 17.21 -14.21
C SER F 272 -0.35 18.17 -13.12
N ARG F 273 -0.65 19.41 -13.53
CA ARG F 273 -1.11 20.46 -12.64
C ARG F 273 -2.53 20.90 -12.99
N GLU F 274 -2.80 21.18 -14.26
CA GLU F 274 -4.15 21.60 -14.62
C GLU F 274 -5.14 20.53 -14.17
N GLY F 275 -4.65 19.30 -14.04
CA GLY F 275 -5.50 18.23 -13.59
C GLY F 275 -5.72 18.40 -12.10
N VAL F 276 -4.82 19.11 -11.43
CA VAL F 276 -4.97 19.33 -9.98
C VAL F 276 -6.15 20.29 -9.76
N GLN F 277 -6.37 21.16 -10.74
CA GLN F 277 -7.50 22.09 -10.66
C GLN F 277 -8.74 21.22 -10.90
N ARG F 278 -8.68 20.36 -11.91
CA ARG F 278 -9.79 19.48 -12.19
C ARG F 278 -10.14 18.57 -11.01
N ASP F 279 -9.28 18.53 -9.98
CA ASP F 279 -9.56 17.67 -8.82
C ASP F 279 -10.15 18.44 -7.64
N LEU F 280 -10.05 19.77 -7.68
CA LEU F 280 -10.57 20.56 -6.59
C LEU F 280 -12.00 20.93 -6.87
N LEU F 281 -12.36 21.04 -8.15
CA LEU F 281 -13.73 21.36 -8.56
C LEU F 281 -14.75 20.70 -7.66
N PRO F 282 -14.76 19.35 -7.60
CA PRO F 282 -15.68 18.59 -6.75
C PRO F 282 -15.84 19.28 -5.40
N LEU F 283 -14.73 19.50 -4.74
CA LEU F 283 -14.71 20.15 -3.45
C LEU F 283 -15.30 21.55 -3.53
N VAL F 284 -14.84 22.31 -4.52
CA VAL F 284 -15.28 23.68 -4.73
C VAL F 284 -16.71 23.84 -5.23
N GLU F 285 -17.18 22.93 -6.06
CA GLU F 285 -18.54 22.98 -6.56
C GLU F 285 -19.43 21.95 -5.87
N GLY F 286 -19.04 21.53 -4.68
CA GLY F 286 -19.84 20.58 -3.93
C GLY F 286 -19.94 19.16 -4.42
N CYS F 287 -19.39 18.26 -3.61
CA CYS F 287 -19.40 16.84 -3.88
C CYS F 287 -19.57 16.24 -2.50
N THR F 288 -18.86 15.16 -2.21
CA THR F 288 -18.94 14.52 -0.91
C THR F 288 -17.56 13.97 -0.58
N VAL F 289 -17.52 12.98 0.30
CA VAL F 289 -16.25 12.39 0.68
C VAL F 289 -16.49 11.69 2.01
N SER F 290 -15.99 10.47 2.12
CA SER F 290 -16.18 9.73 3.36
C SER F 290 -14.97 9.95 4.25
N THR F 291 -15.23 10.08 5.55
CA THR F 291 -14.17 10.29 6.54
C THR F 291 -14.41 9.33 7.71
N LYS F 292 -13.38 9.10 8.52
CA LYS F 292 -13.51 8.22 9.69
C LYS F 292 -14.28 8.99 10.76
N HIS F 293 -15.34 9.65 10.33
CA HIS F 293 -16.18 10.43 11.22
C HIS F 293 -17.52 10.52 10.52
N GLY F 294 -17.63 9.78 9.42
CA GLY F 294 -18.87 9.77 8.66
C GLY F 294 -18.72 10.40 7.30
N MET F 295 -19.85 10.87 6.76
CA MET F 295 -19.89 11.51 5.44
C MET F 295 -19.94 13.03 5.58
N VAL F 296 -19.20 13.73 4.72
CA VAL F 296 -19.17 15.18 4.73
C VAL F 296 -19.60 15.72 3.35
N LYS F 297 -20.49 16.71 3.33
CA LYS F 297 -20.99 17.27 2.07
C LYS F 297 -19.99 18.08 1.27
N THR F 298 -19.60 19.24 1.80
CA THR F 298 -18.64 20.12 1.12
C THR F 298 -19.38 21.13 0.22
N ASP F 299 -20.63 20.80 -0.11
CA ASP F 299 -21.47 21.65 -0.96
C ASP F 299 -21.30 23.15 -0.74
N HIS F 300 -21.21 23.57 0.52
CA HIS F 300 -21.00 24.99 0.81
C HIS F 300 -20.07 25.26 1.99
N ILE F 301 -18.77 25.11 1.70
CA ILE F 301 -17.66 25.33 2.62
C ILE F 301 -16.97 26.55 2.02
N LEU F 302 -16.47 27.46 2.86
CA LEU F 302 -15.80 28.63 2.32
C LEU F 302 -14.35 28.31 1.97
N PHE F 303 -14.00 28.50 0.69
CA PHE F 303 -12.66 28.26 0.22
C PHE F 303 -12.03 29.61 -0.02
N ILE F 304 -10.77 29.75 0.40
CA ILE F 304 -10.02 30.99 0.18
C ILE F 304 -8.69 30.56 -0.41
N ALA F 305 -8.58 30.59 -1.74
CA ALA F 305 -7.35 30.23 -2.39
C ALA F 305 -6.51 31.50 -2.54
N SER F 306 -5.21 31.35 -2.71
CA SER F 306 -4.38 32.53 -2.88
C SER F 306 -3.21 32.26 -3.79
N GLY F 307 -2.57 33.33 -4.20
CA GLY F 307 -1.42 33.21 -5.06
C GLY F 307 -0.80 34.57 -5.23
N ALA F 308 0.42 34.61 -5.75
CA ALA F 308 1.10 35.86 -5.99
C ALA F 308 0.78 36.21 -7.42
N PHE F 309 0.54 35.17 -8.21
CA PHE F 309 0.20 35.34 -9.61
C PHE F 309 1.12 36.29 -10.35
N GLN F 310 2.43 36.15 -10.11
CA GLN F 310 3.41 37.00 -10.77
C GLN F 310 3.89 36.35 -12.06
N ILE F 311 3.43 35.13 -12.31
CA ILE F 311 3.76 34.40 -13.54
C ILE F 311 2.44 34.18 -14.27
N ALA F 312 1.55 33.40 -13.65
CA ALA F 312 0.25 33.11 -14.22
C ALA F 312 -0.79 34.07 -13.64
N LYS F 313 -1.88 34.26 -14.37
CA LYS F 313 -2.93 35.15 -13.92
C LYS F 313 -4.18 34.33 -13.63
N PRO F 314 -5.01 34.77 -12.65
CA PRO F 314 -6.24 34.07 -12.29
C PRO F 314 -7.01 33.63 -13.53
N SER F 315 -6.79 34.33 -14.64
CA SER F 315 -7.46 34.04 -15.89
C SER F 315 -7.05 32.69 -16.43
N ASP F 316 -5.91 32.21 -15.95
CA ASP F 316 -5.39 30.92 -16.39
C ASP F 316 -5.96 29.75 -15.60
N LEU F 317 -6.70 30.03 -14.53
CA LEU F 317 -7.27 28.93 -13.79
C LEU F 317 -8.28 28.37 -14.75
N ILE F 318 -8.60 27.08 -14.63
CA ILE F 318 -9.61 26.50 -15.51
C ILE F 318 -10.95 27.24 -15.27
N PRO F 319 -11.78 27.39 -16.32
CA PRO F 319 -13.07 28.08 -16.18
C PRO F 319 -13.93 27.74 -14.97
N GLU F 320 -14.03 26.45 -14.61
CA GLU F 320 -14.83 26.05 -13.47
C GLU F 320 -14.38 26.76 -12.20
N LEU F 321 -13.08 26.75 -11.93
CA LEU F 321 -12.58 27.43 -10.73
C LEU F 321 -12.88 28.93 -10.80
N GLN F 322 -12.52 29.58 -11.90
CA GLN F 322 -12.78 31.01 -12.02
C GLN F 322 -14.20 31.27 -11.61
N GLY F 323 -15.10 30.47 -12.17
CA GLY F 323 -16.51 30.62 -11.87
C GLY F 323 -16.77 30.52 -10.38
N ARG F 324 -16.15 29.52 -9.75
CA ARG F 324 -16.34 29.29 -8.33
C ARG F 324 -15.52 30.13 -7.37
N LEU F 325 -14.69 31.02 -7.89
CA LEU F 325 -13.91 31.93 -7.03
C LEU F 325 -14.38 33.36 -7.48
N PRO F 326 -15.61 33.75 -7.11
CA PRO F 326 -16.21 35.05 -7.45
C PRO F 326 -15.58 36.29 -6.87
N ILE F 327 -15.22 36.21 -5.60
CA ILE F 327 -14.60 37.35 -4.96
C ILE F 327 -13.10 37.43 -5.21
N ARG F 328 -12.67 38.48 -5.91
CA ARG F 328 -11.26 38.68 -6.23
C ARG F 328 -10.70 39.85 -5.45
N VAL F 329 -9.67 39.61 -4.64
CA VAL F 329 -9.06 40.69 -3.86
C VAL F 329 -7.52 40.65 -3.93
N GLU F 330 -6.91 41.82 -4.13
CA GLU F 330 -5.46 41.98 -4.22
C GLU F 330 -4.93 42.59 -2.93
N LEU F 331 -3.91 41.96 -2.35
CA LEU F 331 -3.32 42.49 -1.12
C LEU F 331 -2.06 43.24 -1.49
N GLN F 332 -1.75 44.29 -0.73
CA GLN F 332 -0.56 45.10 -0.99
C GLN F 332 0.66 44.65 -0.21
N ALA F 333 1.84 44.99 -0.73
CA ALA F 333 3.12 44.66 -0.09
C ALA F 333 3.33 45.55 1.15
N LEU F 334 3.82 44.97 2.24
CA LEU F 334 4.01 45.75 3.47
C LEU F 334 4.96 46.95 3.40
N THR F 335 4.78 47.87 4.36
CA THR F 335 5.60 49.08 4.46
C THR F 335 6.30 49.13 5.81
N THR F 336 7.38 49.90 5.92
CA THR F 336 8.13 49.99 7.19
C THR F 336 7.20 50.19 8.38
N SER F 337 6.23 51.10 8.25
CA SER F 337 5.29 51.33 9.34
C SER F 337 4.62 50.01 9.71
N ASP F 338 4.20 49.27 8.69
CA ASP F 338 3.57 47.97 8.90
C ASP F 338 4.59 47.18 9.70
N PHE F 339 5.80 47.14 9.19
CA PHE F 339 6.87 46.44 9.86
C PHE F 339 7.03 46.95 11.29
N GLU F 340 6.98 48.27 11.45
CA GLU F 340 7.11 48.88 12.76
C GLU F 340 6.00 48.41 13.67
N ARG F 341 4.78 48.37 13.15
CA ARG F 341 3.64 47.96 13.94
C ARG F 341 3.68 46.47 14.23
N ILE F 342 4.10 45.70 13.23
CA ILE F 342 4.20 44.26 13.37
C ILE F 342 5.18 43.93 14.48
N LEU F 343 6.19 44.79 14.64
CA LEU F 343 7.20 44.56 15.66
C LEU F 343 6.69 44.84 17.06
N THR F 344 5.85 45.87 17.20
CA THR F 344 5.33 46.28 18.50
C THR F 344 3.93 45.78 18.90
N GLU F 345 2.91 46.33 18.25
CA GLU F 345 1.50 46.02 18.50
C GLU F 345 1.13 44.60 18.98
N PRO F 346 1.37 43.56 18.17
CA PRO F 346 1.06 42.18 18.55
C PRO F 346 1.28 41.88 20.03
N ASN F 347 0.32 41.21 20.66
CA ASN F 347 0.44 40.90 22.08
C ASN F 347 1.67 40.01 22.33
N ALA F 348 2.15 39.35 21.28
CA ALA F 348 3.32 38.50 21.41
C ALA F 348 4.32 38.74 20.27
N SER F 349 4.62 40.00 20.03
CA SER F 349 5.57 40.38 18.98
C SER F 349 6.96 39.81 19.30
N ILE F 350 7.77 39.59 18.27
CA ILE F 350 9.10 39.05 18.46
C ILE F 350 9.87 39.90 19.47
N THR F 351 9.63 41.21 19.42
CA THR F 351 10.23 42.19 20.30
C THR F 351 9.92 41.86 21.74
N VAL F 352 8.64 41.78 22.06
CA VAL F 352 8.27 41.46 23.42
C VAL F 352 8.90 40.11 23.81
N GLN F 353 8.80 39.13 22.89
CA GLN F 353 9.32 37.82 23.15
C GLN F 353 10.79 37.87 23.54
N TYR F 354 11.56 38.63 22.77
CA TYR F 354 12.99 38.71 23.04
C TYR F 354 13.22 39.31 24.40
N LYS F 355 12.64 40.48 24.67
CA LYS F 355 12.78 41.13 25.97
C LYS F 355 12.50 40.09 27.05
N ALA F 356 11.46 39.31 26.84
CA ALA F 356 11.09 38.28 27.78
C ALA F 356 12.22 37.28 27.97
N LEU F 357 12.67 36.69 26.86
CA LEU F 357 13.73 35.68 26.86
C LEU F 357 14.96 36.10 27.61
N MET F 358 15.39 37.32 27.37
CA MET F 358 16.57 37.85 28.00
C MET F 358 16.37 38.18 29.49
N ALA F 359 15.13 38.52 29.87
CA ALA F 359 14.84 38.80 31.27
C ALA F 359 15.14 37.53 32.06
N THR F 360 15.09 36.41 31.35
CA THR F 360 15.36 35.12 31.95
C THR F 360 16.79 35.10 32.49
N GLU F 361 17.64 35.95 31.91
CA GLU F 361 19.05 36.02 32.29
C GLU F 361 19.36 37.22 33.19
N GLY F 362 18.35 38.03 33.49
CA GLY F 362 18.58 39.19 34.34
C GLY F 362 18.78 40.48 33.58
N VAL F 363 18.92 40.38 32.26
CA VAL F 363 19.12 41.58 31.47
C VAL F 363 17.79 42.26 31.19
N ASN F 364 17.80 43.59 31.15
CA ASN F 364 16.57 44.31 30.85
C ASN F 364 16.69 45.01 29.51
N ILE F 365 16.10 44.40 28.50
CA ILE F 365 16.17 44.96 27.17
C ILE F 365 15.03 45.92 26.97
N GLU F 366 15.23 46.89 26.08
CA GLU F 366 14.21 47.90 25.80
C GLU F 366 14.31 48.42 24.37
N PHE F 367 13.35 48.10 23.52
CA PHE F 367 13.43 48.62 22.17
C PHE F 367 12.79 50.01 22.17
N THR F 368 13.50 50.98 21.61
CA THR F 368 13.02 52.35 21.54
C THR F 368 12.50 52.60 20.14
N ASP F 369 11.51 53.49 20.04
CA ASP F 369 10.89 53.84 18.78
C ASP F 369 11.92 53.90 17.67
N SER F 370 12.95 54.72 17.88
CA SER F 370 13.98 54.84 16.86
C SER F 370 14.55 53.48 16.57
N GLY F 371 14.72 52.68 17.61
CA GLY F 371 15.28 51.36 17.42
C GLY F 371 14.43 50.51 16.51
N ILE F 372 13.16 50.40 16.87
CA ILE F 372 12.21 49.61 16.10
C ILE F 372 12.12 50.18 14.71
N LYS F 373 11.92 51.48 14.62
CA LYS F 373 11.84 52.07 13.29
C LYS F 373 13.02 51.62 12.47
N ARG F 374 14.16 51.47 13.12
CA ARG F 374 15.39 51.09 12.45
C ARG F 374 15.43 49.66 11.96
N ILE F 375 14.83 48.77 12.75
CA ILE F 375 14.76 47.35 12.42
C ILE F 375 13.80 47.22 11.25
N ALA F 376 12.80 48.07 11.25
CA ALA F 376 11.79 48.11 10.21
C ALA F 376 12.46 48.52 8.89
N GLU F 377 13.22 49.59 8.93
CA GLU F 377 13.89 50.07 7.74
C GLU F 377 14.90 49.07 7.27
N ALA F 378 15.44 48.30 8.21
CA ALA F 378 16.45 47.28 7.90
C ALA F 378 15.80 46.10 7.16
N ALA F 379 14.62 45.68 7.61
CA ALA F 379 13.92 44.60 6.95
C ALA F 379 13.54 45.08 5.56
N TRP F 380 12.87 46.24 5.50
CA TRP F 380 12.47 46.77 4.20
C TRP F 380 13.63 46.80 3.22
N GLN F 381 14.78 47.25 3.70
CA GLN F 381 15.96 47.34 2.86
C GLN F 381 16.30 46.01 2.20
N VAL F 382 16.54 45.00 3.03
CA VAL F 382 16.90 43.67 2.56
C VAL F 382 15.84 43.11 1.61
N ASN F 383 14.58 43.26 1.99
CA ASN F 383 13.50 42.79 1.14
C ASN F 383 13.68 43.49 -0.20
N GLU F 384 13.81 44.81 -0.17
CA GLU F 384 13.99 45.56 -1.39
C GLU F 384 15.22 45.09 -2.16
N SER F 385 16.39 45.29 -1.55
CA SER F 385 17.68 44.89 -2.15
C SER F 385 17.65 43.52 -2.79
N THR F 386 17.77 42.49 -1.97
CA THR F 386 17.79 41.10 -2.43
C THR F 386 16.40 40.62 -2.89
N GLU F 387 15.93 39.52 -2.29
CA GLU F 387 14.61 38.98 -2.60
C GLU F 387 13.69 39.59 -1.57
N ASN F 388 12.42 39.78 -1.91
CA ASN F 388 11.50 40.39 -0.96
C ASN F 388 10.43 39.47 -0.43
N ILE F 389 10.60 39.03 0.79
CA ILE F 389 9.58 38.21 1.40
C ILE F 389 8.60 39.24 1.93
N GLY F 390 8.61 39.43 3.25
CA GLY F 390 7.71 40.40 3.84
C GLY F 390 8.01 40.50 5.31
N ALA F 391 6.95 40.42 6.13
CA ALA F 391 7.11 40.49 7.56
C ALA F 391 8.07 39.41 7.97
N ARG F 392 8.10 38.35 7.17
CA ARG F 392 8.97 37.21 7.44
C ARG F 392 10.36 37.67 7.84
N ARG F 393 10.91 38.56 7.02
CA ARG F 393 12.25 39.09 7.22
C ARG F 393 12.52 39.64 8.61
N LEU F 394 11.50 39.84 9.41
CA LEU F 394 11.76 40.38 10.73
C LEU F 394 12.52 39.45 11.66
N HIS F 395 12.34 38.15 11.49
CA HIS F 395 12.99 37.14 12.35
C HIS F 395 14.50 37.14 12.38
N THR F 396 15.12 36.97 11.22
CA THR F 396 16.55 36.92 11.14
C THR F 396 17.20 38.23 11.49
N VAL F 397 16.66 39.33 10.99
CA VAL F 397 17.22 40.62 11.28
C VAL F 397 17.28 40.85 12.79
N LEU F 398 16.14 40.73 13.46
CA LEU F 398 16.11 40.92 14.90
C LEU F 398 17.06 40.00 15.63
N GLU F 399 17.05 38.72 15.26
CA GLU F 399 17.92 37.73 15.90
C GLU F 399 19.41 37.96 15.60
N ARG F 400 19.69 38.57 14.46
CA ARG F 400 21.04 38.92 14.03
C ARG F 400 21.52 40.11 14.85
N LEU F 401 20.67 41.13 14.93
CA LEU F 401 20.99 42.34 15.66
C LEU F 401 21.21 42.11 17.13
N MET F 402 20.60 41.05 17.66
CA MET F 402 20.72 40.74 19.09
C MET F 402 21.75 39.65 19.38
N GLU F 403 22.41 39.16 18.35
CA GLU F 403 23.39 38.09 18.51
C GLU F 403 24.25 38.25 19.77
N GLU F 404 25.00 39.34 19.87
CA GLU F 404 25.87 39.55 21.02
C GLU F 404 25.18 39.59 22.36
N ILE F 405 24.08 40.33 22.48
CA ILE F 405 23.37 40.35 23.75
C ILE F 405 22.93 38.93 24.05
N SER F 406 22.42 38.25 23.03
CA SER F 406 21.93 36.88 23.13
C SER F 406 23.01 35.94 23.67
N TYR F 407 24.23 36.10 23.15
CA TYR F 407 25.34 35.28 23.58
C TYR F 407 25.85 35.71 24.96
N ASP F 408 25.93 37.02 25.20
CA ASP F 408 26.43 37.52 26.47
C ASP F 408 25.40 37.69 27.59
N ALA F 409 24.11 37.60 27.26
CA ALA F 409 23.04 37.78 28.24
C ALA F 409 23.40 37.39 29.68
N SER F 410 23.95 36.19 29.85
CA SER F 410 24.36 35.69 31.16
C SER F 410 25.21 36.69 31.95
N ASP F 411 26.26 37.21 31.31
CA ASP F 411 27.15 38.16 31.97
C ASP F 411 26.53 39.54 32.10
N LEU F 412 25.50 39.84 31.32
CA LEU F 412 24.84 41.15 31.37
C LEU F 412 23.80 41.22 32.48
N SER F 413 23.80 40.24 33.38
CA SER F 413 22.83 40.24 34.46
C SER F 413 22.81 41.58 35.18
N GLY F 414 21.63 41.98 35.63
CA GLY F 414 21.48 43.24 36.35
C GLY F 414 21.61 44.53 35.55
N GLN F 415 21.95 44.44 34.27
CA GLN F 415 22.11 45.65 33.45
C GLN F 415 20.87 45.96 32.64
N ASN F 416 20.80 47.18 32.12
CA ASN F 416 19.68 47.62 31.30
C ASN F 416 20.10 48.07 29.91
N ILE F 417 20.12 47.14 28.95
CA ILE F 417 20.51 47.45 27.58
C ILE F 417 19.33 48.04 26.80
N THR F 418 19.60 49.08 26.01
CA THR F 418 18.55 49.71 25.23
C THR F 418 18.91 49.79 23.76
N ILE F 419 18.14 49.09 22.94
CA ILE F 419 18.37 49.06 21.51
C ILE F 419 17.75 50.29 20.92
N ASP F 420 18.55 51.32 20.67
CA ASP F 420 18.05 52.54 20.08
C ASP F 420 18.45 52.55 18.61
N ALA F 421 18.13 53.64 17.93
CA ALA F 421 18.45 53.74 16.52
C ALA F 421 19.94 53.52 16.33
N ASP F 422 20.74 54.14 17.20
CA ASP F 422 22.20 54.03 17.16
C ASP F 422 22.60 52.56 17.06
N TYR F 423 22.32 51.85 18.14
CA TYR F 423 22.62 50.44 18.26
C TYR F 423 22.40 49.68 16.95
N VAL F 424 21.16 49.72 16.47
CA VAL F 424 20.79 49.00 15.26
C VAL F 424 21.67 49.26 14.04
N SER F 425 21.85 50.53 13.71
CA SER F 425 22.66 50.89 12.55
C SER F 425 24.09 50.45 12.69
N LYS F 426 24.58 50.39 13.91
CA LYS F 426 25.95 49.96 14.12
C LYS F 426 25.91 48.50 14.53
N HIS F 427 25.35 47.68 13.67
CA HIS F 427 25.19 46.27 13.90
C HIS F 427 24.60 45.71 12.61
N LEU F 428 23.62 46.44 12.05
CA LEU F 428 22.96 45.99 10.83
C LEU F 428 23.35 46.72 9.54
N ASP F 429 23.95 47.90 9.65
CA ASP F 429 24.30 48.68 8.46
C ASP F 429 25.22 47.93 7.50
N ALA F 430 26.39 47.54 8.00
CA ALA F 430 27.35 46.86 7.16
C ALA F 430 26.75 45.68 6.42
N LEU F 431 25.90 44.91 7.10
CA LEU F 431 25.25 43.74 6.49
C LEU F 431 24.22 44.13 5.44
N VAL F 432 23.25 44.94 5.83
CA VAL F 432 22.22 45.37 4.88
C VAL F 432 22.89 45.93 3.64
N ALA F 433 23.89 46.77 3.87
CA ALA F 433 24.65 47.37 2.79
C ALA F 433 25.21 46.30 1.86
N ASP F 434 25.68 45.21 2.47
CA ASP F 434 26.28 44.10 1.73
C ASP F 434 25.24 43.14 1.16
N GLU F 435 24.72 43.46 -0.02
CA GLU F 435 23.72 42.64 -0.66
C GLU F 435 24.05 41.16 -0.68
N ASP F 436 25.23 40.81 -1.20
CA ASP F 436 25.67 39.43 -1.27
C ASP F 436 25.55 38.70 0.07
N LEU F 437 26.18 39.26 1.10
CA LEU F 437 26.14 38.67 2.42
C LEU F 437 24.71 38.58 2.94
N SER F 438 23.89 39.56 2.55
CA SER F 438 22.51 39.61 2.94
C SER F 438 21.80 38.35 2.55
N ARG F 439 22.09 37.84 1.36
CA ARG F 439 21.43 36.64 0.88
C ARG F 439 21.75 35.41 1.73
N PHE F 440 22.70 35.53 2.64
CA PHE F 440 23.09 34.39 3.47
C PHE F 440 22.70 34.50 4.94
N ILE F 441 23.20 35.55 5.58
CA ILE F 441 22.98 35.74 7.01
C ILE F 441 21.87 36.71 7.47
N LEU F 442 21.02 37.14 6.54
CA LEU F 442 19.91 38.06 6.85
C LEU F 442 18.69 37.76 5.99
#